data_2YZE
#
_entry.id   2YZE
#
_cell.length_a   85.430
_cell.length_b   122.540
_cell.length_c   284.460
_cell.angle_alpha   90.00
_cell.angle_beta   90.00
_cell.angle_gamma   90.00
#
_symmetry.space_group_name_H-M   'P 21 21 21'
#
loop_
_entity.id
_entity.type
_entity.pdbx_description
1 polymer Uricase
2 non-polymer (dihydroxyboranyloxy-hydroxy-boranyl)oxylithium
3 water water
#
_entity_poly.entity_id   1
_entity_poly.type   'polypeptide(L)'
_entity_poly.pdbx_seq_one_letter_code
;MTATAETSTGTKVVLGQNQYGKAEVRLVKVTRNTARHEIQDLNVTSQLRGDFEAAHTAGDNAHVVATDTQKNTVYAFARD
GFATTEEFLLRLGKHFTEGFDWVTGGRWAAQQFFWDRINDHDHAFSRNKSEVRTAVLEISGSEQAIVAGIEGLTVLKSTG
SEFHGFPRDKYTTLQETTDRILATDVSARWRYNTVEVDFDAVYASVRGLLLKAFAETHSLALQQTMYEMGRAVIETHPEI
DEIKMSLPNKHHFLVDLQPFGQDNPNEVFYAADRPYGLIEATIQREGSRADHPIWSNIAGFC
;
_entity_poly.pdbx_strand_id   A,B,C,D,E,F,G,H
#
# COMPACT_ATOMS: atom_id res chain seq x y z
N THR A 11 31.22 49.49 3.13
CA THR A 11 29.91 50.19 3.33
C THR A 11 29.68 50.53 4.80
N LYS A 12 28.73 51.41 5.05
CA LYS A 12 28.40 51.82 6.41
C LYS A 12 27.39 50.88 7.04
N VAL A 13 27.37 50.82 8.37
CA VAL A 13 26.43 49.99 9.10
C VAL A 13 25.29 50.88 9.59
N VAL A 14 24.06 50.44 9.37
CA VAL A 14 22.89 51.22 9.76
C VAL A 14 21.97 50.47 10.72
N LEU A 15 21.35 51.21 11.64
CA LEU A 15 20.41 50.63 12.58
C LEU A 15 19.07 50.61 11.85
N GLY A 16 18.49 49.42 11.72
CA GLY A 16 17.21 49.32 11.04
C GLY A 16 16.06 49.26 12.04
N GLN A 17 15.07 48.44 11.74
CA GLN A 17 13.92 48.28 12.64
C GLN A 17 14.40 47.80 14.00
N ASN A 18 13.77 48.30 15.06
CA ASN A 18 14.16 47.90 16.41
C ASN A 18 13.03 48.18 17.39
N GLN A 19 13.04 47.44 18.50
CA GLN A 19 12.04 47.59 19.55
C GLN A 19 12.59 46.93 20.81
N TYR A 20 12.10 47.34 21.96
CA TYR A 20 12.58 46.76 23.21
C TYR A 20 11.54 47.00 24.29
N GLY A 21 11.57 46.17 25.32
CA GLY A 21 10.63 46.33 26.42
C GLY A 21 10.70 45.15 27.36
N LYS A 22 9.67 44.99 28.18
CA LYS A 22 9.64 43.88 29.13
C LYS A 22 8.71 42.83 28.59
N ALA A 23 9.18 41.59 28.57
CA ALA A 23 8.37 40.50 28.08
C ALA A 23 7.90 39.57 29.19
N GLU A 24 6.74 38.97 28.97
CA GLU A 24 6.14 38.01 29.88
C GLU A 24 6.01 38.43 31.35
N VAL A 25 5.28 39.53 31.54
CA VAL A 25 5.00 40.05 32.87
C VAL A 25 3.72 39.32 33.26
N ARG A 26 3.83 38.39 34.21
CA ARG A 26 2.67 37.62 34.64
C ARG A 26 1.83 38.39 35.64
N LEU A 27 0.60 38.68 35.24
CA LEU A 27 -0.33 39.44 36.05
C LEU A 27 -1.61 38.70 36.38
N VAL A 28 -2.00 38.77 37.65
CA VAL A 28 -3.27 38.19 38.06
C VAL A 28 -4.01 39.32 38.76
N LYS A 29 -5.19 39.65 38.22
CA LYS A 29 -6.01 40.70 38.78
C LYS A 29 -7.27 40.10 39.40
N VAL A 30 -7.46 40.33 40.70
CA VAL A 30 -8.63 39.82 41.39
C VAL A 30 -9.61 40.97 41.59
N THR A 31 -10.85 40.75 41.18
CA THR A 31 -11.89 41.75 41.37
C THR A 31 -12.61 41.28 42.63
N ARG A 32 -12.58 42.09 43.68
CA ARG A 32 -13.24 41.68 44.91
C ARG A 32 -14.03 42.78 45.64
N ASN A 33 -14.88 43.49 44.92
CA ASN A 33 -15.70 44.53 45.55
C ASN A 33 -16.82 43.82 46.30
N THR A 34 -17.31 42.72 45.73
CA THR A 34 -18.36 41.93 46.38
C THR A 34 -17.70 40.62 46.77
N ALA A 35 -18.44 39.74 47.44
CA ALA A 35 -17.90 38.46 47.86
C ALA A 35 -17.70 37.52 46.68
N ARG A 36 -18.26 37.90 45.53
CA ARG A 36 -18.16 37.11 44.30
C ARG A 36 -16.92 37.57 43.53
N HIS A 37 -15.78 36.96 43.82
CA HIS A 37 -14.52 37.33 43.17
C HIS A 37 -14.43 36.93 41.71
N GLU A 38 -13.75 37.74 40.92
CA GLU A 38 -13.52 37.46 39.50
C GLU A 38 -12.00 37.40 39.36
N ILE A 39 -11.52 36.61 38.40
CA ILE A 39 -10.09 36.48 38.17
C ILE A 39 -9.70 36.75 36.73
N GLN A 40 -8.69 37.61 36.55
CA GLN A 40 -8.16 37.90 35.21
C GLN A 40 -6.68 37.52 35.30
N ASP A 41 -6.27 36.61 34.42
CA ASP A 41 -4.91 36.07 34.42
C ASP A 41 -4.24 36.33 33.06
N LEU A 42 -3.20 37.17 33.06
CA LEU A 42 -2.50 37.51 31.83
C LEU A 42 -0.98 37.36 31.87
N ASN A 43 -0.40 37.21 30.67
CA ASN A 43 1.05 37.14 30.48
C ASN A 43 1.24 38.31 29.52
N VAL A 44 1.74 39.43 30.03
CA VAL A 44 1.90 40.65 29.24
C VAL A 44 3.31 40.99 28.74
N THR A 45 3.39 41.45 27.50
CA THR A 45 4.66 41.85 26.91
C THR A 45 4.50 43.26 26.35
N SER A 46 5.47 44.11 26.66
CA SER A 46 5.47 45.51 26.23
C SER A 46 6.76 45.87 25.51
N GLN A 47 6.65 46.41 24.30
CA GLN A 47 7.82 46.84 23.55
C GLN A 47 7.60 48.16 22.84
N LEU A 48 8.56 49.07 22.98
CA LEU A 48 8.45 50.39 22.39
C LEU A 48 9.22 50.55 21.09
N ARG A 49 8.75 51.47 20.26
CA ARG A 49 9.37 51.78 18.99
C ARG A 49 9.50 53.30 18.90
N GLY A 50 10.56 53.76 18.26
CA GLY A 50 10.76 55.20 18.13
C GLY A 50 12.21 55.52 17.84
N ASP A 51 12.69 56.63 18.39
CA ASP A 51 14.06 57.06 18.17
C ASP A 51 14.98 56.57 19.28
N PHE A 52 15.64 55.43 19.02
CA PHE A 52 16.55 54.83 19.99
C PHE A 52 17.93 54.66 19.37
N GLU A 53 18.21 55.48 18.36
CA GLU A 53 19.47 55.47 17.65
C GLU A 53 20.67 55.59 18.59
N ALA A 54 20.66 56.62 19.42
CA ALA A 54 21.77 56.86 20.35
C ALA A 54 21.98 55.74 21.35
N ALA A 55 20.89 55.15 21.82
CA ALA A 55 20.98 54.04 22.76
C ALA A 55 21.80 52.91 22.14
N HIS A 56 21.57 52.64 20.86
CA HIS A 56 22.31 51.57 20.19
C HIS A 56 23.74 51.93 19.80
N THR A 57 23.91 53.09 19.15
CA THR A 57 25.23 53.50 18.69
C THR A 57 26.17 54.09 19.73
N ALA A 58 25.63 54.73 20.76
CA ALA A 58 26.49 55.34 21.77
C ALA A 58 26.21 54.90 23.20
N GLY A 59 25.21 54.04 23.40
CA GLY A 59 24.90 53.61 24.75
C GLY A 59 24.31 54.75 25.58
N ASP A 60 23.75 55.74 24.89
CA ASP A 60 23.13 56.89 25.54
C ASP A 60 21.69 56.49 25.86
N ASN A 61 21.37 56.36 27.15
CA ASN A 61 20.03 55.92 27.55
C ASN A 61 18.98 56.97 27.88
N ALA A 62 19.19 58.21 27.46
CA ALA A 62 18.25 59.29 27.72
C ALA A 62 16.83 58.97 27.22
N HIS A 63 16.74 58.28 26.09
CA HIS A 63 15.45 57.94 25.50
C HIS A 63 14.93 56.57 25.95
N VAL A 64 15.75 55.83 26.69
CA VAL A 64 15.37 54.49 27.09
C VAL A 64 14.51 54.34 28.34
N VAL A 65 13.20 54.35 28.14
CA VAL A 65 12.26 54.14 29.24
C VAL A 65 12.59 52.71 29.67
N ALA A 66 13.08 52.57 30.89
CA ALA A 66 13.49 51.26 31.41
C ALA A 66 12.46 50.15 31.22
N THR A 67 12.92 48.95 30.91
CA THR A 67 12.01 47.82 30.76
C THR A 67 11.36 47.60 32.12
N ASP A 68 12.10 47.91 33.18
CA ASP A 68 11.59 47.75 34.54
C ASP A 68 10.42 48.71 34.77
N THR A 69 10.52 49.89 34.17
CA THR A 69 9.48 50.90 34.29
C THR A 69 8.23 50.44 33.55
N GLN A 70 8.43 49.82 32.40
CA GLN A 70 7.31 49.33 31.61
C GLN A 70 6.58 48.27 32.42
N LYS A 71 7.34 47.41 33.09
CA LYS A 71 6.76 46.37 33.93
C LYS A 71 5.93 47.00 35.04
N ASN A 72 6.51 47.98 35.74
CA ASN A 72 5.79 48.66 36.83
C ASN A 72 4.49 49.26 36.32
N THR A 73 4.52 49.82 35.12
CA THR A 73 3.34 50.46 34.55
C THR A 73 2.20 49.45 34.34
N VAL A 74 2.54 48.23 33.96
CA VAL A 74 1.54 47.18 33.77
C VAL A 74 0.78 46.93 35.07
N TYR A 75 1.52 46.77 36.17
CA TYR A 75 0.90 46.52 37.46
C TYR A 75 0.11 47.71 37.99
N ALA A 76 0.65 48.91 37.79
CA ALA A 76 -0.04 50.12 38.24
C ALA A 76 -1.36 50.28 37.51
N PHE A 77 -1.35 50.08 36.20
CA PHE A 77 -2.57 50.20 35.41
C PHE A 77 -3.56 49.09 35.77
N ALA A 78 -3.04 47.92 36.13
CA ALA A 78 -3.90 46.80 36.48
C ALA A 78 -4.78 47.13 37.68
N ARG A 79 -4.25 47.95 38.59
CA ARG A 79 -4.98 48.35 39.79
C ARG A 79 -6.34 48.99 39.50
N ASP A 80 -6.43 49.72 38.39
CA ASP A 80 -7.69 50.37 38.05
C ASP A 80 -8.68 49.41 37.41
N GLY A 81 -8.22 48.20 37.13
CA GLY A 81 -9.09 47.22 36.50
C GLY A 81 -9.22 47.46 35.00
N PHE A 82 -9.67 46.45 34.28
CA PHE A 82 -9.85 46.56 32.84
C PHE A 82 -10.95 45.62 32.38
N ALA A 83 -11.78 46.10 31.46
CA ALA A 83 -12.90 45.32 30.94
C ALA A 83 -12.44 44.08 30.20
N THR A 84 -11.49 44.27 29.29
CA THR A 84 -10.97 43.14 28.52
C THR A 84 -9.47 43.28 28.37
N THR A 85 -8.83 42.19 27.92
CA THR A 85 -7.40 42.18 27.70
C THR A 85 -7.03 43.22 26.64
N GLU A 86 -7.82 43.30 25.57
CA GLU A 86 -7.54 44.26 24.51
C GLU A 86 -7.59 45.71 24.99
N GLU A 87 -8.57 46.03 25.83
CA GLU A 87 -8.67 47.39 26.34
C GLU A 87 -7.52 47.71 27.28
N PHE A 88 -7.00 46.68 27.95
CA PHE A 88 -5.87 46.86 28.85
C PHE A 88 -4.65 47.23 28.01
N LEU A 89 -4.44 46.50 26.92
CA LEU A 89 -3.30 46.77 26.04
C LEU A 89 -3.42 48.16 25.43
N LEU A 90 -4.64 48.55 25.08
CA LEU A 90 -4.86 49.87 24.48
C LEU A 90 -4.44 50.97 25.44
N ARG A 91 -4.81 50.83 26.71
CA ARG A 91 -4.44 51.83 27.68
C ARG A 91 -2.91 51.94 27.77
N LEU A 92 -2.24 50.80 27.88
CA LEU A 92 -0.77 50.77 27.94
C LEU A 92 -0.14 51.41 26.72
N GLY A 93 -0.61 51.01 25.54
CA GLY A 93 -0.06 51.53 24.31
C GLY A 93 -0.18 53.03 24.18
N LYS A 94 -1.36 53.58 24.46
CA LYS A 94 -1.57 55.01 24.37
C LYS A 94 -0.69 55.76 25.35
N HIS A 95 -0.51 55.18 26.53
CA HIS A 95 0.29 55.79 27.58
C HIS A 95 1.73 56.05 27.16
N PHE A 96 2.40 55.00 26.66
CA PHE A 96 3.79 55.14 26.24
C PHE A 96 3.98 56.00 25.01
N THR A 97 3.12 55.85 24.01
CA THR A 97 3.25 56.64 22.79
C THR A 97 2.96 58.12 23.05
N GLU A 98 1.95 58.39 23.87
CA GLU A 98 1.59 59.76 24.18
C GLU A 98 2.42 60.36 25.32
N GLY A 99 3.05 59.51 26.11
CA GLY A 99 3.84 60.01 27.23
C GLY A 99 5.28 60.36 26.93
N PHE A 100 5.79 59.92 25.78
CA PHE A 100 7.17 60.20 25.41
C PHE A 100 7.24 60.59 23.94
N ASP A 101 7.75 61.80 23.68
CA ASP A 101 7.83 62.30 22.31
C ASP A 101 8.63 61.43 21.35
N TRP A 102 9.67 60.78 21.84
CA TRP A 102 10.51 59.94 20.99
C TRP A 102 9.92 58.55 20.74
N VAL A 103 8.92 58.17 21.52
CA VAL A 103 8.25 56.88 21.35
C VAL A 103 7.10 57.12 20.38
N THR A 104 7.23 56.62 19.16
CA THR A 104 6.21 56.81 18.13
C THR A 104 5.21 55.66 18.02
N GLY A 105 5.49 54.57 18.70
CA GLY A 105 4.60 53.43 18.63
C GLY A 105 5.14 52.27 19.43
N GLY A 106 4.68 51.07 19.10
CA GLY A 106 5.15 49.91 19.82
C GLY A 106 4.28 48.69 19.57
N ARG A 107 4.51 47.65 20.35
CA ARG A 107 3.77 46.41 20.23
C ARG A 107 3.52 45.86 21.61
N TRP A 108 2.24 45.73 21.98
CA TRP A 108 1.86 45.22 23.28
C TRP A 108 1.05 43.96 23.04
N ALA A 109 1.40 42.88 23.72
CA ALA A 109 0.70 41.63 23.54
C ALA A 109 0.41 40.94 24.86
N ALA A 110 -0.54 40.02 24.84
CA ALA A 110 -0.87 39.28 26.03
C ALA A 110 -1.54 37.96 25.72
N GLN A 111 -1.35 37.03 26.64
CA GLN A 111 -1.98 35.72 26.56
C GLN A 111 -2.94 35.83 27.75
N GLN A 112 -4.15 35.30 27.58
CA GLN A 112 -5.13 35.32 28.65
C GLN A 112 -5.44 33.88 29.00
N PHE A 113 -5.30 33.55 30.28
CA PHE A 113 -5.56 32.19 30.75
C PHE A 113 -6.91 32.14 31.43
N PHE A 114 -7.69 31.12 31.12
CA PHE A 114 -9.02 30.97 31.66
C PHE A 114 -9.12 30.16 32.95
N TRP A 115 -10.08 30.56 33.78
CA TRP A 115 -10.35 29.92 35.06
C TRP A 115 -11.85 29.67 35.23
N ASP A 116 -12.20 28.53 35.82
CA ASP A 116 -13.59 28.19 36.08
C ASP A 116 -13.75 28.10 37.58
N ARG A 117 -14.94 28.40 38.09
CA ARG A 117 -15.18 28.31 39.53
C ARG A 117 -15.30 26.84 39.89
N ILE A 118 -14.91 26.52 41.12
CA ILE A 118 -15.02 25.15 41.61
C ILE A 118 -16.40 25.08 42.25
N ASN A 119 -17.27 24.25 41.68
CA ASN A 119 -18.64 24.10 42.20
C ASN A 119 -19.30 25.45 42.42
N ASP A 120 -19.10 26.37 41.49
CA ASP A 120 -19.68 27.72 41.55
C ASP A 120 -19.26 28.51 42.80
N HIS A 121 -18.09 28.16 43.36
CA HIS A 121 -17.58 28.83 44.56
C HIS A 121 -17.29 30.31 44.30
N ASP A 122 -17.47 31.15 45.32
CA ASP A 122 -17.25 32.59 45.22
C ASP A 122 -15.80 33.01 45.03
N HIS A 123 -14.85 32.24 45.56
CA HIS A 123 -13.44 32.60 45.43
C HIS A 123 -12.47 31.42 45.33
N ALA A 124 -12.93 30.32 44.72
CA ALA A 124 -12.10 29.14 44.53
C ALA A 124 -12.25 28.79 43.04
N PHE A 125 -11.13 28.64 42.35
CA PHE A 125 -11.17 28.37 40.91
C PHE A 125 -10.18 27.31 40.46
N SER A 126 -10.38 26.82 39.24
CA SER A 126 -9.47 25.84 38.64
C SER A 126 -9.20 26.31 37.22
N ARG A 127 -7.99 26.06 36.72
CA ARG A 127 -7.63 26.49 35.39
C ARG A 127 -8.23 25.66 34.26
N ASN A 128 -8.68 26.36 33.21
CA ASN A 128 -9.21 25.70 32.03
C ASN A 128 -8.02 25.85 31.08
N LYS A 129 -7.28 24.77 30.89
CA LYS A 129 -6.10 24.79 30.04
C LYS A 129 -6.33 24.35 28.60
N SER A 130 -7.58 24.16 28.23
CA SER A 130 -7.90 23.67 26.89
C SER A 130 -7.67 24.64 25.74
N GLU A 131 -7.36 25.89 26.06
CA GLU A 131 -7.08 26.89 25.05
C GLU A 131 -6.47 28.12 25.72
N VAL A 132 -5.82 28.95 24.92
CA VAL A 132 -5.22 30.18 25.41
C VAL A 132 -5.64 31.28 24.45
N ARG A 133 -6.11 32.40 24.99
CA ARG A 133 -6.53 33.51 24.18
C ARG A 133 -5.37 34.50 24.09
N THR A 134 -5.19 35.08 22.91
CA THR A 134 -4.11 36.03 22.70
C THR A 134 -4.62 37.35 22.14
N ALA A 135 -3.84 38.40 22.34
CA ALA A 135 -4.19 39.71 21.83
C ALA A 135 -2.89 40.43 21.55
N VAL A 136 -2.84 41.16 20.43
CA VAL A 136 -1.66 41.90 20.07
C VAL A 136 -2.10 43.27 19.57
N LEU A 137 -1.48 44.30 20.11
CA LEU A 137 -1.78 45.66 19.70
C LEU A 137 -0.52 46.29 19.16
N GLU A 138 -0.61 46.94 18.01
CA GLU A 138 0.52 47.65 17.48
C GLU A 138 0.05 49.07 17.22
N ILE A 139 0.83 50.04 17.68
CA ILE A 139 0.50 51.44 17.47
C ILE A 139 1.57 52.04 16.57
N SER A 140 1.12 52.76 15.56
CA SER A 140 2.00 53.43 14.62
C SER A 140 1.35 54.79 14.40
N GLY A 141 1.83 55.78 15.14
CA GLY A 141 1.26 57.11 15.03
C GLY A 141 -0.11 57.07 15.66
N SER A 142 -1.13 57.47 14.90
CA SER A 142 -2.48 57.46 15.43
C SER A 142 -3.20 56.14 15.09
N GLU A 143 -2.54 55.30 14.31
CA GLU A 143 -3.15 54.02 13.93
C GLU A 143 -3.00 52.96 15.02
N GLN A 144 -4.12 52.35 15.39
CA GLN A 144 -4.13 51.30 16.40
C GLN A 144 -4.65 50.02 15.73
N ALA A 145 -3.78 49.02 15.61
CA ALA A 145 -4.16 47.76 14.97
C ALA A 145 -4.19 46.64 16.01
N ILE A 146 -5.28 45.88 16.02
CA ILE A 146 -5.45 44.77 16.97
C ILE A 146 -5.69 43.41 16.32
N VAL A 147 -4.94 42.42 16.80
CA VAL A 147 -5.08 41.05 16.32
C VAL A 147 -5.39 40.16 17.51
N ALA A 148 -6.55 39.52 17.48
CA ALA A 148 -6.95 38.62 18.56
C ALA A 148 -6.73 37.21 18.05
N GLY A 149 -6.65 36.25 18.96
CA GLY A 149 -6.43 34.89 18.52
C GLY A 149 -6.66 33.82 19.56
N ILE A 150 -6.55 32.59 19.12
CA ILE A 150 -6.72 31.45 20.01
C ILE A 150 -5.63 30.44 19.66
N GLU A 151 -5.11 29.77 20.67
CA GLU A 151 -4.07 28.76 20.45
C GLU A 151 -4.22 27.63 21.45
N GLY A 152 -3.54 26.52 21.18
CA GLY A 152 -3.60 25.38 22.08
C GLY A 152 -4.91 24.61 22.15
N LEU A 153 -5.82 24.86 21.21
CA LEU A 153 -7.10 24.17 21.20
C LEU A 153 -7.06 22.98 20.24
N THR A 154 -6.78 21.81 20.79
CA THR A 154 -6.68 20.58 20.03
C THR A 154 -8.05 19.99 19.70
N VAL A 155 -8.25 19.64 18.43
CA VAL A 155 -9.52 19.06 18.01
C VAL A 155 -9.30 17.82 17.19
N LEU A 156 -10.33 16.98 17.11
CA LEU A 156 -10.21 15.73 16.36
C LEU A 156 -11.56 15.22 15.88
N LYS A 157 -11.57 14.71 14.66
CA LYS A 157 -12.75 14.11 14.05
C LYS A 157 -12.36 12.65 13.84
N SER A 158 -13.17 11.73 14.36
CA SER A 158 -12.87 10.31 14.23
C SER A 158 -13.20 9.75 12.84
N THR A 159 -14.04 10.48 12.11
CA THR A 159 -14.41 10.07 10.75
C THR A 159 -14.93 11.33 10.03
N GLY A 160 -15.32 11.20 8.77
CA GLY A 160 -15.79 12.37 8.06
C GLY A 160 -14.62 13.20 7.54
N SER A 161 -13.56 12.50 7.16
CA SER A 161 -12.36 13.12 6.63
C SER A 161 -11.78 12.19 5.59
N GLU A 162 -11.46 12.74 4.42
CA GLU A 162 -10.89 11.96 3.33
C GLU A 162 -9.69 12.70 2.76
N PHE A 163 -8.92 11.99 1.95
CA PHE A 163 -7.77 12.58 1.26
C PHE A 163 -7.40 11.69 0.10
N HIS A 164 -7.80 12.12 -1.09
CA HIS A 164 -7.56 11.38 -2.30
C HIS A 164 -7.48 12.35 -3.47
N GLY A 165 -7.06 11.85 -4.64
CA GLY A 165 -6.98 12.70 -5.80
C GLY A 165 -5.69 13.50 -5.90
N PHE A 166 -4.74 13.26 -5.00
CA PHE A 166 -3.48 13.98 -5.05
C PHE A 166 -2.60 13.31 -6.10
N PRO A 167 -1.64 14.06 -6.68
CA PRO A 167 -0.76 13.48 -7.69
C PRO A 167 0.22 12.49 -7.07
N ARG A 168 0.54 11.43 -7.81
CA ARG A 168 1.46 10.44 -7.31
C ARG A 168 2.77 10.55 -8.09
N ASP A 169 3.72 11.32 -7.55
CA ASP A 169 5.00 11.50 -8.22
C ASP A 169 5.91 10.31 -7.90
N LYS A 170 7.15 10.38 -8.36
CA LYS A 170 8.07 9.27 -8.14
C LYS A 170 8.43 8.95 -6.68
N TYR A 171 8.07 9.83 -5.75
CA TYR A 171 8.37 9.61 -4.33
C TYR A 171 7.09 9.48 -3.49
N THR A 172 5.95 9.34 -4.14
CA THR A 172 4.68 9.24 -3.43
C THR A 172 4.31 7.79 -3.09
N THR A 173 4.12 7.52 -1.80
CA THR A 173 3.75 6.19 -1.34
C THR A 173 2.42 6.23 -0.59
N LEU A 174 2.00 7.42 -0.20
CA LEU A 174 0.74 7.59 0.52
C LEU A 174 -0.42 7.04 -0.29
N GLN A 175 -1.28 6.26 0.36
CA GLN A 175 -2.43 5.69 -0.33
C GLN A 175 -3.66 6.58 -0.16
N GLU A 176 -4.56 6.54 -1.14
CA GLU A 176 -5.78 7.33 -1.07
C GLU A 176 -6.67 6.74 0.03
N THR A 177 -7.51 7.57 0.63
CA THR A 177 -8.41 7.09 1.67
C THR A 177 -9.68 7.91 1.74
N THR A 178 -10.78 7.27 2.08
CA THR A 178 -12.06 7.95 2.21
C THR A 178 -12.53 7.98 3.66
N ASP A 179 -11.67 7.55 4.58
CA ASP A 179 -12.00 7.54 6.00
C ASP A 179 -10.71 7.57 6.83
N ARG A 180 -10.45 8.70 7.47
CA ARG A 180 -9.26 8.85 8.28
C ARG A 180 -9.55 9.81 9.41
N ILE A 181 -8.66 9.85 10.39
CA ILE A 181 -8.81 10.76 11.51
C ILE A 181 -8.19 12.09 11.07
N LEU A 182 -8.81 13.18 11.46
CA LEU A 182 -8.29 14.51 11.15
C LEU A 182 -8.16 15.19 12.51
N ALA A 183 -6.93 15.37 12.96
CA ALA A 183 -6.67 16.00 14.25
C ALA A 183 -5.72 17.18 14.06
N THR A 184 -5.98 18.27 14.77
CA THR A 184 -5.13 19.44 14.64
C THR A 184 -5.18 20.29 15.91
N ASP A 185 -4.30 21.30 15.96
CA ASP A 185 -4.25 22.24 17.08
C ASP A 185 -4.69 23.54 16.46
N VAL A 186 -5.85 24.06 16.87
CA VAL A 186 -6.33 25.30 16.29
C VAL A 186 -5.55 26.52 16.75
N SER A 187 -4.80 27.10 15.83
CA SER A 187 -4.03 28.32 16.07
C SER A 187 -4.58 29.27 15.04
N ALA A 188 -5.32 30.27 15.50
CA ALA A 188 -5.91 31.24 14.59
C ALA A 188 -5.74 32.64 15.13
N ARG A 189 -5.56 33.58 14.23
CA ARG A 189 -5.41 34.98 14.59
C ARG A 189 -6.14 35.82 13.56
N TRP A 190 -6.95 36.76 14.04
CA TRP A 190 -7.71 37.61 13.15
C TRP A 190 -7.47 39.08 13.47
N ARG A 191 -7.42 39.90 12.43
CA ARG A 191 -7.16 41.34 12.58
C ARG A 191 -8.45 42.16 12.45
N TYR A 192 -8.73 42.97 13.47
CA TYR A 192 -9.91 43.82 13.46
C TYR A 192 -9.60 45.07 12.64
N ASN A 193 -10.61 45.60 11.94
CA ASN A 193 -10.41 46.81 11.16
C ASN A 193 -10.86 48.04 11.94
N THR A 194 -11.22 47.82 13.20
CA THR A 194 -11.67 48.90 14.08
C THR A 194 -11.45 48.49 15.52
N VAL A 195 -11.19 49.46 16.40
CA VAL A 195 -10.98 49.15 17.82
C VAL A 195 -12.30 49.13 18.59
N GLU A 196 -13.40 49.49 17.93
CA GLU A 196 -14.68 49.46 18.63
C GLU A 196 -15.35 48.10 18.42
N VAL A 197 -14.88 47.15 19.23
CA VAL A 197 -15.34 45.78 19.16
C VAL A 197 -15.73 45.30 20.57
N ASP A 198 -16.68 44.37 20.63
CA ASP A 198 -17.08 43.78 21.91
C ASP A 198 -16.13 42.59 21.92
N PHE A 199 -14.89 42.85 22.31
CA PHE A 199 -13.85 41.83 22.31
C PHE A 199 -14.18 40.45 22.87
N ASP A 200 -14.79 40.39 24.05
CA ASP A 200 -15.13 39.09 24.63
C ASP A 200 -16.18 38.35 23.81
N ALA A 201 -17.19 39.08 23.34
CA ALA A 201 -18.26 38.48 22.56
C ALA A 201 -17.76 37.97 21.22
N VAL A 202 -16.94 38.75 20.54
CA VAL A 202 -16.40 38.33 19.25
C VAL A 202 -15.45 37.15 19.42
N TYR A 203 -14.63 37.17 20.46
CA TYR A 203 -13.73 36.04 20.67
C TYR A 203 -14.55 34.76 20.84
N ALA A 204 -15.62 34.83 21.62
CA ALA A 204 -16.46 33.66 21.85
C ALA A 204 -17.13 33.20 20.56
N SER A 205 -17.61 34.16 19.77
CA SER A 205 -18.26 33.85 18.52
C SER A 205 -17.28 33.19 17.55
N VAL A 206 -16.11 33.80 17.39
CA VAL A 206 -15.09 33.27 16.49
C VAL A 206 -14.71 31.84 16.89
N ARG A 207 -14.49 31.63 18.19
CA ARG A 207 -14.15 30.31 18.69
C ARG A 207 -15.22 29.29 18.29
N GLY A 208 -16.48 29.67 18.46
CA GLY A 208 -17.58 28.79 18.12
C GLY A 208 -17.69 28.51 16.63
N LEU A 209 -17.37 29.51 15.81
CA LEU A 209 -17.43 29.37 14.36
C LEU A 209 -16.31 28.44 13.84
N LEU A 210 -15.13 28.54 14.45
CA LEU A 210 -14.01 27.70 14.04
C LEU A 210 -14.29 26.25 14.38
N LEU A 211 -14.79 26.03 15.60
CA LEU A 211 -15.12 24.69 16.08
C LEU A 211 -16.24 24.07 15.24
N LYS A 212 -17.21 24.90 14.89
CA LYS A 212 -18.36 24.45 14.11
C LYS A 212 -17.94 24.04 12.69
N ALA A 213 -17.16 24.88 12.03
CA ALA A 213 -16.71 24.60 10.67
C ALA A 213 -15.82 23.38 10.64
N PHE A 214 -14.96 23.24 11.65
CA PHE A 214 -14.07 22.10 11.71
C PHE A 214 -14.86 20.79 11.84
N ALA A 215 -15.82 20.80 12.75
CA ALA A 215 -16.63 19.62 13.01
C ALA A 215 -17.64 19.25 11.94
N GLU A 216 -18.32 20.24 11.38
CA GLU A 216 -19.36 19.96 10.39
C GLU A 216 -18.95 19.89 8.93
N THR A 217 -17.71 20.29 8.62
CA THR A 217 -17.24 20.25 7.24
C THR A 217 -16.77 18.84 6.89
N HIS A 218 -17.38 18.23 5.88
CA HIS A 218 -16.92 16.91 5.46
C HIS A 218 -15.63 17.22 4.73
N SER A 219 -14.51 16.96 5.41
CA SER A 219 -13.19 17.29 4.89
C SER A 219 -12.59 16.41 3.80
N LEU A 220 -12.19 17.04 2.70
CA LEU A 220 -11.56 16.35 1.58
C LEU A 220 -10.08 16.72 1.63
N ALA A 221 -9.75 17.63 2.53
CA ALA A 221 -8.38 18.09 2.72
C ALA A 221 -8.36 19.07 3.88
N LEU A 222 -7.26 19.11 4.62
CA LEU A 222 -7.16 20.04 5.75
C LEU A 222 -7.29 21.46 5.21
N GLN A 223 -6.78 21.67 3.99
CA GLN A 223 -6.84 22.99 3.35
C GLN A 223 -8.29 23.44 3.22
N GLN A 224 -9.18 22.52 2.85
CA GLN A 224 -10.60 22.83 2.68
C GLN A 224 -11.27 23.15 4.00
N THR A 225 -11.00 22.31 5.01
CA THR A 225 -11.54 22.50 6.34
C THR A 225 -11.11 23.88 6.88
N MET A 226 -9.86 24.25 6.61
CA MET A 226 -9.34 25.53 7.06
C MET A 226 -10.01 26.70 6.35
N TYR A 227 -10.18 26.57 5.04
CA TYR A 227 -10.81 27.63 4.27
C TYR A 227 -12.23 27.87 4.79
N GLU A 228 -12.98 26.80 5.02
CA GLU A 228 -14.34 26.91 5.53
C GLU A 228 -14.38 27.54 6.92
N MET A 229 -13.38 27.23 7.75
CA MET A 229 -13.32 27.82 9.08
C MET A 229 -13.11 29.33 8.97
N GLY A 230 -12.19 29.74 8.10
CA GLY A 230 -11.92 31.16 7.91
C GLY A 230 -13.08 31.92 7.28
N ARG A 231 -13.72 31.32 6.28
CA ARG A 231 -14.84 31.94 5.60
C ARG A 231 -16.00 32.23 6.56
N ALA A 232 -16.31 31.27 7.41
CA ALA A 232 -17.39 31.43 8.40
C ALA A 232 -17.14 32.66 9.27
N VAL A 233 -15.88 32.88 9.64
CA VAL A 233 -15.53 34.02 10.48
C VAL A 233 -15.72 35.34 9.75
N ILE A 234 -15.12 35.46 8.58
CA ILE A 234 -15.22 36.69 7.80
C ILE A 234 -16.66 37.01 7.41
N GLU A 235 -17.42 35.99 7.05
CA GLU A 235 -18.81 36.20 6.66
C GLU A 235 -19.68 36.64 7.83
N THR A 236 -19.29 36.28 9.05
CA THR A 236 -20.07 36.63 10.23
C THR A 236 -19.66 37.93 10.93
N HIS A 237 -18.39 38.31 10.83
CA HIS A 237 -17.93 39.51 11.52
C HIS A 237 -17.36 40.62 10.64
N PRO A 238 -18.14 41.68 10.41
CA PRO A 238 -17.74 42.83 9.60
C PRO A 238 -16.48 43.52 10.12
N GLU A 239 -16.29 43.48 11.44
CA GLU A 239 -15.12 44.11 12.06
C GLU A 239 -13.82 43.36 11.82
N ILE A 240 -13.90 42.19 11.22
CA ILE A 240 -12.69 41.40 10.94
C ILE A 240 -12.31 41.46 9.47
N ASP A 241 -11.08 41.91 9.19
CA ASP A 241 -10.61 42.01 7.81
C ASP A 241 -9.92 40.77 7.28
N GLU A 242 -9.32 40.00 8.18
CA GLU A 242 -8.61 38.79 7.78
C GLU A 242 -8.34 37.90 8.95
N ILE A 243 -8.26 36.60 8.68
CA ILE A 243 -7.96 35.62 9.71
C ILE A 243 -6.89 34.71 9.15
N LYS A 244 -5.86 34.47 9.95
CA LYS A 244 -4.77 33.59 9.55
C LYS A 244 -4.80 32.36 10.42
N MET A 245 -4.56 31.21 9.80
CA MET A 245 -4.55 29.97 10.55
C MET A 245 -3.31 29.13 10.23
N SER A 246 -2.83 28.43 11.25
CA SER A 246 -1.67 27.57 11.16
C SER A 246 -2.13 26.26 11.79
N LEU A 247 -2.46 25.29 10.95
CA LEU A 247 -2.99 24.02 11.42
C LEU A 247 -2.12 22.80 11.15
N PRO A 248 -1.62 22.16 12.22
CA PRO A 248 -0.79 20.97 12.01
C PRO A 248 -1.69 19.78 11.73
N ASN A 249 -1.23 18.86 10.91
CA ASN A 249 -2.03 17.66 10.64
C ASN A 249 -1.37 16.62 11.53
N LYS A 250 -1.89 16.48 12.74
CA LYS A 250 -1.36 15.55 13.73
C LYS A 250 -1.79 14.14 13.36
N HIS A 251 -0.87 13.44 12.72
CA HIS A 251 -1.11 12.09 12.23
C HIS A 251 -1.43 11.02 13.26
N HIS A 252 -2.56 10.38 13.02
CA HIS A 252 -3.03 9.27 13.83
C HIS A 252 -3.04 8.12 12.82
N PHE A 253 -1.96 7.35 12.81
CA PHE A 253 -1.79 6.24 11.89
C PHE A 253 -2.59 5.01 12.31
N LEU A 254 -3.39 4.50 11.39
CA LEU A 254 -4.19 3.30 11.63
C LEU A 254 -3.17 2.17 11.72
N VAL A 255 -3.04 1.57 12.89
CA VAL A 255 -2.06 0.50 13.08
C VAL A 255 -2.39 -0.76 12.28
N ASP A 256 -1.38 -1.32 11.64
CA ASP A 256 -1.57 -2.54 10.87
C ASP A 256 -1.49 -3.73 11.81
N LEU A 257 -2.64 -4.36 12.06
CA LEU A 257 -2.66 -5.52 12.95
C LEU A 257 -2.79 -6.83 12.18
N GLN A 258 -2.80 -6.76 10.84
CA GLN A 258 -2.93 -7.98 10.05
C GLN A 258 -1.81 -8.99 10.36
N PRO A 259 -0.59 -8.51 10.64
CA PRO A 259 0.49 -9.45 10.95
C PRO A 259 0.18 -10.24 12.22
N PHE A 260 -0.82 -9.81 12.98
CA PHE A 260 -1.21 -10.49 14.21
C PHE A 260 -2.54 -11.23 14.02
N GLY A 261 -2.99 -11.32 12.77
CA GLY A 261 -4.23 -12.01 12.47
C GLY A 261 -5.49 -11.21 12.79
N GLN A 262 -5.40 -9.90 12.82
CA GLN A 262 -6.56 -9.07 13.15
C GLN A 262 -6.79 -7.97 12.13
N ASP A 263 -8.04 -7.51 12.05
CA ASP A 263 -8.35 -6.40 11.17
C ASP A 263 -8.34 -5.19 12.09
N ASN A 264 -8.46 -4.00 11.54
CA ASN A 264 -8.48 -2.79 12.34
C ASN A 264 -9.42 -1.84 11.63
N PRO A 265 -10.73 -1.98 11.90
CA PRO A 265 -11.75 -1.13 11.27
C PRO A 265 -11.77 0.30 11.80
N ASN A 266 -10.69 1.03 11.54
CA ASN A 266 -10.58 2.42 11.96
C ASN A 266 -10.77 2.59 13.46
N GLU A 267 -10.16 1.70 14.26
CA GLU A 267 -10.29 1.77 15.71
C GLU A 267 -9.00 2.01 16.50
N VAL A 268 -7.90 1.40 16.07
CA VAL A 268 -6.63 1.52 16.79
C VAL A 268 -5.61 2.37 16.06
N PHE A 269 -5.24 3.49 16.69
CA PHE A 269 -4.29 4.41 16.09
C PHE A 269 -3.06 4.73 16.92
N TYR A 270 -1.98 5.05 16.20
CA TYR A 270 -0.73 5.46 16.82
C TYR A 270 -0.70 6.97 16.58
N ALA A 271 -0.68 7.76 17.64
CA ALA A 271 -0.63 9.22 17.50
C ALA A 271 0.84 9.66 17.50
N ALA A 272 1.38 9.89 16.32
CA ALA A 272 2.77 10.30 16.17
C ALA A 272 3.01 11.76 16.56
N ASP A 273 4.21 12.05 17.05
CA ASP A 273 4.59 13.40 17.48
C ASP A 273 5.09 14.20 16.28
N ARG A 274 6.15 13.69 15.64
CA ARG A 274 6.74 14.33 14.48
C ARG A 274 7.12 13.24 13.48
N PRO A 275 7.10 13.56 12.18
CA PRO A 275 6.77 14.88 11.64
C PRO A 275 5.26 15.07 11.58
N TYR A 276 4.81 16.23 11.13
CA TYR A 276 3.38 16.49 11.01
C TYR A 276 3.15 17.43 9.84
N GLY A 277 1.99 17.31 9.21
CA GLY A 277 1.70 18.21 8.11
C GLY A 277 1.46 19.56 8.76
N LEU A 278 1.81 20.64 8.07
CA LEU A 278 1.57 21.97 8.59
C LEU A 278 0.90 22.74 7.46
N ILE A 279 -0.39 23.00 7.63
CA ILE A 279 -1.16 23.71 6.62
C ILE A 279 -1.49 25.12 7.13
N GLU A 280 -1.14 26.14 6.35
CA GLU A 280 -1.38 27.52 6.77
C GLU A 280 -1.99 28.37 5.67
N ALA A 281 -2.85 29.31 6.06
CA ALA A 281 -3.48 30.16 5.07
C ALA A 281 -4.11 31.41 5.68
N THR A 282 -4.32 32.39 4.82
CA THR A 282 -4.93 33.65 5.20
C THR A 282 -6.22 33.76 4.41
N ILE A 283 -7.33 33.98 5.11
CA ILE A 283 -8.62 34.15 4.48
C ILE A 283 -8.92 35.63 4.73
N GLN A 284 -9.07 36.41 3.66
CA GLN A 284 -9.32 37.84 3.80
C GLN A 284 -10.63 38.31 3.18
N ARG A 285 -11.03 39.51 3.59
CA ARG A 285 -12.23 40.14 3.05
C ARG A 285 -11.71 40.73 1.73
N GLU A 286 -12.41 40.52 0.64
CA GLU A 286 -11.96 41.05 -0.64
C GLU A 286 -11.71 42.54 -0.60
N GLY A 287 -10.53 42.96 -1.07
CA GLY A 287 -10.18 44.37 -1.09
C GLY A 287 -9.43 44.90 0.13
N SER A 288 -9.38 44.12 1.20
CA SER A 288 -8.67 44.56 2.40
C SER A 288 -7.15 44.58 2.23
N ARG A 289 -6.47 45.22 3.19
CA ARG A 289 -5.01 45.34 3.18
C ARG A 289 -4.34 43.98 3.01
N ALA A 290 -3.39 43.92 2.09
CA ALA A 290 -2.68 42.69 1.78
C ALA A 290 -1.64 42.25 2.80
N ASP A 291 -0.83 43.19 3.28
CA ASP A 291 0.22 42.84 4.24
C ASP A 291 0.39 43.83 5.37
N HIS A 292 -0.60 43.89 6.26
CA HIS A 292 -0.51 44.81 7.39
C HIS A 292 0.77 44.50 8.17
N PRO A 293 1.55 45.55 8.51
CA PRO A 293 2.81 45.43 9.26
C PRO A 293 2.74 44.65 10.58
N ILE A 294 1.56 44.60 11.19
CA ILE A 294 1.41 43.90 12.47
C ILE A 294 1.73 42.41 12.35
N TRP A 295 1.66 41.88 11.12
CA TRP A 295 1.93 40.46 10.93
C TRP A 295 3.42 40.16 10.96
N SER A 296 4.24 41.19 10.77
CA SER A 296 5.69 41.01 10.80
C SER A 296 6.21 40.83 12.22
N ASN A 297 5.61 41.55 13.16
CA ASN A 297 6.01 41.46 14.57
C ASN A 297 7.40 42.06 14.80
N THR B 11 35.65 -4.06 43.28
CA THR B 11 36.15 -5.41 42.89
C THR B 11 35.03 -6.29 42.35
N LYS B 12 34.14 -6.75 43.24
CA LYS B 12 33.04 -7.60 42.83
C LYS B 12 31.77 -6.77 42.61
N VAL B 13 31.21 -6.87 41.40
CA VAL B 13 30.01 -6.13 41.02
C VAL B 13 28.82 -7.06 40.85
N VAL B 14 27.64 -6.59 41.25
CA VAL B 14 26.42 -7.39 41.15
C VAL B 14 25.25 -6.64 40.52
N LEU B 15 24.54 -7.32 39.65
CA LEU B 15 23.37 -6.73 38.97
C LEU B 15 22.25 -6.68 39.99
N GLY B 16 21.74 -5.49 40.26
CA GLY B 16 20.66 -5.35 41.21
C GLY B 16 19.31 -5.22 40.53
N GLN B 17 18.44 -4.40 41.08
CA GLN B 17 17.11 -4.19 40.52
C GLN B 17 17.24 -3.72 39.08
N ASN B 18 16.36 -4.23 38.21
CA ASN B 18 16.39 -3.83 36.80
C ASN B 18 15.03 -4.08 36.15
N GLN B 19 14.77 -3.34 35.08
CA GLN B 19 13.52 -3.46 34.34
C GLN B 19 13.69 -2.77 33.00
N TYR B 20 12.94 -3.21 31.99
CA TYR B 20 13.05 -2.61 30.67
C TYR B 20 11.75 -2.80 29.90
N GLY B 21 11.54 -1.96 28.90
CA GLY B 21 10.33 -2.08 28.10
C GLY B 21 10.18 -0.92 27.14
N LYS B 22 8.97 -0.73 26.64
CA LYS B 22 8.73 0.37 25.72
C LYS B 22 8.01 1.46 26.49
N ALA B 23 8.55 2.67 26.42
CA ALA B 23 7.96 3.81 27.11
C ALA B 23 7.22 4.72 26.15
N GLU B 24 6.13 5.29 26.65
CA GLU B 24 5.29 6.24 25.93
C GLU B 24 4.76 5.83 24.56
N VAL B 25 3.98 4.75 24.56
CA VAL B 25 3.34 4.30 23.35
C VAL B 25 2.03 5.07 23.33
N ARG B 26 1.90 6.00 22.39
CA ARG B 26 0.69 6.81 22.27
C ARG B 26 -0.38 6.05 21.52
N LEU B 27 -1.50 5.80 22.20
CA LEU B 27 -2.60 5.05 21.64
C LEU B 27 -3.92 5.80 21.70
N VAL B 28 -4.65 5.75 20.60
CA VAL B 28 -5.98 6.35 20.55
C VAL B 28 -6.88 5.23 20.08
N LYS B 29 -7.86 4.89 20.90
CA LYS B 29 -8.81 3.85 20.57
C LYS B 29 -10.15 4.51 20.32
N VAL B 30 -10.66 4.32 19.11
CA VAL B 30 -11.96 4.89 18.77
C VAL B 30 -12.98 3.77 18.82
N THR B 31 -14.08 4.00 19.54
CA THR B 31 -15.14 3.01 19.62
C THR B 31 -16.19 3.53 18.66
N ARG B 32 -16.46 2.76 17.61
CA ARG B 32 -17.44 3.18 16.62
C ARG B 32 -18.37 2.08 16.12
N ASN B 33 -18.93 1.31 17.04
CA ASN B 33 -19.87 0.27 16.64
C ASN B 33 -21.13 0.98 16.18
N THR B 34 -21.46 2.08 16.85
CA THR B 34 -22.62 2.90 16.51
C THR B 34 -22.09 4.20 15.93
N ALA B 35 -22.99 5.10 15.54
CA ALA B 35 -22.60 6.38 14.97
C ALA B 35 -22.09 7.32 16.06
N ARG B 36 -22.34 6.93 17.31
CA ARG B 36 -21.93 7.70 18.46
C ARG B 36 -20.52 7.25 18.87
N HIS B 37 -19.51 7.87 18.27
CA HIS B 37 -18.12 7.51 18.56
C HIS B 37 -17.64 7.89 19.95
N GLU B 38 -16.71 7.10 20.47
CA GLU B 38 -16.11 7.31 21.78
C GLU B 38 -14.60 7.35 21.55
N ILE B 39 -13.88 8.11 22.37
CA ILE B 39 -12.43 8.21 22.25
C ILE B 39 -11.71 7.85 23.54
N GLN B 40 -10.66 7.04 23.42
CA GLN B 40 -9.82 6.68 24.56
C GLN B 40 -8.41 7.02 24.11
N ASP B 41 -7.80 8.00 24.78
CA ASP B 41 -6.48 8.48 24.43
C ASP B 41 -5.51 8.16 25.58
N LEU B 42 -4.52 7.32 25.29
CA LEU B 42 -3.56 6.91 26.32
C LEU B 42 -2.09 7.02 25.91
N ASN B 43 -1.24 7.14 26.94
CA ASN B 43 0.20 7.19 26.76
C ASN B 43 0.64 6.02 27.64
N VAL B 44 0.95 4.90 27.00
CA VAL B 44 1.32 3.68 27.71
C VAL B 44 2.80 3.33 27.81
N THR B 45 3.20 2.86 28.99
CA THR B 45 4.58 2.44 29.23
C THR B 45 4.56 1.03 29.79
N SER B 46 5.41 0.17 29.24
CA SER B 46 5.49 -1.22 29.68
C SER B 46 6.93 -1.61 30.01
N GLN B 47 7.14 -2.14 31.20
CA GLN B 47 8.47 -2.59 31.61
C GLN B 47 8.35 -3.93 32.33
N LEU B 48 9.26 -4.85 32.00
CA LEU B 48 9.24 -6.18 32.57
C LEU B 48 10.36 -6.39 33.59
N ARG B 49 10.09 -7.27 34.54
CA ARG B 49 11.06 -7.62 35.57
C ARG B 49 11.16 -9.14 35.64
N GLY B 50 12.34 -9.64 35.97
CA GLY B 50 12.53 -11.08 36.05
C GLY B 50 13.99 -11.43 35.88
N ASP B 51 14.25 -12.62 35.33
CA ASP B 51 15.63 -13.05 35.15
C ASP B 51 16.24 -12.58 33.83
N PHE B 52 16.91 -11.43 33.89
CA PHE B 52 17.56 -10.82 32.73
C PHE B 52 19.05 -10.71 32.99
N GLU B 53 19.54 -11.54 33.90
CA GLU B 53 20.95 -11.58 34.28
C GLU B 53 21.87 -11.69 33.07
N ALA B 54 21.68 -12.73 32.27
CA ALA B 54 22.51 -12.97 31.09
C ALA B 54 22.46 -11.86 30.06
N ALA B 55 21.34 -11.16 29.97
CA ALA B 55 21.22 -10.07 29.02
C ALA B 55 22.19 -8.95 29.39
N HIS B 56 22.35 -8.72 30.68
CA HIS B 56 23.24 -7.66 31.15
C HIS B 56 24.72 -8.07 31.18
N THR B 57 25.00 -9.23 31.75
CA THR B 57 26.38 -9.70 31.87
C THR B 57 27.01 -10.26 30.60
N ALA B 58 26.21 -10.85 29.73
CA ALA B 58 26.73 -11.43 28.49
C ALA B 58 26.12 -10.90 27.20
N GLY B 59 25.00 -10.19 27.32
CA GLY B 59 24.35 -9.68 26.13
C GLY B 59 23.51 -10.76 25.47
N ASP B 60 23.17 -11.79 26.24
CA ASP B 60 22.36 -12.90 25.75
C ASP B 60 20.90 -12.46 25.82
N ASN B 61 20.28 -12.27 24.65
CA ASN B 61 18.90 -11.81 24.57
C ASN B 61 17.81 -12.88 24.57
N ALA B 62 18.16 -14.10 24.95
CA ALA B 62 17.19 -15.18 24.98
C ALA B 62 15.94 -14.84 25.80
N HIS B 63 16.13 -14.12 26.90
CA HIS B 63 15.00 -13.75 27.75
C HIS B 63 14.45 -12.35 27.45
N VAL B 64 15.10 -11.63 26.55
CA VAL B 64 14.64 -10.27 26.25
C VAL B 64 13.54 -10.12 25.21
N VAL B 65 12.31 -10.05 25.70
CA VAL B 65 11.15 -9.83 24.84
C VAL B 65 11.38 -8.40 24.34
N ALA B 66 11.63 -8.25 23.04
CA ALA B 66 11.91 -6.95 22.44
C ALA B 66 10.90 -5.87 22.85
N THR B 67 11.38 -4.66 23.09
CA THR B 67 10.47 -3.60 23.48
C THR B 67 9.52 -3.34 22.32
N ASP B 68 9.99 -3.58 21.10
CA ASP B 68 9.14 -3.39 19.92
C ASP B 68 7.96 -4.35 20.03
N THR B 69 8.23 -5.57 20.48
CA THR B 69 7.18 -6.57 20.64
C THR B 69 6.19 -6.12 21.71
N GLN B 70 6.72 -5.51 22.77
CA GLN B 70 5.85 -5.05 23.84
C GLN B 70 4.93 -3.98 23.26
N LYS B 71 5.48 -3.15 22.38
CA LYS B 71 4.71 -2.10 21.74
C LYS B 71 3.59 -2.68 20.88
N ASN B 72 3.95 -3.62 20.00
CA ASN B 72 2.95 -4.27 19.14
C ASN B 72 1.82 -4.88 19.95
N THR B 73 2.17 -5.45 21.10
CA THR B 73 1.18 -6.09 21.96
C THR B 73 0.16 -5.06 22.45
N VAL B 74 0.65 -3.89 22.83
CA VAL B 74 -0.24 -2.83 23.30
C VAL B 74 -1.31 -2.54 22.25
N TYR B 75 -0.88 -2.36 21.00
CA TYR B 75 -1.84 -2.08 19.93
C TYR B 75 -2.75 -3.26 19.62
N ALA B 76 -2.17 -4.47 19.63
CA ALA B 76 -2.94 -5.68 19.35
C ALA B 76 -4.04 -5.87 20.39
N PHE B 77 -3.71 -5.65 21.65
CA PHE B 77 -4.69 -5.78 22.73
C PHE B 77 -5.75 -4.68 22.68
N ALA B 78 -5.37 -3.47 22.26
CA ALA B 78 -6.33 -2.37 22.20
C ALA B 78 -7.47 -2.65 21.22
N ARG B 79 -7.20 -3.44 20.19
CA ARG B 79 -8.20 -3.80 19.18
C ARG B 79 -9.46 -4.37 19.81
N ASP B 80 -9.29 -5.12 20.90
CA ASP B 80 -10.41 -5.75 21.58
C ASP B 80 -11.17 -4.75 22.44
N GLY B 81 -10.59 -3.58 22.62
CA GLY B 81 -11.22 -2.56 23.43
C GLY B 81 -11.01 -2.83 24.91
N PHE B 82 -11.29 -1.83 25.73
CA PHE B 82 -11.13 -1.96 27.18
C PHE B 82 -12.10 -1.03 27.91
N ALA B 83 -12.64 -1.50 29.02
CA ALA B 83 -13.59 -0.72 29.81
C ALA B 83 -12.93 0.50 30.44
N THR B 84 -11.75 0.31 31.00
CA THR B 84 -11.02 1.40 31.65
C THR B 84 -9.53 1.22 31.42
N THR B 85 -8.77 2.25 31.75
CA THR B 85 -7.32 2.22 31.59
C THR B 85 -6.73 1.15 32.50
N GLU B 86 -7.24 1.06 33.72
CA GLU B 86 -6.75 0.05 34.66
C GLU B 86 -6.98 -1.37 34.14
N GLU B 87 -8.16 -1.61 33.56
CA GLU B 87 -8.49 -2.93 33.01
C GLU B 87 -7.51 -3.29 31.90
N PHE B 88 -7.13 -2.29 31.11
CA PHE B 88 -6.21 -2.50 30.00
C PHE B 88 -4.82 -2.88 30.55
N LEU B 89 -4.35 -2.15 31.56
CA LEU B 89 -3.05 -2.44 32.13
C LEU B 89 -3.03 -3.83 32.79
N LEU B 90 -4.14 -4.21 33.40
CA LEU B 90 -4.23 -5.52 34.04
C LEU B 90 -4.06 -6.62 33.01
N ARG B 91 -4.66 -6.44 31.84
CA ARG B 91 -4.54 -7.45 30.79
C ARG B 91 -3.10 -7.53 30.29
N LEU B 92 -2.44 -6.39 30.12
CA LEU B 92 -1.06 -6.37 29.66
C LEU B 92 -0.14 -7.07 30.65
N GLY B 93 -0.25 -6.70 31.92
CA GLY B 93 0.58 -7.30 32.95
C GLY B 93 0.40 -8.80 33.04
N LYS B 94 -0.84 -9.26 33.02
CA LYS B 94 -1.11 -10.70 33.10
C LYS B 94 -0.50 -11.43 31.91
N HIS B 95 -0.64 -10.85 30.73
CA HIS B 95 -0.10 -11.44 29.52
C HIS B 95 1.40 -11.68 29.58
N PHE B 96 2.15 -10.64 29.94
CA PHE B 96 3.60 -10.74 30.02
C PHE B 96 4.14 -11.61 31.14
N THR B 97 3.55 -11.52 32.33
CA THR B 97 4.03 -12.32 33.45
C THR B 97 3.73 -13.81 33.28
N GLU B 98 2.57 -14.12 32.71
CA GLU B 98 2.18 -15.52 32.52
C GLU B 98 2.63 -16.10 31.19
N GLY B 99 2.86 -15.25 30.19
CA GLY B 99 3.28 -15.73 28.89
C GLY B 99 4.75 -16.06 28.79
N PHE B 100 5.52 -15.68 29.80
CA PHE B 100 6.96 -15.94 29.81
C PHE B 100 7.38 -16.37 31.21
N ASP B 101 8.02 -17.53 31.30
CA ASP B 101 8.46 -18.08 32.59
C ASP B 101 9.49 -17.24 33.32
N TRP B 102 10.41 -16.63 32.58
CA TRP B 102 11.46 -15.83 33.20
C TRP B 102 11.00 -14.44 33.63
N VAL B 103 9.82 -14.02 33.16
CA VAL B 103 9.26 -12.73 33.54
C VAL B 103 8.39 -12.97 34.77
N THR B 104 8.80 -12.42 35.91
CA THR B 104 8.06 -12.62 37.15
C THR B 104 7.21 -11.43 37.58
N GLY B 105 7.36 -10.31 36.88
CA GLY B 105 6.58 -9.13 37.22
C GLY B 105 6.84 -7.98 36.29
N GLY B 106 6.56 -6.77 36.75
CA GLY B 106 6.78 -5.60 35.93
C GLY B 106 5.98 -4.41 36.39
N ARG B 107 6.06 -3.33 35.61
CA ARG B 107 5.35 -2.11 35.91
C ARG B 107 4.75 -1.60 34.61
N TRP B 108 3.44 -1.42 34.61
CA TRP B 108 2.72 -0.93 33.44
C TRP B 108 2.00 0.33 33.88
N ALA B 109 2.24 1.41 33.15
CA ALA B 109 1.61 2.67 33.50
C ALA B 109 1.02 3.39 32.29
N ALA B 110 0.06 4.27 32.55
CA ALA B 110 -0.55 5.01 31.48
C ALA B 110 -1.09 6.36 31.93
N GLN B 111 -1.04 7.31 31.00
CA GLN B 111 -1.60 8.63 31.24
C GLN B 111 -2.83 8.58 30.34
N GLN B 112 -3.96 9.06 30.84
CA GLN B 112 -5.17 9.10 30.05
C GLN B 112 -5.53 10.55 29.83
N PHE B 113 -5.73 10.92 28.56
CA PHE B 113 -6.07 12.27 28.18
C PHE B 113 -7.55 12.34 27.84
N PHE B 114 -8.23 13.36 28.35
CA PHE B 114 -9.65 13.51 28.13
C PHE B 114 -10.05 14.37 26.95
N TRP B 115 -11.15 13.98 26.32
CA TRP B 115 -11.70 14.68 25.17
C TRP B 115 -13.18 14.98 25.41
N ASP B 116 -13.64 16.12 24.90
CA ASP B 116 -15.04 16.52 25.01
C ASP B 116 -15.61 16.62 23.60
N ARG B 117 -16.90 16.33 23.44
CA ARG B 117 -17.52 16.44 22.12
C ARG B 117 -17.69 17.93 21.80
N ILE B 118 -17.62 18.25 20.52
CA ILE B 118 -17.81 19.64 20.08
C ILE B 118 -19.31 19.79 19.86
N ASN B 119 -19.96 20.59 20.71
CA ASN B 119 -21.40 20.80 20.60
C ASN B 119 -22.17 19.47 20.50
N ASP B 120 -21.75 18.50 21.29
CA ASP B 120 -22.40 17.19 21.33
C ASP B 120 -22.36 16.39 20.02
N HIS B 121 -21.40 16.70 19.16
CA HIS B 121 -21.26 16.02 17.87
C HIS B 121 -20.92 14.54 18.06
N ASP B 122 -21.46 13.69 17.17
CA ASP B 122 -21.22 12.25 17.23
C ASP B 122 -19.76 11.83 17.08
N HIS B 123 -19.00 12.53 16.24
CA HIS B 123 -17.61 12.15 16.03
C HIS B 123 -16.62 13.31 15.87
N ALA B 124 -16.86 14.40 16.58
CA ALA B 124 -15.96 15.56 16.54
C ALA B 124 -15.70 15.93 18.00
N PHE B 125 -14.42 16.03 18.36
CA PHE B 125 -14.04 16.32 19.74
C PHE B 125 -12.96 17.38 19.91
N SER B 126 -12.80 17.86 21.15
CA SER B 126 -11.77 18.84 21.49
C SER B 126 -11.14 18.33 22.79
N ARG B 127 -9.83 18.53 22.93
CA ARG B 127 -9.13 18.06 24.12
C ARG B 127 -9.45 18.87 25.37
N ASN B 128 -9.64 18.17 26.48
CA ASN B 128 -9.85 18.81 27.78
C ASN B 128 -8.47 18.62 28.39
N LYS B 129 -7.68 19.69 28.39
CA LYS B 129 -6.32 19.64 28.89
C LYS B 129 -6.17 20.10 30.33
N SER B 130 -7.28 20.29 31.02
CA SER B 130 -7.26 20.78 32.39
C SER B 130 -6.77 19.80 33.44
N GLU B 131 -6.61 18.54 33.07
CA GLU B 131 -6.11 17.52 33.98
C GLU B 131 -5.72 16.28 33.21
N VAL B 132 -4.81 15.51 33.78
CA VAL B 132 -4.35 14.25 33.18
C VAL B 132 -4.56 13.16 34.23
N ARG B 133 -5.18 12.06 33.82
CA ARG B 133 -5.42 10.94 34.73
C ARG B 133 -4.29 9.93 34.57
N THR B 134 -3.88 9.32 35.67
CA THR B 134 -2.82 8.33 35.61
C THR B 134 -3.20 7.02 36.27
N ALA B 135 -2.54 5.95 35.84
CA ALA B 135 -2.78 4.63 36.38
C ALA B 135 -1.46 3.87 36.29
N VAL B 136 -1.13 3.15 37.35
CA VAL B 136 0.09 2.36 37.37
C VAL B 136 -0.23 1.00 37.99
N LEU B 137 0.22 -0.06 37.32
CA LEU B 137 0.03 -1.41 37.82
C LEU B 137 1.37 -2.06 38.02
N GLU B 138 1.60 -2.62 39.20
CA GLU B 138 2.85 -3.32 39.47
C GLU B 138 2.53 -4.76 39.83
N ILE B 139 3.24 -5.69 39.21
CA ILE B 139 3.04 -7.10 39.50
C ILE B 139 4.33 -7.66 40.06
N SER B 140 4.20 -8.41 41.14
CA SER B 140 5.34 -9.04 41.80
C SER B 140 4.89 -10.46 42.11
N GLY B 141 5.40 -11.43 41.33
CA GLY B 141 5.02 -12.81 41.55
C GLY B 141 3.51 -12.96 41.43
N SER B 142 2.87 -13.41 42.51
CA SER B 142 1.42 -13.60 42.49
C SER B 142 0.70 -12.40 43.10
N GLU B 143 1.44 -11.34 43.40
CA GLU B 143 0.83 -10.14 43.97
C GLU B 143 0.82 -9.00 42.95
N GLN B 144 -0.22 -8.17 43.02
CA GLN B 144 -0.33 -7.03 42.12
C GLN B 144 -0.99 -5.86 42.85
N ALA B 145 -0.61 -4.65 42.47
CA ALA B 145 -1.17 -3.46 43.10
C ALA B 145 -1.40 -2.37 42.07
N ILE B 146 -2.45 -1.58 42.27
CA ILE B 146 -2.78 -0.50 41.35
C ILE B 146 -2.83 0.86 42.03
N VAL B 147 -2.20 1.84 41.40
CA VAL B 147 -2.20 3.20 41.91
C VAL B 147 -2.79 4.10 40.83
N ALA B 148 -3.85 4.82 41.16
CA ALA B 148 -4.48 5.73 40.22
C ALA B 148 -4.12 7.13 40.67
N GLY B 149 -4.22 8.10 39.76
CA GLY B 149 -3.88 9.45 40.15
C GLY B 149 -4.36 10.51 39.19
N ILE B 150 -4.12 11.76 39.59
CA ILE B 150 -4.51 12.89 38.78
C ILE B 150 -3.37 13.90 38.87
N GLU B 151 -3.17 14.67 37.80
CA GLU B 151 -2.11 15.66 37.80
C GLU B 151 -2.43 16.77 36.81
N GLY B 152 -1.74 17.90 36.95
CA GLY B 152 -1.95 19.02 36.06
C GLY B 152 -3.22 19.81 36.29
N LEU B 153 -3.87 19.59 37.44
CA LEU B 153 -5.08 20.33 37.75
C LEU B 153 -4.72 21.53 38.61
N THR B 154 -4.68 22.70 37.99
CA THR B 154 -4.32 23.92 38.71
C THR B 154 -5.54 24.56 39.36
N VAL B 155 -5.41 24.88 40.64
CA VAL B 155 -6.50 25.48 41.40
C VAL B 155 -5.99 26.70 42.18
N LEU B 156 -6.90 27.61 42.53
CA LEU B 156 -6.53 28.82 43.23
C LEU B 156 -7.68 29.38 44.06
N LYS B 157 -7.36 29.84 45.27
CA LYS B 157 -8.33 30.47 46.15
C LYS B 157 -7.84 31.93 46.22
N SER B 158 -8.70 32.89 45.92
CA SER B 158 -8.32 34.29 45.95
C SER B 158 -8.34 34.87 47.36
N THR B 159 -8.94 34.12 48.29
CA THR B 159 -9.00 34.52 49.69
C THR B 159 -9.34 33.28 50.51
N GLY B 160 -9.39 33.42 51.83
CA GLY B 160 -9.69 32.27 52.66
C GLY B 160 -8.45 31.43 52.86
N SER B 161 -7.30 32.11 52.93
CA SER B 161 -6.03 31.45 53.16
C SER B 161 -5.19 32.34 54.05
N GLU B 162 -4.55 31.73 55.05
CA GLU B 162 -3.73 32.49 55.98
C GLU B 162 -2.41 31.75 56.22
N PHE B 163 -1.45 32.46 56.80
CA PHE B 163 -0.18 31.87 57.15
C PHE B 163 0.50 32.77 58.19
N HIS B 164 0.46 32.32 59.44
CA HIS B 164 1.04 33.06 60.54
C HIS B 164 1.37 32.11 61.69
N GLY B 165 2.12 32.60 62.66
CA GLY B 165 2.49 31.76 63.79
C GLY B 165 3.72 30.91 63.54
N PHE B 166 4.39 31.12 62.41
CA PHE B 166 5.59 30.35 62.12
C PHE B 166 6.80 30.93 62.85
N PRO B 167 7.80 30.09 63.17
CA PRO B 167 8.99 30.57 63.87
C PRO B 167 9.74 31.64 63.09
N ARG B 168 10.42 32.53 63.80
CA ARG B 168 11.17 33.58 63.13
C ARG B 168 12.64 33.57 63.54
N ASP B 169 13.48 32.91 62.75
CA ASP B 169 14.90 32.89 63.06
C ASP B 169 15.56 34.08 62.39
N LYS B 170 16.90 34.13 62.39
CA LYS B 170 17.57 35.27 61.79
C LYS B 170 17.49 35.32 60.26
N TYR B 171 16.99 34.26 59.64
CA TYR B 171 16.86 34.23 58.19
C TYR B 171 15.41 34.40 57.76
N THR B 172 14.55 34.70 58.71
CA THR B 172 13.13 34.89 58.43
C THR B 172 12.77 36.34 58.17
N THR B 173 12.10 36.61 57.05
CA THR B 173 11.68 37.96 56.70
C THR B 173 10.20 38.00 56.31
N LEU B 174 9.65 36.82 56.01
CA LEU B 174 8.25 36.70 55.60
C LEU B 174 7.30 37.30 56.63
N GLN B 175 6.40 38.17 56.17
CA GLN B 175 5.42 38.78 57.06
C GLN B 175 4.23 37.86 57.21
N GLU B 176 3.67 37.81 58.41
CA GLU B 176 2.51 36.97 58.64
C GLU B 176 1.34 37.61 57.90
N THR B 177 0.37 36.79 57.51
CA THR B 177 -0.79 37.30 56.80
C THR B 177 -2.04 36.49 57.11
N THR B 178 -3.19 37.16 57.06
CA THR B 178 -4.46 36.50 57.32
C THR B 178 -5.30 36.48 56.04
N ASP B 179 -4.70 36.92 54.93
CA ASP B 179 -5.39 36.97 53.64
C ASP B 179 -4.39 36.96 52.49
N ARG B 180 -4.26 35.82 51.84
CA ARG B 180 -3.34 35.69 50.71
C ARG B 180 -3.96 34.74 49.70
N ILE B 181 -3.39 34.69 48.51
CA ILE B 181 -3.87 33.79 47.48
C ILE B 181 -3.21 32.43 47.74
N LEU B 182 -3.96 31.35 47.51
CA LEU B 182 -3.42 30.01 47.66
C LEU B 182 -3.64 29.32 46.31
N ALA B 183 -2.55 29.10 45.58
CA ALA B 183 -2.61 28.47 44.26
C ALA B 183 -1.65 27.29 44.20
N THR B 184 -2.10 26.18 43.61
CA THR B 184 -1.27 24.99 43.49
C THR B 184 -1.70 24.14 42.29
N ASP B 185 -0.93 23.10 42.00
CA ASP B 185 -1.24 22.16 40.92
C ASP B 185 -1.52 20.86 41.64
N VAL B 186 -2.75 20.40 41.59
CA VAL B 186 -3.09 19.18 42.28
C VAL B 186 -2.49 17.93 41.66
N SER B 187 -1.56 17.33 42.39
CA SER B 187 -0.92 16.09 41.98
C SER B 187 -1.22 15.12 43.12
N ALA B 188 -1.99 14.08 42.82
CA ALA B 188 -2.35 13.10 43.84
C ALA B 188 -2.38 11.71 43.25
N ARG B 189 -1.93 10.74 44.04
CA ARG B 189 -1.92 9.34 43.65
C ARG B 189 -2.39 8.53 44.85
N TRP B 190 -3.26 7.57 44.58
CA TRP B 190 -3.82 6.75 45.65
C TRP B 190 -3.73 5.28 45.30
N ARG B 191 -3.43 4.46 46.30
CA ARG B 191 -3.28 3.02 46.14
C ARG B 191 -4.51 2.24 46.58
N TYR B 192 -5.01 1.37 45.70
CA TYR B 192 -6.17 0.56 45.99
C TYR B 192 -5.77 -0.70 46.75
N ASN B 193 -6.63 -1.13 47.68
CA ASN B 193 -6.33 -2.33 48.44
C ASN B 193 -7.02 -3.55 47.82
N THR B 194 -7.54 -3.36 46.61
CA THR B 194 -8.20 -4.42 45.86
C THR B 194 -8.33 -4.03 44.39
N VAL B 195 -8.35 -5.03 43.50
CA VAL B 195 -8.47 -4.76 42.06
C VAL B 195 -9.92 -4.69 41.63
N GLU B 196 -10.84 -5.07 42.52
CA GLU B 196 -12.26 -5.03 42.19
C GLU B 196 -12.83 -3.64 42.52
N VAL B 197 -12.57 -2.69 41.63
CA VAL B 197 -13.03 -1.31 41.81
C VAL B 197 -13.70 -0.77 40.55
N ASP B 198 -14.62 0.18 40.73
CA ASP B 198 -15.28 0.84 39.61
C ASP B 198 -14.35 2.03 39.34
N PHE B 199 -13.20 1.72 38.77
CA PHE B 199 -12.17 2.71 38.49
C PHE B 199 -12.63 4.09 38.03
N ASP B 200 -13.48 4.15 37.01
CA ASP B 200 -13.94 5.45 36.54
C ASP B 200 -14.74 6.21 37.60
N ALA B 201 -15.64 5.51 38.28
CA ALA B 201 -16.46 6.14 39.31
C ALA B 201 -15.62 6.67 40.48
N VAL B 202 -14.64 5.88 40.91
CA VAL B 202 -13.79 6.31 42.01
C VAL B 202 -12.93 7.51 41.59
N TYR B 203 -12.41 7.47 40.36
CA TYR B 203 -11.58 8.59 39.89
C TYR B 203 -12.36 9.89 39.93
N ALA B 204 -13.58 9.87 39.40
CA ALA B 204 -14.41 11.07 39.38
C ALA B 204 -14.73 11.52 40.81
N SER B 205 -14.98 10.54 41.69
CA SER B 205 -15.29 10.85 43.08
C SER B 205 -14.10 11.52 43.76
N VAL B 206 -12.95 10.86 43.71
CA VAL B 206 -11.75 11.40 44.33
C VAL B 206 -11.47 12.82 43.84
N ARG B 207 -11.50 13.01 42.51
CA ARG B 207 -11.27 14.33 41.93
C ARG B 207 -12.17 15.38 42.58
N GLY B 208 -13.44 15.04 42.73
CA GLY B 208 -14.40 15.95 43.33
C GLY B 208 -14.13 16.21 44.80
N LEU B 209 -13.69 15.18 45.51
CA LEU B 209 -13.39 15.31 46.94
C LEU B 209 -12.16 16.21 47.15
N LEU B 210 -11.17 16.04 46.29
CA LEU B 210 -9.96 16.86 46.38
C LEU B 210 -10.27 18.32 46.11
N LEU B 211 -11.05 18.57 45.07
CA LEU B 211 -11.43 19.94 44.69
C LEU B 211 -12.27 20.59 45.78
N LYS B 212 -13.23 19.83 46.32
CA LYS B 212 -14.11 20.32 47.37
C LYS B 212 -13.32 20.65 48.64
N ALA B 213 -12.42 19.75 49.03
CA ALA B 213 -11.60 19.96 50.22
C ALA B 213 -10.73 21.20 50.05
N PHE B 214 -10.18 21.39 48.85
CA PHE B 214 -9.33 22.53 48.59
C PHE B 214 -10.07 23.86 48.69
N ALA B 215 -11.24 23.91 48.07
CA ALA B 215 -12.06 25.12 48.06
C ALA B 215 -12.74 25.48 49.39
N GLU B 216 -13.34 24.50 50.05
CA GLU B 216 -14.07 24.75 51.28
C GLU B 216 -13.27 24.81 52.57
N THR B 217 -12.00 24.43 52.53
CA THR B 217 -11.18 24.46 53.73
C THR B 217 -10.57 25.84 53.96
N HIS B 218 -10.86 26.45 55.10
CA HIS B 218 -10.26 27.75 55.42
C HIS B 218 -8.82 27.40 55.76
N SER B 219 -7.91 27.64 54.82
CA SER B 219 -6.52 27.28 55.00
C SER B 219 -5.63 28.11 55.93
N LEU B 220 -5.03 27.44 56.90
CA LEU B 220 -4.12 28.10 57.83
C LEU B 220 -2.70 27.74 57.39
N ALA B 221 -2.62 26.82 56.44
CA ALA B 221 -1.36 26.35 55.89
C ALA B 221 -1.65 25.39 54.74
N LEU B 222 -0.77 25.33 53.75
CA LEU B 222 -0.98 24.42 52.62
C LEU B 222 -1.02 23.00 53.17
N GLN B 223 -0.23 22.76 54.22
CA GLN B 223 -0.17 21.45 54.86
C GLN B 223 -1.53 21.01 55.37
N GLN B 224 -2.28 21.94 55.95
CA GLN B 224 -3.62 21.64 56.48
C GLN B 224 -4.61 21.37 55.36
N THR B 225 -4.56 22.18 54.30
CA THR B 225 -5.46 22.01 53.16
C THR B 225 -5.22 20.63 52.56
N MET B 226 -3.95 20.27 52.41
CA MET B 226 -3.59 19.00 51.84
C MET B 226 -4.08 17.86 52.75
N TYR B 227 -3.92 18.03 54.05
CA TYR B 227 -4.36 16.99 54.98
C TYR B 227 -5.87 16.78 54.83
N GLU B 228 -6.61 17.87 54.78
CA GLU B 228 -8.06 17.78 54.64
C GLU B 228 -8.47 17.13 53.33
N MET B 229 -7.71 17.38 52.27
CA MET B 229 -8.01 16.78 50.98
C MET B 229 -7.83 15.27 51.07
N GLY B 230 -6.71 14.84 51.64
CA GLY B 230 -6.44 13.42 51.76
C GLY B 230 -7.42 12.72 52.69
N ARG B 231 -7.82 13.42 53.75
CA ARG B 231 -8.75 12.86 54.72
C ARG B 231 -10.09 12.55 54.07
N ALA B 232 -10.59 13.50 53.28
CA ALA B 232 -11.86 13.34 52.60
C ALA B 232 -11.88 12.07 51.74
N VAL B 233 -10.76 11.81 51.06
CA VAL B 233 -10.66 10.63 50.20
C VAL B 233 -10.68 9.33 51.00
N ILE B 234 -9.80 9.23 51.99
CA ILE B 234 -9.72 8.02 52.81
C ILE B 234 -11.04 7.72 53.51
N GLU B 235 -11.71 8.75 54.01
CA GLU B 235 -12.98 8.57 54.70
C GLU B 235 -14.12 8.16 53.78
N THR B 236 -14.00 8.50 52.50
CA THR B 236 -15.05 8.18 51.53
C THR B 236 -14.87 6.86 50.80
N HIS B 237 -13.62 6.43 50.59
CA HIS B 237 -13.37 5.20 49.85
C HIS B 237 -12.62 4.10 50.60
N PRO B 238 -13.33 3.03 50.98
CA PRO B 238 -12.75 1.89 51.70
C PRO B 238 -11.72 1.14 50.86
N GLU B 239 -11.83 1.24 49.54
CA GLU B 239 -10.91 0.54 48.64
C GLU B 239 -9.55 1.23 48.50
N ILE B 240 -9.41 2.41 49.08
CA ILE B 240 -8.16 3.16 49.03
C ILE B 240 -7.44 3.10 50.38
N ASP B 241 -6.21 2.59 50.39
CA ASP B 241 -5.45 2.48 51.63
C ASP B 241 -4.63 3.72 51.96
N GLU B 242 -4.25 4.48 50.94
CA GLU B 242 -3.45 5.68 51.15
C GLU B 242 -3.44 6.57 49.92
N ILE B 243 -3.21 7.86 50.15
CA ILE B 243 -3.14 8.82 49.07
C ILE B 243 -1.96 9.73 49.35
N LYS B 244 -1.14 9.92 48.33
CA LYS B 244 0.04 10.76 48.40
C LYS B 244 -0.19 12.00 47.54
N MET B 245 0.15 13.16 48.09
CA MET B 245 -0.03 14.38 47.33
C MET B 245 1.24 15.22 47.33
N SER B 246 1.47 15.92 46.22
CA SER B 246 2.62 16.79 46.07
C SER B 246 2.04 18.10 45.58
N LEU B 247 2.01 19.09 46.45
CA LEU B 247 1.43 20.38 46.11
C LEU B 247 2.38 21.55 46.18
N PRO B 248 2.59 22.21 45.04
CA PRO B 248 3.48 23.37 44.99
C PRO B 248 2.69 24.60 45.45
N ASN B 249 3.36 25.51 46.13
CA ASN B 249 2.69 26.72 46.54
C ASN B 249 3.15 27.71 45.48
N LYS B 250 2.32 27.92 44.47
CA LYS B 250 2.64 28.82 43.37
C LYS B 250 2.39 30.25 43.81
N HIS B 251 3.48 30.87 44.26
CA HIS B 251 3.43 32.22 44.78
C HIS B 251 2.89 33.33 43.89
N HIS B 252 1.90 34.03 44.43
CA HIS B 252 1.29 35.18 43.78
C HIS B 252 1.61 36.33 44.73
N PHE B 253 2.59 37.13 44.35
CA PHE B 253 3.01 38.24 45.18
C PHE B 253 2.17 39.51 45.01
N LEU B 254 1.74 40.07 46.14
CA LEU B 254 0.96 41.30 46.11
C LEU B 254 1.96 42.38 45.74
N VAL B 255 1.79 42.98 44.56
CA VAL B 255 2.72 44.00 44.10
C VAL B 255 2.65 45.30 44.91
N ASP B 256 3.82 45.89 45.16
CA ASP B 256 3.87 47.15 45.91
C ASP B 256 3.58 48.29 44.94
N LEU B 257 2.43 48.93 45.14
CA LEU B 257 2.00 50.02 44.29
C LEU B 257 2.16 51.38 44.97
N GLN B 258 2.62 51.37 46.22
CA GLN B 258 2.81 52.61 46.95
C GLN B 258 3.73 53.58 46.20
N PRO B 259 4.80 53.07 45.56
CA PRO B 259 5.68 53.99 44.84
C PRO B 259 4.97 54.80 43.76
N PHE B 260 3.81 54.31 43.32
CA PHE B 260 3.07 55.01 42.26
C PHE B 260 1.90 55.81 42.83
N GLY B 261 1.88 55.97 44.15
CA GLY B 261 0.81 56.72 44.80
C GLY B 261 -0.47 55.94 44.93
N GLN B 262 -0.38 54.61 44.87
CA GLN B 262 -1.56 53.75 44.96
C GLN B 262 -1.49 52.82 46.17
N ASP B 263 -2.54 52.00 46.32
CA ASP B 263 -2.59 51.01 47.38
C ASP B 263 -2.98 49.74 46.61
N ASN B 264 -2.86 48.59 47.26
CA ASN B 264 -3.20 47.34 46.59
C ASN B 264 -3.98 46.46 47.56
N PRO B 265 -5.31 46.63 47.61
CA PRO B 265 -6.16 45.85 48.51
C PRO B 265 -6.38 44.41 48.05
N ASN B 266 -5.30 43.63 48.01
CA ASN B 266 -5.34 42.22 47.61
C ASN B 266 -5.95 42.06 46.21
N GLU B 267 -5.54 42.92 45.29
CA GLU B 267 -6.07 42.89 43.94
C GLU B 267 -5.08 42.61 42.82
N VAL B 268 -3.88 43.18 42.90
CA VAL B 268 -2.87 43.03 41.85
C VAL B 268 -1.71 42.15 42.28
N PHE B 269 -1.53 41.04 41.57
CA PHE B 269 -0.48 40.07 41.88
C PHE B 269 0.47 39.72 40.74
N TYR B 270 1.70 39.38 41.13
CA TYR B 270 2.72 38.95 40.21
C TYR B 270 2.83 37.44 40.46
N ALA B 271 2.55 36.63 39.45
CA ALA B 271 2.62 35.18 39.59
C ALA B 271 4.03 34.70 39.24
N ALA B 272 4.83 34.41 40.26
CA ALA B 272 6.21 33.98 40.05
C ALA B 272 6.31 32.53 39.60
N ASP B 273 7.27 32.25 38.72
CA ASP B 273 7.48 30.89 38.22
C ASP B 273 8.24 30.07 39.24
N ARG B 274 9.41 30.57 39.62
CA ARG B 274 10.27 29.89 40.59
C ARG B 274 10.96 30.95 41.47
N PRO B 275 11.29 30.61 42.72
CA PRO B 275 11.05 29.32 43.37
C PRO B 275 9.59 29.17 43.80
N TYR B 276 9.23 27.98 44.28
CA TYR B 276 7.88 27.74 44.76
C TYR B 276 7.95 26.80 45.94
N GLY B 277 7.00 26.94 46.86
CA GLY B 277 6.97 26.05 48.01
C GLY B 277 6.55 24.69 47.48
N LEU B 278 6.98 23.62 48.13
CA LEU B 278 6.60 22.28 47.71
C LEU B 278 6.25 21.49 48.95
N ILE B 279 4.95 21.30 49.15
CA ILE B 279 4.41 20.58 50.31
C ILE B 279 3.96 19.21 49.85
N GLU B 280 4.49 18.16 50.48
CA GLU B 280 4.15 16.79 50.10
C GLU B 280 3.82 15.95 51.32
N ALA B 281 2.85 15.04 51.18
CA ALA B 281 2.48 14.18 52.31
C ALA B 281 1.68 12.96 51.90
N THR B 282 1.74 11.95 52.76
CA THR B 282 1.01 10.72 52.56
C THR B 282 -0.06 10.67 53.64
N ILE B 283 -1.31 10.52 53.22
CA ILE B 283 -2.42 10.43 54.14
C ILE B 283 -2.90 9.00 53.99
N GLN B 284 -2.95 8.26 55.10
CA GLN B 284 -3.36 6.88 55.01
C GLN B 284 -4.33 6.41 56.07
N ARG B 285 -4.87 5.22 55.81
CA ARG B 285 -5.81 4.56 56.68
C ARG B 285 -5.02 3.94 57.82
N GLU B 286 -5.42 4.21 59.05
CA GLU B 286 -4.71 3.66 60.20
C GLU B 286 -4.55 2.15 60.10
N GLY B 287 -3.32 1.68 60.22
CA GLY B 287 -3.05 0.25 60.13
C GLY B 287 -2.46 -0.20 58.81
N SER B 288 -2.76 0.53 57.74
CA SER B 288 -2.26 0.18 56.40
C SER B 288 -0.75 0.26 56.27
N ARG B 289 -0.22 -0.39 55.24
CA ARG B 289 1.22 -0.42 54.98
C ARG B 289 1.76 0.98 54.70
N ALA B 290 3.04 1.21 55.03
CA ALA B 290 3.63 2.52 54.81
C ALA B 290 4.82 2.55 53.85
N ASP B 291 5.25 1.38 53.38
CA ASP B 291 6.39 1.34 52.47
C ASP B 291 6.18 0.41 51.29
N HIS B 292 4.97 0.42 50.73
CA HIS B 292 4.65 -0.44 49.59
C HIS B 292 5.64 -0.20 48.45
N PRO B 293 6.13 -1.29 47.83
CA PRO B 293 7.10 -1.26 46.72
C PRO B 293 6.68 -0.49 45.46
N ILE B 294 5.38 -0.36 45.24
CA ILE B 294 4.89 0.35 44.06
C ILE B 294 5.29 1.83 44.06
N TRP B 295 5.64 2.36 45.22
CA TRP B 295 6.05 3.76 45.30
C TRP B 295 7.52 3.96 44.95
N SER B 296 8.23 2.86 44.70
CA SER B 296 9.64 2.93 44.35
C SER B 296 9.86 3.24 42.87
N ASN B 297 8.95 2.76 42.02
CA ASN B 297 9.03 2.98 40.58
C ASN B 297 10.29 2.37 39.96
N THR C 11 -11.99 4.86 58.01
CA THR C 11 -12.02 4.74 59.50
C THR C 11 -11.14 5.82 60.14
N LYS C 12 -9.99 5.40 60.67
CA LYS C 12 -9.07 6.34 61.30
C LYS C 12 -8.03 6.82 60.28
N VAL C 13 -7.97 8.12 60.06
CA VAL C 13 -7.01 8.70 59.12
C VAL C 13 -5.74 9.11 59.86
N VAL C 14 -4.60 8.81 59.26
CA VAL C 14 -3.31 9.12 59.87
C VAL C 14 -2.35 9.82 58.90
N LEU C 15 -1.56 10.75 59.41
CA LEU C 15 -0.58 11.46 58.60
C LEU C 15 0.64 10.56 58.49
N GLY C 16 1.03 10.21 57.27
CA GLY C 16 2.19 9.38 57.07
C GLY C 16 3.44 10.19 56.77
N GLN C 17 4.27 9.66 55.89
CA GLN C 17 5.50 10.33 55.51
C GLN C 17 5.16 11.70 54.93
N ASN C 18 5.99 12.69 55.22
CA ASN C 18 5.74 14.03 54.70
C ASN C 18 7.00 14.88 54.72
N GLN C 19 7.03 15.90 53.88
CA GLN C 19 8.16 16.81 53.81
C GLN C 19 7.69 18.07 53.11
N TYR C 20 8.43 19.17 53.29
CA TYR C 20 8.04 20.42 52.66
C TYR C 20 9.23 21.36 52.68
N GLY C 21 9.23 22.31 51.75
CA GLY C 21 10.31 23.28 51.70
C GLY C 21 10.21 24.11 50.44
N LYS C 22 11.32 24.75 50.06
CA LYS C 22 11.31 25.57 48.86
C LYS C 22 12.02 24.81 47.74
N ALA C 23 11.38 24.75 46.58
CA ALA C 23 11.96 24.06 45.44
C ALA C 23 12.40 25.03 44.35
N GLU C 24 13.50 24.66 43.69
CA GLU C 24 14.06 25.41 42.58
C GLU C 24 14.47 26.85 42.85
N VAL C 25 15.35 27.02 43.84
CA VAL C 25 15.89 28.34 44.16
C VAL C 25 17.09 28.49 43.22
N ARG C 26 16.98 29.38 42.24
CA ARG C 26 18.05 29.58 41.27
C ARG C 26 19.11 30.52 41.81
N LEU C 27 20.29 29.95 42.05
CA LEU C 27 21.40 30.70 42.59
C LEU C 27 22.58 30.74 41.64
N VAL C 28 23.16 31.94 41.53
CA VAL C 28 24.36 32.13 40.71
C VAL C 28 25.33 32.82 41.65
N LYS C 29 26.44 32.14 41.95
CA LYS C 29 27.46 32.68 42.84
C LYS C 29 28.68 33.06 42.03
N VAL C 30 29.03 34.34 42.07
CA VAL C 30 30.19 34.83 41.36
C VAL C 30 31.34 34.99 42.35
N THR C 31 32.49 34.41 42.02
CA THR C 31 33.66 34.55 42.86
C THR C 31 34.48 35.60 42.12
N ARG C 32 34.71 36.75 42.75
CA ARG C 32 35.45 37.83 42.11
C ARG C 32 36.45 38.54 43.01
N ASN C 33 37.08 37.80 43.93
CA ASN C 33 38.09 38.41 44.79
C ASN C 33 39.26 38.83 43.90
N THR C 34 39.45 38.08 42.82
CA THR C 34 40.50 38.37 41.84
C THR C 34 39.81 38.73 40.53
N ALA C 35 40.56 39.27 39.58
CA ALA C 35 40.00 39.65 38.28
C ALA C 35 39.55 38.42 37.50
N ARG C 36 40.05 37.26 37.88
CA ARG C 36 39.66 36.03 37.22
C ARG C 36 38.37 35.52 37.87
N HIS C 37 37.22 35.95 37.35
CA HIS C 37 35.94 35.54 37.93
C HIS C 37 35.61 34.06 37.71
N GLU C 38 34.90 33.49 38.67
CA GLU C 38 34.46 32.11 38.60
C GLU C 38 32.95 32.14 38.79
N ILE C 39 32.25 31.18 38.20
CA ILE C 39 30.80 31.14 38.29
C ILE C 39 30.29 29.78 38.74
N GLN C 40 29.35 29.81 39.68
CA GLN C 40 28.71 28.60 40.17
C GLN C 40 27.21 28.87 39.97
N ASP C 41 26.57 28.01 39.20
CA ASP C 41 25.16 28.18 38.85
C ASP C 41 24.39 26.95 39.33
N LEU C 42 23.47 27.16 40.28
CA LEU C 42 22.70 26.05 40.84
C LEU C 42 21.19 26.27 40.85
N ASN C 43 20.47 25.15 40.95
CA ASN C 43 19.01 25.16 41.06
C ASN C 43 18.85 24.31 42.32
N VAL C 44 18.60 24.98 43.45
CA VAL C 44 18.49 24.31 44.75
C VAL C 44 17.10 24.08 45.31
N THR C 45 16.88 22.90 45.88
CA THR C 45 15.61 22.54 46.50
C THR C 45 15.90 22.09 47.94
N SER C 46 15.13 22.62 48.89
CA SER C 46 15.29 22.28 50.30
C SER C 46 13.97 21.80 50.89
N GLN C 47 13.97 20.60 51.46
CA GLN C 47 12.76 20.06 52.07
C GLN C 47 13.08 19.46 53.43
N LEU C 48 12.24 19.79 54.41
CA LEU C 48 12.46 19.32 55.78
C LEU C 48 11.52 18.20 56.20
N ARG C 49 12.01 17.38 57.12
CA ARG C 49 11.25 16.26 57.66
C ARG C 49 11.38 16.30 59.18
N GLY C 50 10.32 15.90 59.87
CA GLY C 50 10.34 15.91 61.33
C GLY C 50 8.93 15.82 61.87
N ASP C 51 8.70 16.47 63.00
CA ASP C 51 7.38 16.47 63.62
C ASP C 51 6.56 17.64 63.12
N PHE C 52 5.72 17.39 62.12
CA PHE C 52 4.88 18.41 61.55
C PHE C 52 3.41 18.02 61.65
N GLU C 53 3.12 17.15 62.61
CA GLU C 53 1.77 16.66 62.86
C GLU C 53 0.73 17.77 63.02
N ALA C 54 0.97 18.68 63.96
CA ALA C 54 0.06 19.79 64.23
C ALA C 54 -0.17 20.71 63.04
N ALA C 55 0.88 20.92 62.24
CA ALA C 55 0.76 21.77 61.07
C ALA C 55 -0.29 21.19 60.12
N HIS C 56 -0.24 19.87 59.94
CA HIS C 56 -1.19 19.20 59.05
C HIS C 56 -2.60 19.02 59.62
N THR C 57 -2.69 18.60 60.88
CA THR C 57 -4.01 18.36 61.46
C THR C 57 -4.72 19.55 62.07
N ALA C 58 -4.01 20.64 62.35
CA ALA C 58 -4.66 21.80 62.96
C ALA C 58 -4.26 23.15 62.36
N GLY C 59 -3.30 23.15 61.46
CA GLY C 59 -2.86 24.40 60.87
C GLY C 59 -2.03 25.21 61.85
N ASP C 60 -1.44 24.52 62.82
CA ASP C 60 -0.58 25.15 63.83
C ASP C 60 0.82 25.18 63.22
N ASN C 61 1.30 26.39 62.89
CA ASN C 61 2.60 26.53 62.25
C ASN C 61 3.82 26.77 63.13
N ALA C 62 3.70 26.45 64.42
CA ALA C 62 4.82 26.64 65.33
C ALA C 62 6.10 25.95 64.86
N HIS C 63 5.95 24.76 64.26
CA HIS C 63 7.08 23.98 63.77
C HIS C 63 7.42 24.26 62.30
N VAL C 64 6.58 25.04 61.64
CA VAL C 64 6.78 25.32 60.22
C VAL C 64 7.77 26.42 59.84
N VAL C 65 9.03 26.04 59.69
CA VAL C 65 10.06 26.99 59.25
C VAL C 65 9.61 27.34 57.83
N ALA C 66 9.21 28.59 57.61
CA ALA C 66 8.72 29.02 56.31
C ALA C 66 9.61 28.65 55.13
N THR C 67 8.99 28.23 54.02
CA THR C 67 9.77 27.87 52.84
C THR C 67 10.56 29.11 52.41
N ASP C 68 9.96 30.28 52.61
CA ASP C 68 10.62 31.55 52.27
C ASP C 68 11.92 31.69 53.09
N THR C 69 11.87 31.27 54.36
CA THR C 69 13.04 31.32 55.23
C THR C 69 14.11 30.34 54.73
N GLN C 70 13.67 29.17 54.26
CA GLN C 70 14.60 28.18 53.75
C GLN C 70 15.30 28.78 52.53
N LYS C 71 14.54 29.51 51.71
CA LYS C 71 15.07 30.17 50.53
C LYS C 71 16.13 31.21 50.94
N ASN C 72 15.78 32.04 51.92
CA ASN C 72 16.71 33.07 52.40
C ASN C 72 18.01 32.45 52.88
N THR C 73 17.89 31.30 53.53
CA THR C 73 19.06 30.61 54.06
C THR C 73 19.99 30.20 52.93
N VAL C 74 19.42 29.73 51.82
CA VAL C 74 20.23 29.34 50.68
C VAL C 74 21.10 30.50 50.21
N TYR C 75 20.51 31.66 50.00
CA TYR C 75 21.30 32.82 49.54
C TYR C 75 22.30 33.34 50.58
N ALA C 76 21.92 33.34 51.85
CA ALA C 76 22.83 33.81 52.88
C ALA C 76 24.04 32.88 52.97
N PHE C 77 23.81 31.57 52.89
CA PHE C 77 24.91 30.61 52.97
C PHE C 77 25.83 30.69 51.76
N ALA C 78 25.26 30.98 50.59
CA ALA C 78 26.04 31.09 49.37
C ALA C 78 27.06 32.23 49.46
N ARG C 79 26.75 33.24 50.26
CA ARG C 79 27.64 34.39 50.44
C ARG C 79 29.02 33.98 50.95
N ASP C 80 29.07 32.95 51.79
CA ASP C 80 30.33 32.49 52.34
C ASP C 80 31.10 31.68 51.31
N GLY C 81 30.41 31.23 50.27
CA GLY C 81 31.05 30.46 49.25
C GLY C 81 31.03 28.98 49.60
N PHE C 82 31.26 28.14 48.60
CA PHE C 82 31.28 26.70 48.78
C PHE C 82 32.21 26.09 47.75
N ALA C 83 32.97 25.07 48.16
CA ALA C 83 33.90 24.41 47.25
C ALA C 83 33.16 23.59 46.20
N THR C 84 32.11 22.89 46.63
CA THR C 84 31.33 22.05 45.72
C THR C 84 29.85 22.08 46.08
N THR C 85 29.02 21.65 45.14
CA THR C 85 27.59 21.60 45.34
C THR C 85 27.27 20.70 46.53
N GLU C 86 27.91 19.55 46.62
CA GLU C 86 27.68 18.62 47.71
C GLU C 86 28.00 19.25 49.07
N GLU C 87 29.11 19.98 49.15
CA GLU C 87 29.49 20.63 50.41
C GLU C 87 28.44 21.67 50.79
N PHE C 88 27.91 22.36 49.79
CA PHE C 88 26.89 23.39 50.02
C PHE C 88 25.64 22.73 50.60
N LEU C 89 25.22 21.62 50.01
CA LEU C 89 24.03 20.92 50.49
C LEU C 89 24.27 20.37 51.89
N LEU C 90 25.49 19.91 52.17
CA LEU C 90 25.83 19.39 53.49
C LEU C 90 25.66 20.46 54.56
N ARG C 91 26.10 21.68 54.25
CA ARG C 91 25.97 22.77 55.21
C ARG C 91 24.50 23.08 55.47
N LEU C 92 23.70 23.12 54.42
CA LEU C 92 22.27 23.40 54.54
C LEU C 92 21.55 22.35 55.39
N GLY C 93 21.86 21.08 55.12
CA GLY C 93 21.22 20.01 55.87
C GLY C 93 21.53 20.05 57.35
N LYS C 94 22.80 20.23 57.69
CA LYS C 94 23.20 20.29 59.08
C LYS C 94 22.57 21.47 59.80
N HIS C 95 22.43 22.57 59.09
CA HIS C 95 21.84 23.78 59.67
C HIS C 95 20.40 23.55 60.12
N PHE C 96 19.57 23.04 59.20
CA PHE C 96 18.16 22.82 59.51
C PHE C 96 17.91 21.71 60.54
N THR C 97 18.65 20.60 60.43
CA THR C 97 18.45 19.51 61.38
C THR C 97 18.92 19.89 62.78
N GLU C 98 20.07 20.55 62.87
CA GLU C 98 20.61 20.96 64.16
C GLU C 98 19.99 22.24 64.70
N GLY C 99 19.49 23.10 63.80
CA GLY C 99 18.91 24.36 64.23
C GLY C 99 17.49 24.30 64.77
N PHE C 100 16.81 23.20 64.54
CA PHE C 100 15.43 23.04 64.99
C PHE C 100 15.23 21.63 65.55
N ASP C 101 14.84 21.56 66.82
CA ASP C 101 14.64 20.29 67.50
C ASP C 101 13.60 19.37 66.86
N TRP C 102 12.54 19.95 66.32
CA TRP C 102 11.49 19.15 65.69
C TRP C 102 11.81 18.74 64.25
N VAL C 103 12.93 19.22 63.72
CA VAL C 103 13.36 18.88 62.37
C VAL C 103 14.43 17.81 62.53
N THR C 104 14.10 16.58 62.18
CA THR C 104 15.03 15.47 62.34
C THR C 104 15.76 15.04 61.08
N GLY C 105 15.39 15.61 59.95
CA GLY C 105 16.05 15.24 58.72
C GLY C 105 15.53 16.05 57.56
N GLY C 106 15.76 15.55 56.34
CA GLY C 106 15.29 16.26 55.18
C GLY C 106 15.96 15.77 53.91
N ARG C 107 15.72 16.51 52.83
CA ARG C 107 16.25 16.19 51.52
C ARG C 107 16.63 17.51 50.86
N TRP C 108 17.90 17.66 50.51
CA TRP C 108 18.40 18.86 49.87
C TRP C 108 19.03 18.44 48.55
N ALA C 109 18.53 19.03 47.47
CA ALA C 109 19.04 18.67 46.14
C ALA C 109 19.42 19.87 45.31
N ALA C 110 20.17 19.61 44.26
CA ALA C 110 20.58 20.67 43.37
C ALA C 110 20.98 20.18 41.99
N GLN C 111 20.80 21.05 41.02
CA GLN C 111 21.23 20.79 39.66
C GLN C 111 22.36 21.80 39.52
N GLN C 112 23.46 21.41 38.89
CA GLN C 112 24.57 22.33 38.68
C GLN C 112 24.69 22.51 37.17
N PHE C 113 24.72 23.76 36.73
CA PHE C 113 24.81 24.06 35.30
C PHE C 113 26.21 24.57 34.99
N PHE C 114 26.79 24.07 33.92
CA PHE C 114 28.16 24.44 33.56
C PHE C 114 28.32 25.59 32.60
N TRP C 115 29.36 26.37 32.86
CA TRP C 115 29.69 27.53 32.05
C TRP C 115 31.14 27.42 31.60
N ASP C 116 31.41 27.86 30.37
CA ASP C 116 32.77 27.88 29.83
C ASP C 116 33.09 29.33 29.56
N ARG C 117 34.37 29.70 29.65
CA ARG C 117 34.76 31.08 29.38
C ARG C 117 34.72 31.33 27.88
N ILE C 118 34.49 32.58 27.49
CA ILE C 118 34.47 32.96 26.09
C ILE C 118 35.91 33.33 25.74
N ASN C 119 36.57 32.51 24.93
CA ASN C 119 37.95 32.79 24.54
C ASN C 119 38.84 33.09 25.75
N ASP C 120 38.65 32.31 26.81
CA ASP C 120 39.44 32.47 28.03
C ASP C 120 39.29 33.83 28.70
N HIS C 121 38.16 34.50 28.47
CA HIS C 121 37.90 35.80 29.06
C HIS C 121 37.78 35.70 30.59
N ASP C 122 38.24 36.72 31.28
CA ASP C 122 38.20 36.75 32.74
C ASP C 122 36.79 36.77 33.33
N HIS C 123 35.85 37.41 32.64
CA HIS C 123 34.48 37.49 33.15
C HIS C 123 33.38 37.43 32.09
N ALA C 124 33.59 36.63 31.06
CA ALA C 124 32.62 36.46 29.99
C ALA C 124 32.53 34.95 29.78
N PHE C 125 31.32 34.41 29.86
CA PHE C 125 31.11 32.96 29.74
C PHE C 125 29.95 32.58 28.84
N SER C 126 29.91 31.32 28.43
CA SER C 126 28.81 30.80 27.62
C SER C 126 28.42 29.50 28.29
N ARG C 127 27.13 29.18 28.28
CA ARG C 127 26.67 27.96 28.92
C ARG C 127 26.97 26.69 28.15
N ASN C 128 27.40 25.66 28.88
CA ASN C 128 27.65 24.36 28.30
C ASN C 128 26.38 23.60 28.68
N LYS C 129 25.48 23.44 27.72
CA LYS C 129 24.19 22.78 27.97
C LYS C 129 24.18 21.28 27.67
N SER C 130 25.35 20.72 27.41
CA SER C 130 25.43 19.31 27.03
C SER C 130 25.21 18.29 28.14
N GLU C 131 25.14 18.75 29.39
CA GLU C 131 24.91 17.85 30.50
C GLU C 131 24.58 18.67 31.73
N VAL C 132 23.83 18.07 32.65
CA VAL C 132 23.48 18.73 33.90
C VAL C 132 23.95 17.81 35.02
N ARG C 133 24.62 18.39 36.01
CA ARG C 133 25.11 17.62 37.13
C ARG C 133 24.11 17.73 38.29
N THR C 134 23.89 16.64 39.00
CA THR C 134 22.95 16.65 40.11
C THR C 134 23.58 16.15 41.39
N ALA C 135 22.93 16.48 42.51
CA ALA C 135 23.40 16.05 43.81
C ALA C 135 22.19 16.07 44.73
N VAL C 136 22.09 15.07 45.59
CA VAL C 136 20.99 14.97 46.53
C VAL C 136 21.55 14.51 47.87
N LEU C 137 21.17 15.22 48.93
CA LEU C 137 21.60 14.86 50.27
C LEU C 137 20.36 14.53 51.07
N GLU C 138 20.40 13.40 51.77
CA GLU C 138 19.26 13.04 52.61
C GLU C 138 19.80 12.77 54.01
N ILE C 139 19.14 13.37 55.00
CA ILE C 139 19.51 13.19 56.39
C ILE C 139 18.32 12.57 57.09
N SER C 140 18.58 11.52 57.86
CA SER C 140 17.54 10.83 58.60
C SER C 140 18.14 10.56 59.99
N GLY C 141 17.89 11.47 60.93
CA GLY C 141 18.43 11.31 62.26
C GLY C 141 19.93 11.52 62.20
N SER C 142 20.69 10.52 62.63
CA SER C 142 22.15 10.61 62.62
C SER C 142 22.73 10.12 61.30
N GLU C 143 21.86 9.61 60.43
CA GLU C 143 22.32 9.08 59.14
C GLU C 143 22.29 10.11 58.02
N GLN C 144 23.34 10.12 57.21
CA GLN C 144 23.47 11.02 56.08
C GLN C 144 23.82 10.21 54.84
N ALA C 145 23.23 10.56 53.71
CA ALA C 145 23.50 9.84 52.46
C ALA C 145 23.54 10.82 51.31
N ILE C 146 24.51 10.65 50.42
CA ILE C 146 24.65 11.52 49.26
C ILE C 146 24.67 10.76 47.93
N VAL C 147 23.86 11.24 46.99
CA VAL C 147 23.80 10.65 45.67
C VAL C 147 24.13 11.72 44.64
N ALA C 148 25.14 11.47 43.81
CA ALA C 148 25.52 12.42 42.77
C ALA C 148 25.05 11.84 41.45
N GLY C 149 24.91 12.67 40.43
CA GLY C 149 24.45 12.17 39.16
C GLY C 149 24.72 13.04 37.97
N ILE C 150 24.36 12.54 36.80
CA ILE C 150 24.52 13.28 35.57
C ILE C 150 23.31 12.97 34.69
N GLU C 151 22.82 13.97 33.97
CA GLU C 151 21.67 13.78 33.11
C GLU C 151 21.76 14.67 31.88
N GLY C 152 20.90 14.40 30.89
CA GLY C 152 20.87 15.21 29.68
C GLY C 152 22.06 15.02 28.74
N LEU C 153 22.87 14.00 29.00
CA LEU C 153 24.04 13.73 28.17
C LEU C 153 23.65 12.74 27.08
N THR C 154 23.41 13.25 25.88
CA THR C 154 23.00 12.41 24.75
C THR C 154 24.19 11.87 23.98
N VAL C 155 24.18 10.56 23.75
CA VAL C 155 25.27 9.91 23.05
C VAL C 155 24.75 8.99 21.95
N LEU C 156 25.61 8.71 20.97
CA LEU C 156 25.22 7.86 19.86
C LEU C 156 26.40 7.14 19.23
N LYS C 157 26.18 5.88 18.86
CA LYS C 157 27.19 5.06 18.19
C LYS C 157 26.58 4.79 16.82
N SER C 158 27.30 5.14 15.76
CA SER C 158 26.77 4.94 14.40
C SER C 158 26.86 3.49 13.95
N THR C 159 27.62 2.69 14.70
CA THR C 159 27.77 1.27 14.39
C THR C 159 28.35 0.61 15.64
N GLY C 160 28.56 -0.70 15.58
CA GLY C 160 29.11 -1.39 16.75
C GLY C 160 28.00 -1.69 17.73
N SER C 161 26.81 -1.94 17.20
CA SER C 161 25.65 -2.26 18.03
C SER C 161 24.81 -3.32 17.31
N GLU C 162 24.49 -4.39 18.03
CA GLU C 162 23.71 -5.48 17.48
C GLU C 162 22.52 -5.82 18.39
N PHE C 163 21.54 -6.50 17.82
CA PHE C 163 20.39 -6.96 18.59
C PHE C 163 19.73 -8.12 17.87
N HIS C 164 19.98 -9.32 18.36
CA HIS C 164 19.44 -10.54 17.79
C HIS C 164 19.36 -11.60 18.87
N GLY C 165 18.70 -12.70 18.57
CA GLY C 165 18.59 -13.77 19.55
C GLY C 165 17.47 -13.58 20.56
N PHE C 166 16.60 -12.60 20.33
CA PHE C 166 15.49 -12.37 21.25
C PHE C 166 14.33 -13.30 20.87
N PRO C 167 13.48 -13.66 21.85
CA PRO C 167 12.35 -14.54 21.56
C PRO C 167 11.36 -13.94 20.57
N ARG C 168 10.69 -14.79 19.80
CA ARG C 168 9.73 -14.32 18.81
C ARG C 168 8.36 -14.94 19.00
N ASP C 169 7.38 -14.13 19.41
CA ASP C 169 6.03 -14.63 19.59
C ASP C 169 5.19 -14.07 18.45
N LYS C 170 3.88 -14.31 18.48
CA LYS C 170 3.04 -13.83 17.39
C LYS C 170 2.96 -12.31 17.28
N TYR C 171 3.49 -11.59 18.27
CA TYR C 171 3.46 -10.13 18.23
C TYR C 171 4.82 -9.55 17.87
N THR C 172 5.77 -10.41 17.53
CA THR C 172 7.11 -9.96 17.18
C THR C 172 7.27 -9.75 15.68
N THR C 173 7.67 -8.56 15.29
CA THR C 173 7.88 -8.24 13.87
C THR C 173 9.28 -7.68 13.66
N LEU C 174 9.96 -7.37 14.77
CA LEU C 174 11.32 -6.81 14.70
C LEU C 174 12.31 -7.78 14.08
N GLN C 175 13.11 -7.28 13.13
CA GLN C 175 14.12 -8.09 12.46
C GLN C 175 15.44 -8.03 13.21
N GLU C 176 16.13 -9.17 13.29
CA GLU C 176 17.41 -9.21 13.98
C GLU C 176 18.40 -8.38 13.19
N THR C 177 19.39 -7.80 13.87
CA THR C 177 20.39 -7.00 13.20
C THR C 177 21.76 -7.14 13.85
N THR C 178 22.81 -6.94 13.06
CA THR C 178 24.18 -7.02 13.54
C THR C 178 24.85 -5.67 13.37
N ASP C 179 24.08 -4.68 12.91
CA ASP C 179 24.59 -3.34 12.70
C ASP C 179 23.44 -2.33 12.77
N ARG C 180 23.36 -1.60 13.88
CA ARG C 180 22.32 -0.61 14.05
C ARG C 180 22.89 0.55 14.86
N ILE C 181 22.17 1.67 14.86
CA ILE C 181 22.59 2.83 15.63
C ILE C 181 22.09 2.62 17.06
N LEU C 182 22.89 3.04 18.02
CA LEU C 182 22.51 2.93 19.43
C LEU C 182 22.65 4.36 19.97
N ALA C 183 21.51 4.96 20.32
CA ALA C 183 21.50 6.32 20.86
C ALA C 183 20.68 6.37 22.14
N THR C 184 21.17 7.11 23.12
CA THR C 184 20.48 7.23 24.39
C THR C 184 20.86 8.54 25.08
N ASP C 185 20.16 8.86 26.14
CA ASP C 185 20.46 10.05 26.94
C ASP C 185 20.94 9.46 28.24
N VAL C 186 22.19 9.73 28.60
CA VAL C 186 22.73 9.18 29.82
C VAL C 186 22.20 9.85 31.09
N SER C 187 21.44 9.08 31.86
CA SER C 187 20.90 9.53 33.13
C SER C 187 21.48 8.53 34.12
N ALA C 188 22.38 8.99 34.98
CA ALA C 188 22.99 8.11 35.96
C ALA C 188 23.06 8.75 37.33
N ARG C 189 22.85 7.93 38.36
CA ARG C 189 22.90 8.37 39.75
C ARG C 189 23.71 7.36 40.55
N TRP C 190 24.65 7.84 41.35
CA TRP C 190 25.45 6.93 42.15
C TRP C 190 25.49 7.38 43.60
N ARG C 191 25.46 6.42 44.51
CA ARG C 191 25.45 6.69 45.95
C ARG C 191 26.82 6.51 46.59
N TYR C 192 27.27 7.55 47.30
CA TYR C 192 28.55 7.53 48.00
C TYR C 192 28.44 6.80 49.33
N ASN C 193 29.51 6.13 49.73
CA ASN C 193 29.51 5.41 51.00
C ASN C 193 30.30 6.16 52.09
N THR C 194 30.69 7.39 51.77
CA THR C 194 31.45 8.23 52.69
C THR C 194 31.31 9.69 52.29
N VAL C 195 31.51 10.60 53.24
CA VAL C 195 31.43 12.03 52.95
C VAL C 195 32.78 12.56 52.49
N GLU C 196 33.85 11.85 52.80
CA GLU C 196 35.17 12.32 52.38
C GLU C 196 35.51 11.88 50.96
N VAL C 197 34.97 12.64 50.02
CA VAL C 197 35.16 12.40 48.60
C VAL C 197 35.56 13.69 47.92
N ASP C 198 36.36 13.60 46.88
CA ASP C 198 36.74 14.76 46.09
C ASP C 198 35.59 14.78 45.09
N PHE C 199 34.47 15.35 45.50
CA PHE C 199 33.26 15.39 44.69
C PHE C 199 33.42 15.81 43.23
N ASP C 200 34.15 16.89 42.97
CA ASP C 200 34.34 17.34 41.59
C ASP C 200 35.18 16.33 40.78
N ALA C 201 36.25 15.85 41.40
CA ALA C 201 37.13 14.89 40.72
C ALA C 201 36.42 13.56 40.42
N VAL C 202 35.58 13.10 41.35
CA VAL C 202 34.87 11.85 41.11
C VAL C 202 33.81 12.02 40.02
N TYR C 203 33.11 13.16 40.03
CA TYR C 203 32.11 13.40 38.99
C TYR C 203 32.74 13.38 37.61
N ALA C 204 33.88 14.04 37.46
CA ALA C 204 34.58 14.08 36.18
C ALA C 204 35.02 12.68 35.78
N SER C 205 35.44 11.88 36.76
CA SER C 205 35.87 10.52 36.50
C SER C 205 34.72 9.62 36.08
N VAL C 206 33.64 9.64 36.84
CA VAL C 206 32.48 8.82 36.54
C VAL C 206 31.95 9.14 35.15
N ARG C 207 31.90 10.43 34.83
CA ARG C 207 31.42 10.87 33.53
C ARG C 207 32.27 10.25 32.42
N GLY C 208 33.59 10.32 32.59
CA GLY C 208 34.49 9.76 31.59
C GLY C 208 34.39 8.25 31.47
N LEU C 209 34.18 7.57 32.59
CA LEU C 209 34.07 6.12 32.58
C LEU C 209 32.79 5.69 31.88
N LEU C 210 31.69 6.43 32.10
CA LEU C 210 30.42 6.12 31.47
C LEU C 210 30.52 6.30 29.95
N LEU C 211 31.12 7.41 29.53
CA LEU C 211 31.30 7.72 28.12
C LEU C 211 32.20 6.68 27.44
N LYS C 212 33.30 6.37 28.12
CA LYS C 212 34.27 5.40 27.61
C LYS C 212 33.64 4.02 27.43
N ALA C 213 32.88 3.57 28.41
CA ALA C 213 32.24 2.26 28.34
C ALA C 213 31.18 2.22 27.25
N PHE C 214 30.40 3.29 27.14
CA PHE C 214 29.37 3.33 26.13
C PHE C 214 30.00 3.24 24.74
N ALA C 215 31.04 4.01 24.51
CA ALA C 215 31.72 4.06 23.22
C ALA C 215 32.53 2.82 22.84
N GLU C 216 33.26 2.27 23.81
CA GLU C 216 34.12 1.11 23.55
C GLU C 216 33.48 -0.27 23.61
N THR C 217 32.31 -0.37 24.20
CA THR C 217 31.66 -1.67 24.31
C THR C 217 30.92 -2.07 23.05
N HIS C 218 31.27 -3.21 22.48
CA HIS C 218 30.57 -3.70 21.29
C HIS C 218 29.25 -4.19 21.84
N SER C 219 28.22 -3.35 21.71
CA SER C 219 26.90 -3.65 22.26
C SER C 219 26.10 -4.76 21.59
N LEU C 220 25.72 -5.76 22.37
CA LEU C 220 24.88 -6.84 21.87
C LEU C 220 23.48 -6.58 22.39
N ALA C 221 23.37 -5.56 23.24
CA ALA C 221 22.11 -5.16 23.85
C ALA C 221 22.36 -3.90 24.69
N LEU C 222 21.34 -3.06 24.83
CA LEU C 222 21.51 -1.86 25.62
C LEU C 222 21.75 -2.26 27.08
N GLN C 223 21.16 -3.37 27.49
CA GLN C 223 21.32 -3.85 28.86
C GLN C 223 22.79 -4.15 29.15
N GLN C 224 23.48 -4.70 28.14
CA GLN C 224 24.89 -5.05 28.28
C GLN C 224 25.77 -3.82 28.35
N THR C 225 25.49 -2.85 27.50
CA THR C 225 26.27 -1.61 27.48
C THR C 225 26.13 -0.93 28.84
N MET C 226 24.90 -0.89 29.34
CA MET C 226 24.62 -0.27 30.62
C MET C 226 25.37 -1.00 31.73
N TYR C 227 25.36 -2.33 31.68
CA TYR C 227 26.06 -3.12 32.68
C TYR C 227 27.55 -2.78 32.69
N GLU C 228 28.15 -2.69 31.51
CA GLU C 228 29.57 -2.37 31.43
C GLU C 228 29.87 -0.97 31.94
N MET C 229 28.92 -0.05 31.72
CA MET C 229 29.11 1.33 32.19
C MET C 229 29.13 1.33 33.73
N GLY C 230 28.15 0.68 34.33
CA GLY C 230 28.09 0.63 35.78
C GLY C 230 29.26 -0.10 36.40
N ARG C 231 29.66 -1.22 35.80
CA ARG C 231 30.78 -2.02 36.31
C ARG C 231 32.06 -1.21 36.38
N ALA C 232 32.32 -0.43 35.34
CA ALA C 232 33.53 0.39 35.29
C ALA C 232 33.57 1.41 36.42
N VAL C 233 32.44 2.04 36.70
CA VAL C 233 32.37 3.04 37.77
C VAL C 233 32.62 2.39 39.13
N ILE C 234 31.93 1.31 39.43
CA ILE C 234 32.07 0.63 40.71
C ILE C 234 33.47 0.07 40.92
N GLU C 235 34.06 -0.50 39.86
CA GLU C 235 35.39 -1.06 39.97
C GLU C 235 36.46 0.01 40.16
N THR C 236 36.17 1.22 39.70
CA THR C 236 37.13 2.32 39.79
C THR C 236 37.07 3.16 41.06
N HIS C 237 35.87 3.35 41.60
CA HIS C 237 35.73 4.19 42.80
C HIS C 237 35.25 3.50 44.06
N PRO C 238 36.16 3.31 45.04
CA PRO C 238 35.84 2.65 46.32
C PRO C 238 34.78 3.41 47.12
N GLU C 239 34.65 4.72 46.89
CA GLU C 239 33.67 5.51 47.62
C GLU C 239 32.23 5.40 47.09
N ILE C 240 32.03 4.60 46.05
CA ILE C 240 30.70 4.42 45.48
C ILE C 240 30.19 3.00 45.75
N ASP C 241 28.98 2.88 46.29
CA ASP C 241 28.43 1.57 46.59
C ASP C 241 27.49 1.05 45.51
N GLU C 242 26.92 1.96 44.73
CA GLU C 242 26.00 1.58 43.66
C GLU C 242 25.74 2.71 42.70
N ILE C 243 25.33 2.33 41.50
CA ILE C 243 25.02 3.31 40.46
C ILE C 243 23.77 2.83 39.75
N LYS C 244 22.82 3.73 39.59
CA LYS C 244 21.58 3.44 38.90
C LYS C 244 21.57 4.18 37.58
N MET C 245 21.02 3.54 36.55
CA MET C 245 20.95 4.15 35.23
C MET C 245 19.60 3.89 34.59
N SER C 246 19.15 4.90 33.85
CA SER C 246 17.88 4.86 33.14
C SER C 246 18.26 5.31 31.74
N LEU C 247 18.32 4.37 30.80
CA LEU C 247 18.73 4.71 29.45
C LEU C 247 17.69 4.45 28.38
N PRO C 248 17.24 5.53 27.73
CA PRO C 248 16.25 5.35 26.67
C PRO C 248 16.93 4.90 25.38
N ASN C 249 16.28 4.01 24.64
CA ASN C 249 16.83 3.57 23.38
C ASN C 249 16.11 4.45 22.37
N LYS C 250 16.74 5.56 21.98
CA LYS C 250 16.15 6.51 21.04
C LYS C 250 16.31 5.98 19.62
N HIS C 251 15.25 5.33 19.15
CA HIS C 251 15.25 4.70 17.83
C HIS C 251 15.54 5.57 16.62
N HIS C 252 16.49 5.10 15.83
CA HIS C 252 16.87 5.74 14.59
C HIS C 252 16.56 4.66 13.55
N PHE C 253 15.45 4.81 12.85
CA PHE C 253 15.02 3.83 11.87
C PHE C 253 15.67 4.00 10.52
N LEU C 254 16.24 2.91 10.02
CA LEU C 254 16.89 2.92 8.71
C LEU C 254 15.75 3.07 7.71
N VAL C 255 15.74 4.17 6.98
CA VAL C 255 14.68 4.42 6.01
C VAL C 255 14.71 3.49 4.80
N ASP C 256 13.56 2.94 4.46
CA ASP C 256 13.47 2.05 3.31
C ASP C 256 13.31 2.88 2.04
N LEU C 257 14.36 2.89 1.23
CA LEU C 257 14.35 3.66 -0.02
C LEU C 257 14.24 2.73 -1.22
N GLN C 258 14.10 1.43 -0.98
CA GLN C 258 13.99 0.47 -2.07
C GLN C 258 12.81 0.76 -2.99
N PRO C 259 11.68 1.23 -2.45
CA PRO C 259 10.53 1.53 -3.31
C PRO C 259 10.92 2.54 -4.39
N PHE C 260 11.98 3.30 -4.13
CA PHE C 260 12.47 4.31 -5.06
C PHE C 260 13.68 3.78 -5.83
N GLY C 261 13.98 2.50 -5.65
CA GLY C 261 15.11 1.89 -6.32
C GLY C 261 16.46 2.24 -5.74
N GLN C 262 16.49 2.75 -4.51
CA GLN C 262 17.74 3.12 -3.86
C GLN C 262 18.02 2.21 -2.68
N ASP C 263 19.29 1.93 -2.41
CA ASP C 263 19.62 1.12 -1.25
C ASP C 263 19.95 2.12 -0.15
N ASN C 264 20.11 1.62 1.07
CA ASN C 264 20.45 2.50 2.19
C ASN C 264 21.39 1.72 3.09
N PRO C 265 22.69 1.79 2.80
CA PRO C 265 23.72 1.10 3.57
C PRO C 265 24.00 1.74 4.93
N ASN C 266 22.99 1.73 5.80
CA ASN C 266 23.11 2.27 7.14
C ASN C 266 23.53 3.73 7.13
N GLU C 267 22.94 4.52 6.24
CA GLU C 267 23.28 5.94 6.14
C GLU C 267 22.16 6.91 6.46
N VAL C 268 20.95 6.65 5.97
CA VAL C 268 19.82 7.55 6.19
C VAL C 268 18.85 7.03 7.23
N PHE C 269 18.67 7.82 8.29
CA PHE C 269 17.79 7.45 9.39
C PHE C 269 16.75 8.47 9.80
N TYR C 270 15.63 7.96 10.29
CA TYR C 270 14.54 8.76 10.81
C TYR C 270 14.65 8.66 12.34
N ALA C 271 14.88 9.77 13.03
CA ALA C 271 15.00 9.75 14.48
C ALA C 271 13.64 9.98 15.13
N ALA C 272 12.96 8.90 15.49
CA ALA C 272 11.63 8.97 16.11
C ALA C 272 11.66 9.50 17.54
N ASP C 273 10.63 10.25 17.91
CA ASP C 273 10.52 10.83 19.25
C ASP C 273 10.01 9.80 20.25
N ARG C 274 8.79 9.32 20.01
CA ARG C 274 8.15 8.33 20.86
C ARG C 274 7.46 7.31 19.95
N PRO C 275 7.34 6.06 20.40
CA PRO C 275 7.82 5.58 21.70
C PRO C 275 9.31 5.32 21.66
N TYR C 276 9.87 4.95 22.82
CA TYR C 276 11.29 4.64 22.93
C TYR C 276 11.48 3.52 23.93
N GLY C 277 12.54 2.74 23.75
CA GLY C 277 12.81 1.69 24.69
C GLY C 277 13.34 2.37 25.94
N LEU C 278 13.09 1.79 27.10
CA LEU C 278 13.60 2.36 28.35
C LEU C 278 14.20 1.21 29.15
N ILE C 279 15.52 1.20 29.24
CA ILE C 279 16.25 0.16 29.96
C ILE C 279 16.84 0.78 31.22
N GLU C 280 16.56 0.17 32.37
CA GLU C 280 17.04 0.68 33.64
C GLU C 280 17.63 -0.44 34.48
N ALA C 281 18.67 -0.10 35.24
CA ALA C 281 19.32 -1.08 36.09
C ALA C 281 20.17 -0.46 37.17
N THR C 282 20.41 -1.25 38.20
CA THR C 282 21.23 -0.86 39.32
C THR C 282 22.44 -1.79 39.33
N ILE C 283 23.63 -1.22 39.34
CA ILE C 283 24.85 -2.00 39.39
C ILE C 283 25.40 -1.70 40.78
N GLN C 284 25.54 -2.73 41.61
CA GLN C 284 26.00 -2.56 42.99
C GLN C 284 27.29 -3.26 43.36
N ARG C 285 27.95 -2.72 44.37
CA ARG C 285 29.17 -3.31 44.91
C ARG C 285 28.62 -4.51 45.66
N GLU C 286 29.16 -5.70 45.41
CA GLU C 286 28.66 -6.89 46.07
C GLU C 286 28.53 -6.76 47.58
N GLY C 287 27.37 -7.12 48.12
CA GLY C 287 27.17 -7.06 49.56
C GLY C 287 26.75 -5.71 50.11
N SER C 288 26.64 -4.69 49.26
CA SER C 288 26.23 -3.36 49.72
C SER C 288 24.72 -3.32 49.96
N ARG C 289 24.26 -2.26 50.62
CA ARG C 289 22.84 -2.13 50.92
C ARG C 289 21.96 -2.35 49.69
N ALA C 290 20.90 -3.13 49.87
CA ALA C 290 19.99 -3.46 48.78
C ALA C 290 19.01 -2.37 48.37
N ASP C 291 18.38 -1.72 49.35
CA ASP C 291 17.40 -0.67 49.05
C ASP C 291 17.52 0.55 49.96
N HIS C 292 18.60 1.31 49.82
CA HIS C 292 18.79 2.50 50.63
C HIS C 292 17.58 3.43 50.48
N PRO C 293 17.08 3.98 51.59
CA PRO C 293 15.93 4.88 51.61
C PRO C 293 16.02 6.11 50.69
N ILE C 294 17.22 6.61 50.45
CA ILE C 294 17.40 7.80 49.61
C ILE C 294 16.79 7.67 48.22
N TRP C 295 16.68 6.44 47.72
CA TRP C 295 16.12 6.24 46.39
C TRP C 295 14.61 6.42 46.34
N SER C 296 13.96 6.36 47.50
CA SER C 296 12.51 6.52 47.59
C SER C 296 12.05 7.95 47.33
N ASN C 297 12.73 8.91 47.95
CA ASN C 297 12.41 10.32 47.80
C ASN C 297 11.17 10.71 48.62
N THR D 11 -19.06 39.40 3.10
CA THR D 11 -19.63 39.27 1.72
C THR D 11 -18.78 38.36 0.85
N LYS D 12 -17.74 38.93 0.24
CA LYS D 12 -16.85 38.16 -0.63
C LYS D 12 -15.56 37.80 0.10
N VAL D 13 -15.31 36.50 0.20
CA VAL D 13 -14.12 35.97 0.87
C VAL D 13 -13.06 35.56 -0.15
N VAL D 14 -11.81 35.92 0.14
CA VAL D 14 -10.70 35.61 -0.75
C VAL D 14 -9.59 34.84 -0.05
N LEU D 15 -9.02 33.86 -0.75
CA LEU D 15 -7.91 33.10 -0.21
C LEU D 15 -6.67 33.94 -0.44
N GLY D 16 -5.96 34.25 0.64
CA GLY D 16 -4.75 35.05 0.53
C GLY D 16 -3.50 34.18 0.55
N GLN D 17 -2.45 34.69 1.17
CA GLN D 17 -1.20 33.96 1.26
C GLN D 17 -1.44 32.60 1.89
N ASN D 18 -0.75 31.58 1.39
CA ASN D 18 -0.89 30.24 1.93
C ASN D 18 0.30 29.37 1.56
N GLN D 19 0.58 28.38 2.39
CA GLN D 19 1.69 27.45 2.18
C GLN D 19 1.39 26.18 2.99
N TYR D 20 1.97 25.06 2.59
CA TYR D 20 1.73 23.82 3.30
C TYR D 20 2.85 22.83 3.02
N GLY D 21 3.01 21.85 3.90
CA GLY D 21 4.05 20.86 3.71
C GLY D 21 4.26 20.02 4.96
N LYS D 22 5.41 19.37 5.05
CA LYS D 22 5.72 18.54 6.20
C LYS D 22 6.69 19.27 7.10
N ALA D 23 6.32 19.39 8.37
CA ALA D 23 7.17 20.08 9.33
C ALA D 23 7.87 19.08 10.24
N GLU D 24 9.08 19.47 10.65
CA GLU D 24 9.91 18.70 11.55
C GLU D 24 10.21 17.24 11.20
N VAL D 25 10.84 17.05 10.04
CA VAL D 25 11.26 15.74 9.59
C VAL D 25 12.66 15.57 10.18
N ARG D 26 12.78 14.67 11.13
CA ARG D 26 14.05 14.42 11.80
C ARG D 26 14.90 13.45 11.00
N LEU D 27 16.03 13.97 10.54
CA LEU D 27 16.95 13.21 9.71
C LEU D 27 18.36 13.12 10.28
N VAL D 28 18.91 11.92 10.25
CA VAL D 28 20.27 11.71 10.67
C VAL D 28 20.97 11.02 9.51
N LYS D 29 21.95 11.70 8.94
CA LYS D 29 22.70 11.15 7.83
C LYS D 29 24.08 10.74 8.33
N VAL D 30 24.39 9.45 8.22
CA VAL D 30 25.68 8.95 8.65
C VAL D 30 26.56 8.74 7.43
N THR D 31 27.75 9.34 7.44
CA THR D 31 28.69 9.18 6.33
C THR D 31 29.66 8.11 6.81
N ARG D 32 29.65 6.96 6.14
CA ARG D 32 30.51 5.86 6.55
C ARG D 32 31.23 5.13 5.42
N ASN D 33 31.76 5.88 4.45
CA ASN D 33 32.49 5.27 3.36
C ASN D 33 33.85 4.80 3.85
N THR D 34 34.31 5.41 4.95
CA THR D 34 35.58 5.07 5.57
C THR D 34 35.25 4.78 7.05
N ALA D 35 36.19 4.17 7.77
CA ALA D 35 35.97 3.85 9.18
C ALA D 35 35.71 5.09 10.03
N ARG D 36 36.04 6.26 9.49
CA ARG D 36 35.84 7.52 10.19
C ARG D 36 34.46 8.08 9.89
N HIS D 37 33.47 7.66 10.67
CA HIS D 37 32.10 8.11 10.46
C HIS D 37 31.85 9.60 10.75
N GLU D 38 30.90 10.17 10.01
CA GLU D 38 30.52 11.56 10.16
C GLU D 38 29.01 11.57 10.45
N ILE D 39 28.56 12.57 11.19
CA ILE D 39 27.14 12.67 11.52
C ILE D 39 26.54 14.03 11.19
N GLN D 40 25.40 14.00 10.49
CA GLN D 40 24.67 15.22 10.15
C GLN D 40 23.28 14.97 10.71
N ASP D 41 22.86 15.83 11.64
CA ASP D 41 21.58 15.69 12.32
C ASP D 41 20.72 16.92 12.05
N LEU D 42 19.61 16.73 11.33
CA LEU D 42 18.73 17.85 10.99
C LEU D 42 17.27 17.67 11.38
N ASN D 43 16.58 18.80 11.51
CA ASN D 43 15.14 18.84 11.78
C ASN D 43 14.68 19.68 10.60
N VAL D 44 14.14 19.02 9.57
CA VAL D 44 13.73 19.69 8.34
C VAL D 44 12.24 19.96 8.15
N THR D 45 11.92 21.16 7.66
CA THR D 45 10.55 21.55 7.37
C THR D 45 10.45 22.02 5.92
N SER D 46 9.47 21.49 5.20
CA SER D 46 9.24 21.83 3.79
C SER D 46 7.82 22.33 3.58
N GLN D 47 7.69 23.49 2.96
CA GLN D 47 6.37 24.03 2.65
C GLN D 47 6.38 24.65 1.26
N LEU D 48 5.32 24.38 0.51
CA LEU D 48 5.20 24.86 -0.86
C LEU D 48 4.22 26.00 -1.01
N ARG D 49 4.45 26.80 -2.05
CA ARG D 49 3.61 27.94 -2.38
C ARG D 49 3.31 27.87 -3.86
N GLY D 50 2.13 28.35 -4.25
CA GLY D 50 1.75 28.32 -5.65
C GLY D 50 0.24 28.38 -5.76
N ASP D 51 -0.30 27.75 -6.79
CA ASP D 51 -1.74 27.74 -7.02
C ASP D 51 -2.44 26.57 -6.33
N PHE D 52 -3.00 26.84 -5.15
CA PHE D 52 -3.70 25.84 -4.38
C PHE D 52 -5.11 26.32 -4.09
N GLU D 53 -5.63 27.16 -4.97
CA GLU D 53 -6.96 27.72 -4.84
C GLU D 53 -8.04 26.63 -4.73
N ALA D 54 -8.09 25.73 -5.72
CA ALA D 54 -9.09 24.66 -5.72
C ALA D 54 -8.99 23.73 -4.51
N ALA D 55 -7.79 23.51 -4.02
CA ALA D 55 -7.60 22.65 -2.86
C ALA D 55 -8.34 23.24 -1.67
N HIS D 56 -8.26 24.55 -1.52
CA HIS D 56 -8.92 25.23 -0.40
C HIS D 56 -10.42 25.45 -0.61
N THR D 57 -10.81 25.90 -1.80
CA THR D 57 -12.22 26.18 -2.06
C THR D 57 -13.08 24.97 -2.42
N ALA D 58 -12.49 23.93 -2.99
CA ALA D 58 -13.27 22.77 -3.39
C ALA D 58 -12.76 21.43 -2.87
N GLY D 59 -11.59 21.42 -2.26
CA GLY D 59 -11.06 20.17 -1.77
C GLY D 59 -10.55 19.30 -2.92
N ASP D 60 -10.22 19.92 -4.04
CA ASP D 60 -9.69 19.20 -5.20
C ASP D 60 -8.18 19.15 -4.97
N ASN D 61 -7.65 17.95 -4.79
CA ASN D 61 -6.23 17.79 -4.49
C ASN D 61 -5.25 17.54 -5.63
N ALA D 62 -5.67 17.81 -6.86
CA ALA D 62 -4.80 17.59 -8.01
C ALA D 62 -3.45 18.29 -7.89
N HIS D 63 -3.45 19.49 -7.31
CA HIS D 63 -2.21 20.26 -7.15
C HIS D 63 -1.49 19.99 -5.83
N VAL D 64 -2.11 19.21 -4.96
CA VAL D 64 -1.53 18.95 -3.65
C VAL D 64 -0.50 17.83 -3.54
N VAL D 65 0.78 18.17 -3.68
CA VAL D 65 1.83 17.19 -3.52
C VAL D 65 1.73 16.85 -2.03
N ALA D 66 1.40 15.59 -1.71
CA ALA D 66 1.22 15.19 -0.30
C ALA D 66 2.38 15.55 0.62
N THR D 67 2.06 15.95 1.86
CA THR D 67 3.12 16.28 2.79
C THR D 67 3.95 15.02 3.00
N ASP D 68 3.29 13.86 2.95
CA ASP D 68 4.00 12.59 3.12
C ASP D 68 5.04 12.43 2.01
N THR D 69 4.70 12.89 0.81
CA THR D 69 5.61 12.80 -0.33
C THR D 69 6.81 13.73 -0.10
N GLN D 70 6.55 14.93 0.39
CA GLN D 70 7.63 15.87 0.66
C GLN D 70 8.60 15.24 1.66
N LYS D 71 8.05 14.55 2.65
CA LYS D 71 8.86 13.88 3.66
C LYS D 71 9.73 12.80 2.99
N ASN D 72 9.11 11.96 2.16
CA ASN D 72 9.84 10.91 1.45
C ASN D 72 10.97 11.51 0.62
N THR D 73 10.70 12.67 0.01
CA THR D 73 11.69 13.34 -0.82
C THR D 73 12.92 13.75 0.01
N VAL D 74 12.67 14.22 1.23
CA VAL D 74 13.77 14.62 2.11
C VAL D 74 14.70 13.42 2.34
N TYR D 75 14.13 12.27 2.68
CA TYR D 75 14.94 11.08 2.91
C TYR D 75 15.62 10.57 1.65
N ALA D 76 14.90 10.57 0.54
CA ALA D 76 15.47 10.09 -0.72
C ALA D 76 16.68 10.93 -1.12
N PHE D 77 16.58 12.25 -0.96
CA PHE D 77 17.69 13.14 -1.30
C PHE D 77 18.86 13.01 -0.35
N ALA D 78 18.58 12.75 0.93
CA ALA D 78 19.63 12.61 1.93
C ALA D 78 20.57 11.46 1.59
N ARG D 79 20.06 10.47 0.88
CA ARG D 79 20.84 9.31 0.49
C ARG D 79 22.10 9.70 -0.28
N ASP D 80 22.00 10.74 -1.09
CA ASP D 80 23.14 11.21 -1.89
C ASP D 80 24.12 12.03 -1.08
N GLY D 81 23.72 12.37 0.14
CA GLY D 81 24.59 13.19 0.97
C GLY D 81 24.50 14.64 0.58
N PHE D 82 25.09 15.51 1.39
CA PHE D 82 25.07 16.94 1.15
C PHE D 82 26.21 17.58 1.92
N ALA D 83 26.88 18.55 1.30
CA ALA D 83 28.00 19.23 1.93
C ALA D 83 27.57 20.05 3.13
N THR D 84 26.47 20.79 2.98
CA THR D 84 25.97 21.63 4.05
C THR D 84 24.45 21.61 4.09
N THR D 85 23.89 22.11 5.19
CA THR D 85 22.45 22.17 5.37
C THR D 85 21.86 23.06 4.28
N GLU D 86 22.49 24.20 4.04
CA GLU D 86 22.00 25.11 3.01
C GLU D 86 21.97 24.44 1.64
N GLU D 87 23.01 23.65 1.34
CA GLU D 87 23.09 22.96 0.05
C GLU D 87 21.93 21.98 -0.07
N PHE D 88 21.62 21.30 1.02
CA PHE D 88 20.54 20.34 1.05
C PHE D 88 19.20 21.03 0.82
N LEU D 89 18.98 22.17 1.48
CA LEU D 89 17.72 22.91 1.31
C LEU D 89 17.58 23.42 -0.12
N LEU D 90 18.70 23.85 -0.71
CA LEU D 90 18.69 24.35 -2.08
C LEU D 90 18.24 23.27 -3.05
N ARG D 91 18.66 22.03 -2.79
CA ARG D 91 18.29 20.93 -3.66
C ARG D 91 16.78 20.68 -3.58
N LEU D 92 16.25 20.69 -2.38
CA LEU D 92 14.82 20.47 -2.15
C LEU D 92 13.99 21.56 -2.82
N GLY D 93 14.37 22.81 -2.58
CA GLY D 93 13.65 23.93 -3.16
C GLY D 93 13.57 23.85 -4.68
N LYS D 94 14.71 23.58 -5.31
CA LYS D 94 14.76 23.48 -6.76
C LYS D 94 13.85 22.34 -7.24
N HIS D 95 13.93 21.20 -6.58
CA HIS D 95 13.12 20.04 -6.94
C HIS D 95 11.62 20.34 -6.99
N PHE D 96 11.09 20.88 -5.91
CA PHE D 96 9.66 21.16 -5.86
C PHE D 96 9.21 22.28 -6.80
N THR D 97 9.98 23.36 -6.88
CA THR D 97 9.57 24.45 -7.76
C THR D 97 9.65 24.07 -9.25
N GLU D 98 10.66 23.31 -9.63
CA GLU D 98 10.81 22.91 -11.02
C GLU D 98 10.04 21.65 -11.40
N GLY D 99 9.73 20.82 -10.40
CA GLY D 99 9.02 19.58 -10.68
C GLY D 99 7.52 19.70 -10.86
N PHE D 100 6.95 20.82 -10.44
CA PHE D 100 5.51 21.03 -10.55
C PHE D 100 5.22 22.44 -11.04
N ASP D 101 4.51 22.54 -12.16
CA ASP D 101 4.19 23.84 -12.74
C ASP D 101 3.38 24.78 -11.86
N TRP D 102 2.51 24.23 -11.02
CA TRP D 102 1.69 25.05 -10.15
C TRP D 102 2.40 25.46 -8.87
N VAL D 103 3.59 24.92 -8.64
CA VAL D 103 4.38 25.28 -7.46
C VAL D 103 5.39 26.33 -7.89
N THR D 104 5.17 27.57 -7.44
CA THR D 104 6.03 28.69 -7.82
C THR D 104 7.10 29.08 -6.82
N GLY D 105 7.05 28.48 -5.62
CA GLY D 105 8.04 28.79 -4.62
C GLY D 105 7.79 28.03 -3.34
N GLY D 106 8.33 28.55 -2.24
CA GLY D 106 8.13 27.88 -0.97
C GLY D 106 9.15 28.28 0.07
N ARG D 107 9.08 27.64 1.22
CA ARG D 107 9.99 27.90 2.32
C ARG D 107 10.50 26.55 2.84
N TRP D 108 11.82 26.41 2.86
CA TRP D 108 12.45 25.19 3.34
C TRP D 108 13.38 25.59 4.47
N ALA D 109 13.18 24.99 5.63
CA ALA D 109 13.98 25.33 6.80
C ALA D 109 14.58 24.11 7.49
N ALA D 110 15.62 24.35 8.26
CA ALA D 110 16.26 23.28 9.00
C ALA D 110 17.01 23.77 10.22
N GLN D 111 17.03 22.93 11.25
CA GLN D 111 17.79 23.22 12.44
C GLN D 111 18.85 22.14 12.34
N GLN D 112 20.08 22.49 12.63
CA GLN D 112 21.18 21.54 12.58
C GLN D 112 21.70 21.38 14.00
N PHE D 113 21.75 20.13 14.46
CA PHE D 113 22.23 19.83 15.81
C PHE D 113 23.66 19.33 15.71
N PHE D 114 24.50 19.76 16.64
CA PHE D 114 25.90 19.37 16.63
C PHE D 114 26.30 18.21 17.52
N TRP D 115 27.25 17.43 17.04
CA TRP D 115 27.78 16.28 17.77
C TRP D 115 29.29 16.37 17.83
N ASP D 116 29.86 15.86 18.92
CA ASP D 116 31.30 15.84 19.10
C ASP D 116 31.68 14.37 19.28
N ARG D 117 32.87 13.99 18.82
CA ARG D 117 33.31 12.62 18.99
C ARG D 117 33.60 12.38 20.46
N ILE D 118 33.36 11.15 20.92
CA ILE D 118 33.65 10.79 22.30
C ILE D 118 35.11 10.37 22.28
N ASN D 119 35.97 11.18 22.87
CA ASN D 119 37.40 10.87 22.91
C ASN D 119 37.95 10.58 21.51
N ASP D 120 37.54 11.37 20.53
CA ASP D 120 38.00 11.22 19.15
C ASP D 120 37.71 9.85 18.54
N HIS D 121 36.69 9.16 19.07
CA HIS D 121 36.32 7.84 18.56
C HIS D 121 35.82 7.94 17.12
N ASP D 122 36.05 6.89 16.34
CA ASP D 122 35.63 6.86 14.94
C ASP D 122 34.12 6.85 14.71
N HIS D 123 33.37 6.22 15.60
CA HIS D 123 31.92 6.16 15.44
C HIS D 123 31.07 6.26 16.71
N ALA D 124 31.53 7.04 17.68
CA ALA D 124 30.80 7.25 18.93
C ALA D 124 30.82 8.74 19.19
N PHE D 125 29.64 9.32 19.42
CA PHE D 125 29.52 10.76 19.61
C PHE D 125 28.60 11.18 20.76
N SER D 126 28.75 12.42 21.18
CA SER D 126 27.90 12.99 22.23
C SER D 126 27.38 14.32 21.67
N ARG D 127 26.14 14.66 22.02
CA ARG D 127 25.52 15.89 21.57
C ARG D 127 26.09 17.17 22.17
N ASN D 128 26.30 18.17 21.33
CA ASN D 128 26.76 19.47 21.81
C ASN D 128 25.45 20.25 21.76
N LYS D 129 24.83 20.44 22.92
CA LYS D 129 23.55 21.13 23.00
C LYS D 129 23.65 22.61 23.31
N SER D 130 24.86 23.15 23.31
CA SER D 130 25.05 24.54 23.65
C SER D 130 24.58 25.58 22.63
N GLU D 131 24.18 25.12 21.46
CA GLU D 131 23.67 26.02 20.42
C GLU D 131 23.02 25.18 19.33
N VAL D 132 22.17 25.82 18.55
CA VAL D 132 21.49 25.17 17.45
C VAL D 132 21.63 26.08 16.24
N ARG D 133 22.06 25.51 15.12
CA ARG D 133 22.24 26.26 13.90
C ARG D 133 20.98 26.16 13.05
N THR D 134 20.61 27.27 12.40
CA THR D 134 19.41 27.27 11.57
C THR D 134 19.69 27.75 10.15
N ALA D 135 18.82 27.35 9.24
CA ALA D 135 18.93 27.75 7.84
C ALA D 135 17.54 27.79 7.28
N VAL D 136 17.26 28.82 6.48
CA VAL D 136 15.95 28.96 5.85
C VAL D 136 16.12 29.41 4.41
N LEU D 137 15.51 28.66 3.49
CA LEU D 137 15.55 29.00 2.07
C LEU D 137 14.15 29.38 1.61
N GLU D 138 14.02 30.53 0.96
CA GLU D 138 12.73 30.92 0.44
C GLU D 138 12.85 31.17 -1.06
N ILE D 139 12.01 30.52 -1.84
CA ILE D 139 12.03 30.69 -3.28
C ILE D 139 10.74 31.38 -3.70
N SER D 140 10.87 32.34 -4.60
CA SER D 140 9.73 33.07 -5.12
C SER D 140 9.98 33.26 -6.60
N GLY D 141 9.41 32.38 -7.41
CA GLY D 141 9.61 32.46 -8.84
C GLY D 141 11.06 32.21 -9.18
N SER D 142 11.69 33.18 -9.84
CA SER D 142 13.08 33.03 -10.24
C SER D 142 14.08 33.47 -9.17
N GLU D 143 13.58 34.05 -8.09
CA GLU D 143 14.47 34.51 -7.01
C GLU D 143 14.44 33.61 -5.78
N GLN D 144 15.56 33.58 -5.08
CA GLN D 144 15.67 32.78 -3.86
C GLN D 144 16.54 33.51 -2.84
N ALA D 145 16.26 33.28 -1.57
CA ALA D 145 17.02 33.93 -0.51
C ALA D 145 17.29 32.96 0.62
N ILE D 146 18.47 33.11 1.23
CA ILE D 146 18.89 32.25 2.33
C ILE D 146 19.19 33.06 3.59
N VAL D 147 18.65 32.58 4.70
CA VAL D 147 18.89 33.20 5.99
C VAL D 147 19.44 32.10 6.88
N ALA D 148 20.59 32.38 7.49
CA ALA D 148 21.22 31.43 8.38
C ALA D 148 21.12 32.02 9.78
N GLY D 149 21.26 31.19 10.80
CA GLY D 149 21.17 31.70 12.15
C GLY D 149 21.67 30.77 13.22
N ILE D 150 21.67 31.28 14.45
CA ILE D 150 22.10 30.53 15.60
C ILE D 150 21.11 30.85 16.71
N GLU D 151 20.84 29.89 17.58
CA GLU D 151 19.91 30.12 18.68
C GLU D 151 20.27 29.20 19.84
N GLY D 152 19.75 29.52 21.01
CA GLY D 152 20.01 28.71 22.18
C GLY D 152 21.40 28.86 22.78
N LEU D 153 22.13 29.87 22.35
CA LEU D 153 23.47 30.12 22.87
C LEU D 153 23.40 31.14 24.00
N THR D 154 23.45 30.64 25.23
CA THR D 154 23.36 31.47 26.42
C THR D 154 24.74 31.98 26.85
N VAL D 155 24.83 33.30 27.04
CA VAL D 155 26.08 33.93 27.43
C VAL D 155 25.87 34.85 28.63
N LEU D 156 26.94 35.09 29.37
CA LEU D 156 26.88 35.94 30.55
C LEU D 156 28.19 36.64 30.88
N LYS D 157 28.08 37.92 31.26
CA LYS D 157 29.23 38.73 31.67
C LYS D 157 28.97 39.00 33.15
N SER D 158 29.93 38.67 34.00
CA SER D 158 29.75 38.89 35.44
C SER D 158 30.02 40.33 35.87
N THR D 159 30.55 41.13 34.94
CA THR D 159 30.84 42.53 35.20
C THR D 159 31.13 43.20 33.85
N GLY D 160 31.42 44.49 33.86
CA GLY D 160 31.69 45.15 32.60
C GLY D 160 30.39 45.50 31.89
N SER D 161 29.35 45.71 32.68
CA SER D 161 28.03 46.07 32.16
C SER D 161 27.45 47.13 33.08
N GLU D 162 26.87 48.16 32.48
CA GLU D 162 26.27 49.26 33.22
C GLU D 162 24.91 49.62 32.64
N PHE D 163 24.14 50.40 33.39
CA PHE D 163 22.85 50.88 32.93
C PHE D 163 22.42 52.03 33.81
N HIS D 164 22.58 53.24 33.27
CA HIS D 164 22.23 54.45 33.99
C HIS D 164 21.93 55.52 32.96
N GLY D 165 21.42 56.66 33.41
CA GLY D 165 21.10 57.73 32.49
C GLY D 165 19.73 57.61 31.83
N PHE D 166 18.95 56.64 32.26
CA PHE D 166 17.60 56.47 31.70
C PHE D 166 16.66 57.48 32.34
N PRO D 167 15.60 57.89 31.62
CA PRO D 167 14.65 58.86 32.16
C PRO D 167 13.85 58.30 33.33
N ARG D 168 13.31 59.19 34.16
CA ARG D 168 12.50 58.75 35.29
C ARG D 168 11.12 59.39 35.27
N ASP D 169 10.09 58.58 35.48
CA ASP D 169 8.72 59.06 35.53
C ASP D 169 8.12 58.51 36.82
N LYS D 170 6.83 58.75 37.05
CA LYS D 170 6.21 58.29 38.29
C LYS D 170 6.19 56.77 38.47
N TYR D 171 6.42 56.03 37.40
CA TYR D 171 6.41 54.56 37.47
C TYR D 171 7.83 53.97 37.52
N THR D 172 8.84 54.85 37.54
CA THR D 172 10.24 54.41 37.57
C THR D 172 10.76 54.17 39.00
N THR D 173 11.29 52.98 39.25
CA THR D 173 11.84 52.63 40.56
C THR D 173 13.25 52.06 40.42
N LEU D 174 13.63 51.70 39.19
CA LEU D 174 14.93 51.12 38.91
C LEU D 174 16.08 52.01 39.38
N GLN D 175 17.07 51.41 40.00
CA GLN D 175 18.23 52.17 40.47
C GLN D 175 19.36 52.03 39.44
N GLU D 176 20.08 53.12 39.19
CA GLU D 176 21.17 53.10 38.23
C GLU D 176 22.30 52.22 38.76
N THR D 177 23.13 51.72 37.86
CA THR D 177 24.23 50.87 38.26
C THR D 177 25.38 50.96 37.26
N THR D 178 26.60 50.74 37.77
CA THR D 178 27.77 50.77 36.92
C THR D 178 28.41 49.39 36.93
N ASP D 179 27.75 48.44 37.58
CA ASP D 179 28.26 47.07 37.68
C ASP D 179 27.10 46.10 37.88
N ARG D 180 26.78 45.35 36.83
CA ARG D 180 25.70 44.37 36.92
C ARG D 180 26.01 43.20 36.03
N ILE D 181 25.27 42.11 36.21
CA ILE D 181 25.47 40.94 35.37
C ILE D 181 24.69 41.20 34.09
N LEU D 182 25.24 40.78 32.97
CA LEU D 182 24.57 40.94 31.68
C LEU D 182 24.52 39.52 31.12
N ALA D 183 23.32 38.94 31.10
CA ALA D 183 23.13 37.59 30.61
C ALA D 183 22.00 37.55 29.59
N THR D 184 22.20 36.80 28.51
CA THR D 184 21.20 36.71 27.47
C THR D 184 21.31 35.40 26.67
N ASP D 185 20.37 35.19 25.76
CA ASP D 185 20.36 34.03 24.88
C ASP D 185 20.56 34.60 23.48
N VAL D 186 21.66 34.23 22.83
CA VAL D 186 21.94 34.76 21.50
C VAL D 186 21.10 34.15 20.39
N SER D 187 20.10 34.89 19.94
CA SER D 187 19.23 34.48 18.83
C SER D 187 19.56 35.48 17.73
N ALA D 188 20.22 34.99 16.67
CA ALA D 188 20.60 35.87 15.58
C ALA D 188 20.36 35.20 14.24
N ARG D 189 19.95 35.99 13.26
CA ARG D 189 19.70 35.49 11.92
C ARG D 189 20.19 36.51 10.91
N TRP D 190 20.93 36.04 9.92
CA TRP D 190 21.47 36.93 8.89
C TRP D 190 21.11 36.49 7.48
N ARG D 191 20.85 37.46 6.62
CA ARG D 191 20.47 37.18 5.23
C ARG D 191 21.65 37.37 4.28
N TYR D 192 21.89 36.34 3.47
CA TYR D 192 22.98 36.38 2.49
C TYR D 192 22.49 37.10 1.24
N ASN D 193 23.40 37.82 0.58
CA ASN D 193 23.04 38.54 -0.63
C ASN D 193 23.44 37.75 -1.88
N THR D 194 23.66 36.45 -1.67
CA THR D 194 24.05 35.53 -2.75
C THR D 194 24.11 34.12 -2.20
N VAL D 195 23.91 33.12 -3.06
CA VAL D 195 23.95 31.74 -2.61
C VAL D 195 25.35 31.15 -2.75
N GLU D 196 26.28 31.96 -3.25
CA GLU D 196 27.67 31.52 -3.43
C GLU D 196 28.41 31.91 -2.16
N VAL D 197 28.28 31.08 -1.12
CA VAL D 197 28.90 31.33 0.17
C VAL D 197 29.43 30.04 0.80
N ASP D 198 30.52 30.17 1.56
CA ASP D 198 31.09 29.02 2.26
C ASP D 198 30.29 28.97 3.57
N PHE D 199 29.07 28.45 3.48
CA PHE D 199 28.15 28.37 4.60
C PHE D 199 28.70 27.94 5.97
N ASP D 200 29.45 26.84 6.01
CA ASP D 200 30.00 26.39 7.29
C ASP D 200 31.03 27.36 7.86
N ALA D 201 31.91 27.88 6.99
CA ALA D 201 32.94 28.82 7.44
C ALA D 201 32.35 30.14 7.92
N VAL D 202 31.36 30.65 7.19
CA VAL D 202 30.71 31.90 7.57
C VAL D 202 29.97 31.72 8.90
N TYR D 203 29.25 30.60 9.03
CA TYR D 203 28.53 30.36 10.27
C TYR D 203 29.50 30.39 11.45
N ALA D 204 30.60 29.67 11.33
CA ALA D 204 31.61 29.62 12.40
C ALA D 204 32.16 31.01 12.68
N SER D 205 32.42 31.78 11.62
CA SER D 205 32.95 33.13 11.79
C SER D 205 31.94 34.03 12.50
N VAL D 206 30.70 34.01 12.03
CA VAL D 206 29.66 34.83 12.61
C VAL D 206 29.49 34.51 14.09
N ARG D 207 29.43 33.21 14.40
CA ARG D 207 29.30 32.78 15.77
C ARG D 207 30.41 33.42 16.61
N GLY D 208 31.63 33.32 16.10
CA GLY D 208 32.77 33.89 16.80
C GLY D 208 32.72 35.40 16.97
N LEU D 209 32.25 36.09 15.95
CA LEU D 209 32.14 37.55 15.98
C LEU D 209 31.11 38.02 17.00
N LEU D 210 30.02 37.26 17.13
CA LEU D 210 28.96 37.60 18.08
C LEU D 210 29.45 37.44 19.52
N LEU D 211 30.14 36.34 19.77
CA LEU D 211 30.67 36.04 21.10
C LEU D 211 31.74 37.06 21.49
N LYS D 212 32.61 37.39 20.53
CA LYS D 212 33.69 38.34 20.77
C LYS D 212 33.13 39.72 21.12
N ALA D 213 32.18 40.20 20.31
CA ALA D 213 31.59 41.51 20.55
C ALA D 213 30.82 41.54 21.86
N PHE D 214 30.14 40.45 22.19
CA PHE D 214 29.39 40.41 23.43
C PHE D 214 30.31 40.51 24.64
N ALA D 215 31.37 39.72 24.62
CA ALA D 215 32.33 39.69 25.73
C ALA D 215 33.23 40.91 25.84
N GLU D 216 33.69 41.42 24.70
CA GLU D 216 34.60 42.56 24.72
C GLU D 216 34.01 43.96 24.75
N THR D 217 32.71 44.09 24.52
CA THR D 217 32.11 45.41 24.54
C THR D 217 31.74 45.82 25.97
N HIS D 218 32.30 46.92 26.45
CA HIS D 218 31.96 47.41 27.78
C HIS D 218 30.55 47.93 27.57
N SER D 219 29.57 47.18 28.04
CA SER D 219 28.18 47.52 27.82
C SER D 219 27.55 48.61 28.70
N LEU D 220 26.97 49.61 28.04
CA LEU D 220 26.28 50.70 28.72
C LEU D 220 24.79 50.44 28.55
N ALA D 221 24.47 49.44 27.74
CA ALA D 221 23.08 49.05 27.49
C ALA D 221 23.10 47.78 26.64
N LEU D 222 22.06 46.96 26.76
CA LEU D 222 21.99 45.73 25.98
C LEU D 222 21.87 46.15 24.52
N GLN D 223 21.16 47.26 24.28
CA GLN D 223 20.98 47.77 22.92
C GLN D 223 22.35 48.03 22.28
N GLN D 224 23.25 48.66 23.05
CA GLN D 224 24.59 48.97 22.55
C GLN D 224 25.38 47.71 22.25
N THR D 225 25.33 46.74 23.17
CA THR D 225 26.05 45.48 22.96
C THR D 225 25.55 44.83 21.67
N MET D 226 24.23 44.78 21.52
CA MET D 226 23.63 44.18 20.33
C MET D 226 24.06 44.88 19.05
N TYR D 227 24.16 46.21 19.10
CA TYR D 227 24.57 46.96 17.92
C TYR D 227 25.99 46.57 17.55
N GLU D 228 26.87 46.47 18.55
CA GLU D 228 28.25 46.09 18.32
C GLU D 228 28.38 44.70 17.74
N MET D 229 27.52 43.79 18.19
CA MET D 229 27.56 42.42 17.69
C MET D 229 27.17 42.40 16.22
N GLY D 230 26.13 43.16 15.88
CA GLY D 230 25.68 43.21 14.49
C GLY D 230 26.68 43.92 13.58
N ARG D 231 27.31 44.97 14.09
CA ARG D 231 28.29 45.72 13.30
C ARG D 231 29.48 44.86 12.95
N ALA D 232 29.98 44.11 13.93
CA ALA D 232 31.12 43.23 13.71
C ALA D 232 30.84 42.26 12.56
N VAL D 233 29.64 41.70 12.53
CA VAL D 233 29.27 40.75 11.49
C VAL D 233 29.17 41.39 10.10
N ILE D 234 28.45 42.50 10.00
CA ILE D 234 28.29 43.19 8.72
C ILE D 234 29.61 43.68 8.15
N GLU D 235 30.46 44.23 9.02
CA GLU D 235 31.76 44.73 8.59
C GLU D 235 32.72 43.64 8.14
N THR D 236 32.55 42.43 8.67
CA THR D 236 33.44 41.33 8.33
C THR D 236 33.01 40.49 7.11
N HIS D 237 31.72 40.36 6.88
CA HIS D 237 31.24 39.54 5.77
C HIS D 237 30.45 40.26 4.68
N PRO D 238 31.09 40.47 3.51
CA PRO D 238 30.48 41.13 2.36
C PRO D 238 29.19 40.46 1.91
N GLU D 239 29.13 39.13 2.04
CA GLU D 239 27.98 38.36 1.62
C GLU D 239 26.73 38.52 2.50
N ILE D 240 26.84 39.28 3.58
CA ILE D 240 25.71 39.49 4.47
C ILE D 240 25.16 40.91 4.37
N ASP D 241 23.86 41.03 4.06
CA ASP D 241 23.22 42.33 3.93
C ASP D 241 22.64 42.85 5.25
N GLU D 242 22.15 41.95 6.07
CA GLU D 242 21.56 42.36 7.34
C GLU D 242 21.53 41.22 8.35
N ILE D 243 21.55 41.59 9.62
CA ILE D 243 21.49 40.61 10.69
C ILE D 243 20.46 41.09 11.68
N LYS D 244 19.58 40.18 12.09
CA LYS D 244 18.54 40.49 13.05
C LYS D 244 18.80 39.73 14.33
N MET D 245 18.66 40.40 15.46
CA MET D 245 18.87 39.78 16.76
C MET D 245 17.72 40.04 17.71
N SER D 246 17.50 39.08 18.60
CA SER D 246 16.47 39.16 19.62
C SER D 246 17.16 38.69 20.88
N LEU D 247 17.51 39.64 21.74
CA LEU D 247 18.23 39.31 22.96
C LEU D 247 17.45 39.60 24.23
N PRO D 248 17.17 38.56 25.02
CA PRO D 248 16.43 38.75 26.27
C PRO D 248 17.45 39.18 27.33
N ASN D 249 17.05 40.05 28.24
CA ASN D 249 17.97 40.46 29.30
C ASN D 249 17.54 39.57 30.46
N LYS D 250 18.24 38.46 30.64
CA LYS D 250 17.92 37.51 31.70
C LYS D 250 18.42 38.03 33.03
N HIS D 251 17.48 38.59 33.79
CA HIS D 251 17.79 39.21 35.06
C HIS D 251 18.38 38.37 36.16
N HIS D 252 19.53 38.83 36.64
CA HIS D 252 20.24 38.21 37.73
C HIS D 252 20.25 39.28 38.81
N PHE D 253 19.31 39.17 39.75
CA PHE D 253 19.17 40.15 40.82
C PHE D 253 20.14 39.95 41.97
N LEU D 254 20.86 41.01 42.30
CA LEU D 254 21.80 40.97 43.41
C LEU D 254 20.93 40.86 44.66
N VAL D 255 21.00 39.72 45.36
CA VAL D 255 20.19 39.51 46.54
C VAL D 255 20.57 40.39 47.72
N ASP D 256 19.56 40.89 48.43
CA ASP D 256 19.78 41.74 49.60
C ASP D 256 20.03 40.85 50.82
N LEU D 257 21.26 40.86 51.32
CA LEU D 257 21.61 40.03 52.46
C LEU D 257 21.70 40.80 53.77
N GLN D 258 21.49 42.11 53.72
CA GLN D 258 21.55 42.92 54.94
C GLN D 258 20.55 42.43 55.99
N PRO D 259 19.39 41.91 55.55
CA PRO D 259 18.45 41.42 56.57
C PRO D 259 19.07 40.29 57.39
N PHE D 260 20.18 39.75 56.91
CA PHE D 260 20.87 38.67 57.59
C PHE D 260 22.23 39.11 58.12
N GLY D 261 22.49 40.41 58.10
CA GLY D 261 23.75 40.94 58.60
C GLY D 261 24.96 40.78 57.69
N GLN D 262 24.73 40.59 56.40
CA GLN D 262 25.84 40.41 55.47
C GLN D 262 25.77 41.39 54.30
N ASP D 263 26.92 41.72 53.73
CA ASP D 263 26.92 42.59 52.56
C ASP D 263 26.94 41.63 51.37
N ASN D 264 26.78 42.16 50.16
CA ASN D 264 26.80 41.32 48.97
C ASN D 264 27.59 42.05 47.90
N PRO D 265 28.92 41.91 47.93
CA PRO D 265 29.79 42.58 46.94
C PRO D 265 29.70 41.97 45.55
N ASN D 266 28.52 42.06 44.95
CA ASN D 266 28.29 41.55 43.60
C ASN D 266 28.60 40.06 43.48
N GLU D 267 28.23 39.27 44.49
CA GLU D 267 28.52 37.84 44.47
C GLU D 267 27.33 36.88 44.42
N VAL D 268 26.28 37.16 45.19
CA VAL D 268 25.12 36.27 45.22
C VAL D 268 23.92 36.82 44.44
N PHE D 269 23.50 36.08 43.43
CA PHE D 269 22.38 36.51 42.59
C PHE D 269 21.23 35.52 42.47
N TYR D 270 20.04 36.08 42.24
CA TYR D 270 18.83 35.31 42.03
C TYR D 270 18.59 35.39 40.52
N ALA D 271 18.55 34.24 39.84
CA ALA D 271 18.33 34.25 38.40
C ALA D 271 16.84 34.05 38.11
N ALA D 272 16.14 35.14 37.87
CA ALA D 272 14.70 35.11 37.61
C ALA D 272 14.36 34.58 36.21
N ASP D 273 13.27 33.82 36.12
CA ASP D 273 12.84 33.27 34.84
C ASP D 273 12.07 34.34 34.05
N ARG D 274 11.01 34.85 34.65
CA ARG D 274 10.17 35.87 34.03
C ARG D 274 9.80 36.91 35.09
N PRO D 275 9.60 38.17 34.67
CA PRO D 275 9.71 38.63 33.28
C PRO D 275 11.17 38.86 32.91
N TYR D 276 11.40 39.23 31.66
CA TYR D 276 12.75 39.50 31.18
C TYR D 276 12.71 40.62 30.16
N GLY D 277 13.78 41.41 30.10
CA GLY D 277 13.83 42.47 29.11
C GLY D 277 13.99 41.78 27.77
N LEU D 278 13.48 42.39 26.71
CA LEU D 278 13.59 41.79 25.38
C LEU D 278 13.97 42.92 24.42
N ILE D 279 15.23 42.91 24.01
CA ILE D 279 15.78 43.91 23.11
C ILE D 279 15.97 43.31 21.72
N GLU D 280 15.37 43.92 20.70
CA GLU D 280 15.48 43.40 19.35
C GLU D 280 15.85 44.48 18.34
N ALA D 281 16.65 44.10 17.36
CA ALA D 281 17.05 45.05 16.34
C ALA D 281 17.60 44.41 15.08
N THR D 282 17.53 45.17 13.99
CA THR D 282 18.05 44.75 12.71
C THR D 282 19.21 45.68 12.41
N ILE D 283 20.37 45.12 12.13
CA ILE D 283 21.56 45.89 11.79
C ILE D 283 21.74 45.61 10.30
N GLN D 284 21.79 46.66 9.48
CA GLN D 284 21.90 46.45 8.04
C GLN D 284 23.07 47.17 7.36
N ARG D 285 23.41 46.66 6.18
CA ARG D 285 24.45 47.22 5.35
C ARG D 285 23.77 48.41 4.68
N GLU D 286 24.38 49.58 4.79
CA GLU D 286 23.80 50.78 4.19
C GLU D 286 23.50 50.55 2.72
N GLY D 287 22.27 50.85 2.32
CA GLY D 287 21.88 50.68 0.93
C GLY D 287 21.27 49.34 0.55
N SER D 288 21.07 48.45 1.52
CA SER D 288 20.48 47.15 1.22
C SER D 288 18.97 47.20 1.39
N ARG D 289 18.29 46.13 0.99
CA ARG D 289 16.84 46.06 1.09
C ARG D 289 16.41 46.24 2.54
N ALA D 290 15.27 46.89 2.75
CA ALA D 290 14.77 47.14 4.11
C ALA D 290 13.70 46.19 4.62
N ASP D 291 12.98 45.53 3.72
CA ASP D 291 11.94 44.61 4.14
C ASP D 291 11.82 43.38 3.25
N HIS D 292 12.87 42.56 3.22
CA HIS D 292 12.86 41.36 2.39
C HIS D 292 11.73 40.43 2.83
N PRO D 293 10.97 39.89 1.87
CA PRO D 293 9.85 38.98 2.13
C PRO D 293 10.19 37.74 2.98
N ILE D 294 11.45 37.32 2.97
CA ILE D 294 11.84 36.14 3.74
C ILE D 294 11.66 36.32 5.25
N TRP D 295 11.56 37.55 5.70
CA TRP D 295 11.39 37.84 7.12
C TRP D 295 9.94 37.69 7.58
N SER D 296 9.02 37.62 6.62
CA SER D 296 7.60 37.49 6.95
C SER D 296 7.28 36.05 7.37
N ASN D 297 7.85 35.09 6.66
CA ASN D 297 7.64 33.68 6.95
C ASN D 297 6.22 33.22 6.61
N THR E 11 7.72 -2.74 -59.35
CA THR E 11 7.53 -2.89 -60.83
C THR E 11 7.52 -4.35 -61.23
N LYS E 12 8.66 -5.02 -61.11
CA LYS E 12 8.76 -6.43 -61.46
C LYS E 12 8.44 -7.31 -60.26
N VAL E 13 7.29 -7.96 -60.31
CA VAL E 13 6.86 -8.83 -59.22
C VAL E 13 7.05 -10.29 -59.60
N VAL E 14 7.62 -11.06 -58.69
CA VAL E 14 7.83 -12.48 -58.94
C VAL E 14 7.25 -13.35 -57.85
N LEU E 15 6.78 -14.53 -58.27
CA LEU E 15 6.23 -15.49 -57.35
C LEU E 15 7.45 -16.19 -56.74
N GLY E 16 7.55 -16.17 -55.42
CA GLY E 16 8.68 -16.82 -54.78
C GLY E 16 8.29 -18.20 -54.27
N GLN E 17 8.79 -18.56 -53.11
CA GLN E 17 8.49 -19.85 -52.51
C GLN E 17 6.97 -19.97 -52.31
N ASN E 18 6.45 -21.16 -52.53
CA ASN E 18 5.02 -21.39 -52.37
C ASN E 18 4.75 -22.87 -52.20
N GLN E 19 3.62 -23.18 -51.59
CA GLN E 19 3.20 -24.56 -51.35
C GLN E 19 1.70 -24.52 -51.06
N TYR E 20 1.04 -25.65 -51.24
CA TYR E 20 -0.39 -25.71 -50.98
C TYR E 20 -0.83 -27.15 -50.81
N GLY E 21 -1.97 -27.34 -50.15
CA GLY E 21 -2.48 -28.68 -49.92
C GLY E 21 -3.65 -28.66 -48.95
N LYS E 22 -3.94 -29.82 -48.38
CA LYS E 22 -5.03 -29.90 -47.43
C LYS E 22 -4.43 -30.02 -46.05
N ALA E 23 -4.91 -29.19 -45.13
CA ALA E 23 -4.41 -29.21 -43.78
C ALA E 23 -5.43 -29.78 -42.82
N GLU E 24 -4.92 -30.45 -41.79
CA GLU E 24 -5.70 -31.05 -40.73
C GLU E 24 -6.78 -32.02 -41.14
N VAL E 25 -6.35 -33.08 -41.81
CA VAL E 25 -7.24 -34.14 -42.22
C VAL E 25 -7.21 -35.10 -41.03
N ARG E 26 -8.34 -35.18 -40.32
CA ARG E 26 -8.40 -36.05 -39.14
C ARG E 26 -8.74 -37.47 -39.54
N LEU E 27 -7.79 -38.36 -39.34
CA LEU E 27 -7.95 -39.77 -39.68
C LEU E 27 -7.86 -40.69 -38.48
N VAL E 28 -8.74 -41.68 -38.44
CA VAL E 28 -8.73 -42.69 -37.40
C VAL E 28 -8.75 -44.02 -38.14
N LYS E 29 -7.69 -44.81 -37.96
CA LYS E 29 -7.58 -46.12 -38.61
C LYS E 29 -7.73 -47.21 -37.56
N VAL E 30 -8.77 -48.03 -37.73
CA VAL E 30 -9.01 -49.13 -36.80
C VAL E 30 -8.46 -50.40 -37.43
N THR E 31 -7.66 -51.13 -36.67
CA THR E 31 -7.12 -52.39 -37.15
C THR E 31 -7.96 -53.43 -36.44
N ARG E 32 -8.77 -54.15 -37.20
CA ARG E 32 -9.65 -55.16 -36.63
C ARG E 32 -9.63 -56.50 -37.34
N ASN E 33 -8.43 -57.01 -37.62
CA ASN E 33 -8.30 -58.31 -38.27
C ASN E 33 -8.70 -59.37 -37.23
N THR E 34 -8.39 -59.08 -35.98
CA THR E 34 -8.72 -59.97 -34.88
C THR E 34 -9.66 -59.20 -33.95
N ALA E 35 -10.14 -59.86 -32.92
CA ALA E 35 -11.05 -59.21 -31.97
C ALA E 35 -10.30 -58.13 -31.21
N ARG E 36 -8.98 -58.22 -31.20
CA ARG E 36 -8.13 -57.25 -30.50
C ARG E 36 -7.89 -56.05 -31.40
N HIS E 37 -8.82 -55.10 -31.38
CA HIS E 37 -8.70 -53.90 -32.21
C HIS E 37 -7.55 -53.01 -31.80
N GLU E 38 -7.03 -52.27 -32.77
CA GLU E 38 -5.95 -51.32 -32.56
C GLU E 38 -6.46 -50.01 -33.14
N ILE E 39 -6.01 -48.89 -32.59
CA ILE E 39 -6.43 -47.58 -33.06
C ILE E 39 -5.24 -46.69 -33.37
N GLN E 40 -5.30 -46.02 -34.51
CA GLN E 40 -4.27 -45.07 -34.91
C GLN E 40 -5.05 -43.82 -35.23
N ASP E 41 -4.70 -42.73 -34.54
CA ASP E 41 -5.41 -41.46 -34.70
C ASP E 41 -4.43 -40.36 -35.11
N LEU E 42 -4.65 -39.75 -36.27
CA LEU E 42 -3.76 -38.70 -36.77
C LEU E 42 -4.46 -37.46 -37.28
N ASN E 43 -3.71 -36.36 -37.30
CA ASN E 43 -4.18 -35.08 -37.84
C ASN E 43 -3.12 -34.84 -38.91
N VAL E 44 -3.48 -35.08 -40.16
CA VAL E 44 -2.56 -34.98 -41.29
C VAL E 44 -2.67 -33.73 -42.16
N THR E 45 -1.54 -33.18 -42.56
CA THR E 45 -1.49 -32.01 -43.43
C THR E 45 -0.58 -32.34 -44.61
N SER E 46 -1.06 -32.03 -45.82
CA SER E 46 -0.30 -32.30 -47.03
C SER E 46 -0.16 -31.03 -47.86
N GLN E 47 1.08 -30.72 -48.24
CA GLN E 47 1.33 -29.54 -49.05
C GLN E 47 2.38 -29.87 -50.10
N LEU E 48 2.11 -29.47 -51.34
CA LEU E 48 3.00 -29.75 -52.45
C LEU E 48 3.82 -28.56 -52.92
N ARG E 49 5.00 -28.83 -53.46
CA ARG E 49 5.89 -27.80 -53.97
C ARG E 49 6.29 -28.18 -55.39
N GLY E 50 6.37 -27.19 -56.27
CA GLY E 50 6.74 -27.46 -57.64
C GLY E 50 6.49 -26.25 -58.52
N ASP E 51 6.16 -26.51 -59.78
CA ASP E 51 5.90 -25.43 -60.73
C ASP E 51 4.42 -25.10 -60.78
N PHE E 52 4.01 -24.12 -59.96
CA PHE E 52 2.63 -23.69 -59.91
C PHE E 52 2.55 -22.22 -60.32
N GLU E 53 3.51 -21.82 -61.14
CA GLU E 53 3.61 -20.46 -61.64
C GLU E 53 2.32 -19.97 -62.30
N ALA E 54 1.86 -20.72 -63.31
CA ALA E 54 0.64 -20.36 -64.05
C ALA E 54 -0.62 -20.32 -63.19
N ALA E 55 -0.69 -21.20 -62.21
CA ALA E 55 -1.83 -21.24 -61.32
C ALA E 55 -1.95 -19.91 -60.60
N HIS E 56 -0.79 -19.35 -60.21
CA HIS E 56 -0.77 -18.08 -59.50
C HIS E 56 -0.93 -16.87 -60.41
N THR E 57 -0.19 -16.83 -61.50
CA THR E 57 -0.24 -15.69 -62.42
C THR E 57 -1.42 -15.68 -63.39
N ALA E 58 -1.86 -16.84 -63.83
CA ALA E 58 -2.96 -16.91 -64.79
C ALA E 58 -4.22 -17.62 -64.32
N GLY E 59 -4.13 -18.33 -63.20
CA GLY E 59 -5.30 -19.06 -62.72
C GLY E 59 -5.47 -20.34 -63.51
N ASP E 60 -4.40 -20.76 -64.18
CA ASP E 60 -4.40 -21.99 -64.96
C ASP E 60 -4.15 -23.13 -63.97
N ASN E 61 -5.15 -23.97 -63.78
CA ASN E 61 -5.06 -25.06 -62.81
C ASN E 61 -4.60 -26.42 -63.31
N ALA E 62 -3.99 -26.47 -64.49
CA ALA E 62 -3.53 -27.75 -65.02
C ALA E 62 -2.59 -28.47 -64.07
N HIS E 63 -1.76 -27.72 -63.34
CA HIS E 63 -0.81 -28.32 -62.40
C HIS E 63 -1.34 -28.46 -60.99
N VAL E 64 -2.51 -27.90 -60.72
CA VAL E 64 -3.06 -27.94 -59.38
C VAL E 64 -3.83 -29.20 -58.99
N VAL E 65 -3.13 -30.15 -58.38
CA VAL E 65 -3.77 -31.37 -57.90
C VAL E 65 -4.61 -30.81 -56.75
N ALA E 66 -5.94 -30.91 -56.88
CA ALA E 66 -6.86 -30.37 -55.88
C ALA E 66 -6.55 -30.78 -54.43
N THR E 67 -6.72 -29.84 -53.51
CA THR E 67 -6.46 -30.14 -52.11
C THR E 67 -7.42 -31.27 -51.71
N ASP E 68 -8.61 -31.26 -52.30
CA ASP E 68 -9.61 -32.31 -52.02
C ASP E 68 -9.03 -33.66 -52.43
N THR E 69 -8.33 -33.68 -53.56
CA THR E 69 -7.72 -34.91 -54.06
C THR E 69 -6.63 -35.38 -53.10
N GLN E 70 -5.85 -34.44 -52.57
CA GLN E 70 -4.79 -34.80 -51.63
C GLN E 70 -5.43 -35.41 -50.38
N LYS E 71 -6.57 -34.86 -49.98
CA LYS E 71 -7.29 -35.37 -48.82
C LYS E 71 -7.76 -36.80 -49.10
N ASN E 72 -8.33 -37.03 -50.29
CA ASN E 72 -8.78 -38.38 -50.64
C ASN E 72 -7.64 -39.39 -50.58
N THR E 73 -6.46 -38.97 -51.03
CA THR E 73 -5.30 -39.83 -51.04
C THR E 73 -4.92 -40.28 -49.64
N VAL E 74 -5.02 -39.38 -48.67
CA VAL E 74 -4.69 -39.73 -47.29
C VAL E 74 -5.57 -40.88 -46.81
N TYR E 75 -6.87 -40.78 -47.06
CA TYR E 75 -7.81 -41.83 -46.63
C TYR E 75 -7.62 -43.13 -47.41
N ALA E 76 -7.39 -43.02 -48.71
CA ALA E 76 -7.18 -44.20 -49.54
C ALA E 76 -5.94 -44.95 -49.07
N PHE E 77 -4.87 -44.23 -48.76
CA PHE E 77 -3.62 -44.85 -48.32
C PHE E 77 -3.76 -45.47 -46.92
N ALA E 78 -4.58 -44.86 -46.08
CA ALA E 78 -4.78 -45.37 -44.74
C ALA E 78 -5.41 -46.76 -44.77
N ARG E 79 -6.20 -47.04 -45.81
CA ARG E 79 -6.85 -48.35 -45.96
C ARG E 79 -5.86 -49.49 -45.95
N ASP E 80 -4.68 -49.25 -46.51
CA ASP E 80 -3.63 -50.26 -46.56
C ASP E 80 -2.95 -50.47 -45.22
N GLY E 81 -3.22 -49.56 -44.28
CA GLY E 81 -2.60 -49.67 -42.97
C GLY E 81 -1.20 -49.07 -43.05
N PHE E 82 -0.61 -48.77 -41.89
CA PHE E 82 0.74 -48.20 -41.85
C PHE E 82 1.37 -48.52 -40.51
N ALA E 83 2.62 -48.97 -40.53
CA ALA E 83 3.33 -49.34 -39.31
C ALA E 83 3.54 -48.18 -38.37
N THR E 84 3.93 -47.03 -38.91
CA THR E 84 4.16 -45.85 -38.08
C THR E 84 3.69 -44.61 -38.81
N THR E 85 3.59 -43.51 -38.08
CA THR E 85 3.17 -42.23 -38.65
C THR E 85 4.18 -41.79 -39.71
N GLU E 86 5.47 -41.98 -39.42
CA GLU E 86 6.50 -41.59 -40.37
C GLU E 86 6.42 -42.41 -41.65
N GLU E 87 6.16 -43.71 -41.52
CA GLU E 87 6.05 -44.58 -42.67
C GLU E 87 4.89 -44.10 -43.56
N PHE E 88 3.81 -43.69 -42.93
CA PHE E 88 2.64 -43.20 -43.65
C PHE E 88 2.97 -41.93 -44.44
N LEU E 89 3.65 -40.98 -43.80
CA LEU E 89 4.02 -39.74 -44.47
C LEU E 89 4.98 -40.00 -45.64
N LEU E 90 5.92 -40.91 -45.45
CA LEU E 90 6.88 -41.24 -46.51
C LEU E 90 6.14 -41.72 -47.75
N ARG E 91 5.13 -42.57 -47.55
CA ARG E 91 4.36 -43.08 -48.68
C ARG E 91 3.64 -41.95 -49.39
N LEU E 92 3.10 -41.00 -48.63
CA LEU E 92 2.40 -39.87 -49.23
C LEU E 92 3.34 -38.99 -50.03
N GLY E 93 4.49 -38.65 -49.42
CA GLY E 93 5.46 -37.81 -50.09
C GLY E 93 5.94 -38.42 -51.40
N LYS E 94 6.24 -39.71 -51.38
CA LYS E 94 6.71 -40.41 -52.57
C LYS E 94 5.64 -40.39 -53.66
N HIS E 95 4.39 -40.62 -53.25
CA HIS E 95 3.28 -40.63 -54.18
C HIS E 95 3.18 -39.33 -54.99
N PHE E 96 3.05 -38.21 -54.29
CA PHE E 96 2.91 -36.92 -54.96
C PHE E 96 4.12 -36.47 -55.78
N THR E 97 5.32 -36.72 -55.28
CA THR E 97 6.52 -36.31 -56.00
C THR E 97 6.72 -37.13 -57.27
N GLU E 98 6.62 -38.45 -57.17
CA GLU E 98 6.82 -39.30 -58.34
C GLU E 98 5.58 -39.34 -59.23
N GLY E 99 4.40 -39.20 -58.62
CA GLY E 99 3.16 -39.24 -59.37
C GLY E 99 2.89 -38.07 -60.30
N PHE E 100 3.56 -36.94 -60.05
CA PHE E 100 3.36 -35.74 -60.87
C PHE E 100 4.69 -35.10 -61.21
N ASP E 101 4.94 -34.94 -62.51
CA ASP E 101 6.19 -34.38 -63.01
C ASP E 101 6.52 -32.97 -62.52
N TRP E 102 5.52 -32.11 -62.42
CA TRP E 102 5.73 -30.73 -61.96
C TRP E 102 5.83 -30.58 -60.45
N VAL E 103 5.54 -31.66 -59.72
CA VAL E 103 5.62 -31.65 -58.26
C VAL E 103 7.02 -32.13 -57.90
N THR E 104 7.88 -31.21 -57.46
CA THR E 104 9.26 -31.54 -57.14
C THR E 104 9.49 -31.88 -55.66
N GLY E 105 8.49 -31.63 -54.83
CA GLY E 105 8.62 -31.94 -53.42
C GLY E 105 7.42 -31.49 -52.62
N GLY E 106 7.62 -31.27 -51.33
CA GLY E 106 6.52 -30.83 -50.50
C GLY E 106 6.78 -31.04 -49.03
N ARG E 107 5.74 -30.81 -48.23
CA ARG E 107 5.84 -30.98 -46.78
C ARG E 107 4.61 -31.73 -46.31
N TRP E 108 4.85 -32.85 -45.63
CA TRP E 108 3.78 -33.68 -45.09
C TRP E 108 4.01 -33.80 -43.60
N ALA E 109 2.99 -33.46 -42.83
CA ALA E 109 3.09 -33.50 -41.39
C ALA E 109 1.88 -34.14 -40.73
N ALA E 110 2.07 -34.61 -39.51
CA ALA E 110 0.98 -35.23 -38.77
C ALA E 110 1.21 -35.17 -37.27
N GLN E 111 0.10 -35.08 -36.56
CA GLN E 111 0.11 -35.09 -35.10
C GLN E 111 -0.48 -36.47 -34.84
N GLN E 112 0.06 -37.17 -33.86
CA GLN E 112 -0.44 -38.49 -33.51
C GLN E 112 -1.00 -38.40 -32.10
N PHE E 113 -2.25 -38.81 -31.93
CA PHE E 113 -2.90 -38.76 -30.63
C PHE E 113 -2.93 -40.15 -30.01
N PHE E 114 -2.54 -40.23 -28.74
CA PHE E 114 -2.47 -41.50 -28.05
C PHE E 114 -3.73 -41.95 -27.32
N TRP E 115 -3.99 -43.25 -27.41
CA TRP E 115 -5.13 -43.88 -26.75
C TRP E 115 -4.64 -45.06 -25.93
N ASP E 116 -5.37 -45.35 -24.87
CA ASP E 116 -5.05 -46.49 -23.99
C ASP E 116 -6.32 -47.32 -23.91
N ARG E 117 -6.18 -48.62 -23.69
CA ARG E 117 -7.36 -49.48 -23.56
C ARG E 117 -8.01 -49.21 -22.20
N ILE E 118 -9.33 -49.38 -22.15
CA ILE E 118 -10.04 -49.21 -20.89
C ILE E 118 -10.05 -50.60 -20.25
N ASN E 119 -9.34 -50.74 -19.12
CA ASN E 119 -9.28 -52.03 -18.42
C ASN E 119 -8.86 -53.16 -19.36
N ASP E 120 -7.94 -52.86 -20.27
CA ASP E 120 -7.43 -53.85 -21.23
C ASP E 120 -8.50 -54.44 -22.16
N HIS E 121 -9.55 -53.65 -22.41
CA HIS E 121 -10.65 -54.08 -23.27
C HIS E 121 -10.19 -54.19 -24.72
N ASP E 122 -10.74 -55.16 -25.44
CA ASP E 122 -10.40 -55.39 -26.84
C ASP E 122 -10.74 -54.25 -27.79
N HIS E 123 -11.84 -53.54 -27.54
CA HIS E 123 -12.22 -52.46 -28.42
C HIS E 123 -12.80 -51.22 -27.75
N ALA E 124 -12.35 -50.92 -26.53
CA ALA E 124 -12.79 -49.73 -25.80
C ALA E 124 -11.52 -49.02 -25.37
N PHE E 125 -11.44 -47.72 -25.64
CA PHE E 125 -10.24 -46.96 -25.32
C PHE E 125 -10.55 -45.58 -24.74
N SER E 126 -9.54 -44.96 -24.15
CA SER E 126 -9.67 -43.61 -23.59
C SER E 126 -8.42 -42.84 -24.04
N ARG E 127 -8.59 -41.57 -24.36
CA ARG E 127 -7.50 -40.71 -24.82
C ARG E 127 -6.46 -40.38 -23.75
N ASN E 128 -5.19 -40.42 -24.14
CA ASN E 128 -4.10 -40.03 -23.25
C ASN E 128 -3.71 -38.68 -23.84
N LYS E 129 -4.17 -37.62 -23.19
CA LYS E 129 -3.91 -36.26 -23.68
C LYS E 129 -2.68 -35.60 -23.08
N SER E 130 -1.85 -36.37 -22.39
CA SER E 130 -0.68 -35.79 -21.74
C SER E 130 0.48 -35.36 -22.63
N GLU E 131 0.41 -35.72 -23.91
CA GLU E 131 1.41 -35.32 -24.88
C GLU E 131 0.87 -35.59 -26.27
N VAL E 132 1.44 -34.92 -27.26
CA VAL E 132 1.06 -35.09 -28.65
C VAL E 132 2.35 -35.34 -29.41
N ARG E 133 2.38 -36.40 -30.21
CA ARG E 133 3.56 -36.75 -30.99
C ARG E 133 3.45 -36.11 -32.38
N THR E 134 4.57 -35.63 -32.91
CA THR E 134 4.56 -35.01 -34.22
C THR E 134 5.59 -35.63 -35.17
N ALA E 135 5.37 -35.44 -36.45
CA ALA E 135 6.26 -35.95 -37.47
C ALA E 135 6.08 -35.06 -38.67
N VAL E 136 7.19 -34.71 -39.31
CA VAL E 136 7.15 -33.85 -40.47
C VAL E 136 8.14 -34.39 -41.50
N LEU E 137 7.67 -34.53 -42.73
CA LEU E 137 8.50 -35.00 -43.82
C LEU E 137 8.61 -33.91 -44.86
N GLU E 138 9.84 -33.61 -45.27
CA GLU E 138 10.05 -32.63 -46.33
C GLU E 138 10.86 -33.29 -47.42
N ILE E 139 10.38 -33.15 -48.65
CA ILE E 139 11.07 -33.72 -49.80
C ILE E 139 11.45 -32.58 -50.73
N SER E 140 12.71 -32.60 -51.18
CA SER E 140 13.18 -31.58 -52.10
C SER E 140 13.92 -32.32 -53.21
N GLY E 141 13.21 -32.54 -54.31
CA GLY E 141 13.80 -33.25 -55.42
C GLY E 141 14.25 -34.64 -55.01
N SER E 142 15.56 -34.85 -55.09
CA SER E 142 16.15 -36.14 -54.75
C SER E 142 16.32 -36.39 -53.25
N GLU E 143 16.29 -35.32 -52.45
CA GLU E 143 16.46 -35.46 -51.00
C GLU E 143 15.18 -35.34 -50.18
N GLN E 144 15.22 -35.92 -48.98
CA GLN E 144 14.10 -35.88 -48.06
C GLN E 144 14.61 -35.88 -46.62
N ALA E 145 13.83 -35.29 -45.72
CA ALA E 145 14.22 -35.21 -44.33
C ALA E 145 13.00 -35.35 -43.41
N ILE E 146 13.20 -36.02 -42.29
CA ILE E 146 12.14 -36.24 -41.31
C ILE E 146 12.51 -35.64 -39.96
N VAL E 147 11.54 -34.94 -39.37
CA VAL E 147 11.73 -34.36 -38.05
C VAL E 147 10.60 -34.91 -37.18
N ALA E 148 10.96 -35.50 -36.05
CA ALA E 148 9.97 -36.04 -35.12
C ALA E 148 9.95 -35.12 -33.92
N GLY E 149 8.85 -35.15 -33.16
CA GLY E 149 8.79 -34.28 -32.02
C GLY E 149 7.71 -34.63 -31.02
N ILE E 150 7.68 -33.87 -29.94
CA ILE E 150 6.71 -34.05 -28.90
C ILE E 150 6.28 -32.66 -28.45
N GLU E 151 5.02 -32.54 -28.05
CA GLU E 151 4.51 -31.26 -27.60
C GLU E 151 3.42 -31.47 -26.56
N GLY E 152 3.09 -30.41 -25.83
CA GLY E 152 2.05 -30.49 -24.82
C GLY E 152 2.39 -31.29 -23.58
N LEU E 153 3.67 -31.60 -23.40
CA LEU E 153 4.09 -32.36 -22.22
C LEU E 153 4.53 -31.40 -21.11
N THR E 154 3.64 -31.15 -20.15
CA THR E 154 3.92 -30.24 -19.05
C THR E 154 4.64 -30.92 -17.89
N VAL E 155 5.76 -30.32 -17.46
CA VAL E 155 6.56 -30.88 -16.38
C VAL E 155 6.84 -29.83 -15.32
N LEU E 156 7.11 -30.28 -14.10
CA LEU E 156 7.38 -29.37 -13.00
C LEU E 156 8.27 -29.99 -11.92
N LYS E 157 9.22 -29.19 -11.43
CA LYS E 157 10.11 -29.60 -10.35
C LYS E 157 9.72 -28.68 -9.20
N SER E 158 9.36 -29.26 -8.06
CA SER E 158 8.95 -28.46 -6.89
C SER E 158 10.14 -27.84 -6.16
N THR E 159 11.34 -28.33 -6.45
CA THR E 159 12.56 -27.82 -5.85
C THR E 159 13.72 -28.28 -6.72
N GLY E 160 14.95 -27.97 -6.32
CA GLY E 160 16.08 -28.40 -7.13
C GLY E 160 16.24 -27.52 -8.34
N SER E 161 15.97 -26.24 -8.16
CA SER E 161 16.08 -25.25 -9.23
C SER E 161 16.51 -23.94 -8.59
N GLU E 162 17.51 -23.31 -9.19
CA GLU E 162 18.04 -22.04 -8.68
C GLU E 162 18.18 -21.03 -9.80
N PHE E 163 18.39 -19.77 -9.41
CA PHE E 163 18.61 -18.70 -10.38
C PHE E 163 19.21 -17.47 -9.70
N HIS E 164 20.53 -17.33 -9.85
CA HIS E 164 21.26 -16.22 -9.26
C HIS E 164 22.49 -15.91 -10.13
N GLY E 165 23.17 -14.81 -9.83
CA GLY E 165 24.35 -14.47 -10.60
C GLY E 165 24.05 -13.69 -11.87
N PHE E 166 22.79 -13.34 -12.09
CA PHE E 166 22.43 -12.56 -13.27
C PHE E 166 22.76 -11.09 -13.02
N PRO E 167 23.18 -10.37 -14.07
CA PRO E 167 23.51 -8.95 -13.91
C PRO E 167 22.32 -8.16 -13.40
N ARG E 168 22.58 -7.01 -12.79
CA ARG E 168 21.52 -6.17 -12.26
C ARG E 168 21.64 -4.74 -12.75
N ASP E 169 20.67 -4.28 -13.56
CA ASP E 169 20.70 -2.90 -14.04
C ASP E 169 19.58 -2.13 -13.34
N LYS E 170 19.38 -0.88 -13.73
CA LYS E 170 18.36 -0.07 -13.08
C LYS E 170 16.95 -0.64 -13.24
N TYR E 171 16.79 -1.61 -14.13
CA TYR E 171 15.48 -2.22 -14.36
C TYR E 171 15.32 -3.59 -13.71
N THR E 172 16.33 -4.00 -12.95
CA THR E 172 16.30 -5.29 -12.29
C THR E 172 15.75 -5.22 -10.87
N THR E 173 14.72 -6.02 -10.62
CA THR E 173 14.07 -6.09 -9.31
C THR E 173 14.02 -7.53 -8.82
N LEU E 174 14.23 -8.47 -9.74
CA LEU E 174 14.18 -9.90 -9.39
C LEU E 174 15.19 -10.24 -8.30
N GLN E 175 14.74 -11.00 -7.30
CA GLN E 175 15.61 -11.41 -6.22
C GLN E 175 16.24 -12.76 -6.56
N GLU E 176 17.53 -12.92 -6.23
CA GLU E 176 18.20 -14.18 -6.50
C GLU E 176 17.57 -15.24 -5.62
N THR E 177 17.62 -16.50 -6.06
CA THR E 177 17.05 -17.58 -5.27
C THR E 177 17.80 -18.89 -5.44
N THR E 178 17.76 -19.72 -4.40
CA THR E 178 18.43 -21.02 -4.44
C THR E 178 17.38 -22.13 -4.38
N ASP E 179 16.11 -21.74 -4.29
CA ASP E 179 15.01 -22.71 -4.21
C ASP E 179 13.78 -22.10 -4.87
N ARG E 180 13.39 -22.63 -6.03
CA ARG E 180 12.22 -22.13 -6.74
C ARG E 180 11.61 -23.28 -7.52
N ILE E 181 10.41 -23.05 -8.05
CA ILE E 181 9.74 -24.05 -8.85
C ILE E 181 10.20 -23.87 -10.29
N LEU E 182 10.33 -24.98 -11.01
CA LEU E 182 10.71 -24.91 -12.42
C LEU E 182 9.66 -25.71 -13.16
N ALA E 183 8.81 -25.01 -13.90
CA ALA E 183 7.72 -25.64 -14.66
C ALA E 183 7.78 -25.18 -16.11
N THR E 184 7.59 -26.11 -17.03
CA THR E 184 7.64 -25.78 -18.45
C THR E 184 6.80 -26.77 -19.26
N ASP E 185 6.62 -26.47 -20.54
CA ASP E 185 5.90 -27.34 -21.45
C ASP E 185 6.97 -27.84 -22.39
N VAL E 186 7.19 -29.15 -22.42
CA VAL E 186 8.22 -29.69 -23.28
C VAL E 186 7.80 -29.71 -24.74
N SER E 187 8.46 -28.88 -25.54
CA SER E 187 8.22 -28.80 -26.99
C SER E 187 9.58 -29.07 -27.60
N ALA E 188 9.76 -30.26 -28.17
CA ALA E 188 11.04 -30.61 -28.76
C ALA E 188 10.85 -31.25 -30.12
N ARG E 189 11.78 -30.96 -31.01
CA ARG E 189 11.76 -31.51 -32.37
C ARG E 189 13.18 -31.91 -32.73
N TRP E 190 13.33 -33.11 -33.27
CA TRP E 190 14.65 -33.61 -33.65
C TRP E 190 14.68 -34.16 -35.07
N ARG E 191 15.77 -33.84 -35.78
CA ARG E 191 15.93 -34.26 -37.17
C ARG E 191 16.79 -35.51 -37.31
N TYR E 192 16.26 -36.49 -38.03
CA TYR E 192 16.97 -37.74 -38.28
C TYR E 192 17.91 -37.57 -39.46
N ASN E 193 19.06 -38.25 -39.41
CA ASN E 193 20.04 -38.18 -40.48
C ASN E 193 19.90 -39.35 -41.45
N THR E 194 18.81 -40.08 -41.30
CA THR E 194 18.50 -41.23 -42.15
C THR E 194 17.04 -41.64 -41.94
N VAL E 195 16.48 -42.37 -42.91
CA VAL E 195 15.10 -42.83 -42.80
C VAL E 195 15.05 -44.23 -42.22
N GLU E 196 16.18 -44.91 -42.13
CA GLU E 196 16.24 -46.25 -41.57
C GLU E 196 16.26 -46.12 -40.05
N VAL E 197 15.11 -45.76 -39.49
CA VAL E 197 14.98 -45.58 -38.04
C VAL E 197 13.77 -46.34 -37.50
N ASP E 198 13.87 -46.77 -36.25
CA ASP E 198 12.77 -47.45 -35.58
C ASP E 198 12.04 -46.30 -34.91
N PHE E 199 11.26 -45.58 -35.69
CA PHE E 199 10.52 -44.41 -35.24
C PHE E 199 9.80 -44.51 -33.89
N ASP E 200 9.04 -45.57 -33.69
CA ASP E 200 8.32 -45.73 -32.43
C ASP E 200 9.25 -45.92 -31.22
N ALA E 201 10.31 -46.71 -31.41
CA ALA E 201 11.26 -46.96 -30.32
C ALA E 201 12.08 -45.72 -29.97
N VAL E 202 12.49 -44.96 -30.99
CA VAL E 202 13.28 -43.76 -30.76
C VAL E 202 12.44 -42.72 -30.03
N TYR E 203 11.21 -42.50 -30.50
CA TYR E 203 10.33 -41.54 -29.87
C TYR E 203 10.18 -41.83 -28.38
N ALA E 204 9.90 -43.08 -28.06
CA ALA E 204 9.75 -43.49 -26.66
C ALA E 204 11.04 -43.19 -25.89
N SER E 205 12.18 -43.47 -26.53
CA SER E 205 13.48 -43.24 -25.91
C SER E 205 13.76 -41.75 -25.68
N VAL E 206 13.57 -40.94 -26.71
CA VAL E 206 13.80 -39.50 -26.60
C VAL E 206 12.90 -38.89 -25.52
N ARG E 207 11.64 -39.29 -25.51
CA ARG E 207 10.70 -38.80 -24.51
C ARG E 207 11.26 -39.09 -23.11
N GLY E 208 11.68 -40.34 -22.90
CA GLY E 208 12.22 -40.73 -21.62
C GLY E 208 13.49 -39.97 -21.25
N LEU E 209 14.36 -39.75 -22.23
CA LEU E 209 15.60 -39.02 -21.98
C LEU E 209 15.32 -37.56 -21.61
N LEU E 210 14.35 -36.96 -22.29
CA LEU E 210 13.99 -35.57 -22.01
C LEU E 210 13.45 -35.43 -20.61
N LEU E 211 12.55 -36.33 -20.22
CA LEU E 211 11.97 -36.29 -18.89
C LEU E 211 13.01 -36.53 -17.81
N LYS E 212 13.91 -37.47 -18.06
CA LYS E 212 14.97 -37.80 -17.11
C LYS E 212 15.95 -36.65 -16.90
N ALA E 213 16.40 -36.03 -17.98
CA ALA E 213 17.33 -34.91 -17.86
C ALA E 213 16.68 -33.76 -17.12
N PHE E 214 15.44 -33.43 -17.48
CA PHE E 214 14.71 -32.35 -16.82
C PHE E 214 14.61 -32.60 -15.31
N ALA E 215 14.22 -33.81 -14.95
CA ALA E 215 14.03 -34.19 -13.56
C ALA E 215 15.29 -34.34 -12.72
N GLU E 216 16.32 -34.97 -13.27
CA GLU E 216 17.54 -35.22 -12.52
C GLU E 216 18.61 -34.14 -12.59
N THR E 217 18.39 -33.10 -13.39
CA THR E 217 19.36 -32.03 -13.49
C THR E 217 19.11 -30.94 -12.44
N HIS E 218 20.09 -30.70 -11.59
CA HIS E 218 19.95 -29.64 -10.59
C HIS E 218 20.10 -28.38 -11.42
N SER E 219 18.98 -27.71 -11.68
CA SER E 219 18.99 -26.53 -12.52
C SER E 219 19.45 -25.21 -11.90
N LEU E 220 20.41 -24.58 -12.57
CA LEU E 220 20.92 -23.28 -12.14
C LEU E 220 20.33 -22.26 -13.11
N ALA E 221 19.66 -22.78 -14.13
CA ALA E 221 19.02 -21.98 -15.16
C ALA E 221 18.27 -22.88 -16.14
N LEU E 222 17.14 -22.39 -16.66
CA LEU E 222 16.36 -23.17 -17.61
C LEU E 222 17.25 -23.52 -18.80
N GLN E 223 18.09 -22.58 -19.20
CA GLN E 223 19.00 -22.80 -20.33
C GLN E 223 19.88 -24.04 -20.11
N GLN E 224 20.38 -24.18 -18.89
CA GLN E 224 21.23 -25.32 -18.54
C GLN E 224 20.42 -26.61 -18.60
N THR E 225 19.22 -26.59 -18.03
CA THR E 225 18.35 -27.75 -18.03
C THR E 225 18.08 -28.18 -19.48
N MET E 226 17.75 -27.22 -20.33
CA MET E 226 17.46 -27.52 -21.73
C MET E 226 18.66 -28.15 -22.41
N TYR E 227 19.84 -27.57 -22.20
CA TYR E 227 21.07 -28.07 -22.79
C TYR E 227 21.29 -29.54 -22.41
N GLU E 228 21.14 -29.86 -21.12
CA GLU E 228 21.32 -31.22 -20.66
C GLU E 228 20.31 -32.17 -21.29
N MET E 229 19.08 -31.70 -21.43
CA MET E 229 18.03 -32.52 -22.04
C MET E 229 18.43 -32.84 -23.48
N GLY E 230 18.86 -31.80 -24.21
CA GLY E 230 19.27 -31.98 -25.59
C GLY E 230 20.50 -32.86 -25.75
N ARG E 231 21.47 -32.67 -24.87
CA ARG E 231 22.70 -33.45 -24.92
C ARG E 231 22.42 -34.93 -24.73
N ALA E 232 21.54 -35.27 -23.79
CA ALA E 232 21.20 -36.66 -23.50
C ALA E 232 20.64 -37.37 -24.73
N VAL E 233 19.90 -36.64 -25.56
CA VAL E 233 19.31 -37.21 -26.76
C VAL E 233 20.37 -37.50 -27.82
N ILE E 234 21.18 -36.50 -28.14
CA ILE E 234 22.21 -36.63 -29.15
C ILE E 234 23.26 -37.67 -28.79
N GLU E 235 23.61 -37.76 -27.51
CA GLU E 235 24.61 -38.73 -27.07
C GLU E 235 24.11 -40.15 -27.14
N THR E 236 22.79 -40.32 -27.08
CA THR E 236 22.17 -41.64 -27.10
C THR E 236 21.74 -42.15 -28.48
N HIS E 237 21.39 -41.24 -29.38
CA HIS E 237 20.93 -41.66 -30.71
C HIS E 237 21.75 -41.14 -31.88
N PRO E 238 22.50 -42.04 -32.53
CA PRO E 238 23.36 -41.73 -33.68
C PRO E 238 22.55 -41.24 -34.88
N GLU E 239 21.30 -41.69 -34.97
CA GLU E 239 20.42 -41.30 -36.07
C GLU E 239 19.90 -39.87 -35.96
N ILE E 240 20.14 -39.23 -34.82
CA ILE E 240 19.70 -37.85 -34.60
C ILE E 240 20.87 -36.88 -34.68
N ASP E 241 20.79 -35.90 -35.58
CA ASP E 241 21.85 -34.91 -35.77
C ASP E 241 21.63 -33.60 -34.99
N GLU E 242 20.38 -33.31 -34.65
CA GLU E 242 20.08 -32.09 -33.92
C GLU E 242 18.69 -32.11 -33.32
N ILE E 243 18.54 -31.41 -32.19
CA ILE E 243 17.26 -31.32 -31.52
C ILE E 243 17.03 -29.86 -31.12
N LYS E 244 15.83 -29.36 -31.41
CA LYS E 244 15.46 -27.99 -31.07
C LYS E 244 14.38 -28.01 -30.01
N MET E 245 14.50 -27.11 -29.05
CA MET E 245 13.54 -27.02 -27.97
C MET E 245 13.11 -25.60 -27.70
N SER E 246 11.85 -25.46 -27.31
CA SER E 246 11.26 -24.17 -26.97
C SER E 246 10.59 -24.42 -25.63
N LEU E 247 11.22 -23.96 -24.56
CA LEU E 247 10.69 -24.16 -23.23
C LEU E 247 10.27 -22.89 -22.54
N PRO E 248 8.98 -22.80 -22.17
CA PRO E 248 8.51 -21.59 -21.49
C PRO E 248 8.79 -21.75 -19.99
N ASN E 249 9.09 -20.66 -19.32
CA ASN E 249 9.30 -20.73 -17.88
C ASN E 249 7.96 -20.27 -17.32
N LYS E 250 7.12 -21.24 -16.98
CA LYS E 250 5.78 -20.98 -16.44
C LYS E 250 5.92 -20.61 -14.98
N HIS E 251 6.00 -19.31 -14.73
CA HIS E 251 6.19 -18.81 -13.38
C HIS E 251 5.17 -19.17 -12.30
N HIS E 252 5.68 -19.70 -11.20
CA HIS E 252 4.88 -20.03 -10.03
C HIS E 252 5.45 -19.13 -8.95
N PHE E 253 4.75 -18.04 -8.67
CA PHE E 253 5.20 -17.07 -7.68
C PHE E 253 4.89 -17.47 -6.26
N LEU E 254 5.91 -17.41 -5.41
CA LEU E 254 5.75 -17.75 -4.00
C LEU E 254 4.93 -16.60 -3.43
N VAL E 255 3.72 -16.90 -2.97
CA VAL E 255 2.83 -15.87 -2.45
C VAL E 255 3.31 -15.30 -1.11
N ASP E 256 3.30 -13.97 -1.01
CA ASP E 256 3.74 -13.31 0.20
C ASP E 256 2.59 -13.29 1.19
N LEU E 257 2.72 -14.06 2.26
CA LEU E 257 1.70 -14.13 3.30
C LEU E 257 2.14 -13.40 4.55
N GLN E 258 3.34 -12.83 4.51
CA GLN E 258 3.90 -12.10 5.65
C GLN E 258 2.96 -11.01 6.17
N PRO E 259 2.24 -10.31 5.27
CA PRO E 259 1.32 -9.25 5.71
C PRO E 259 0.25 -9.82 6.64
N PHE E 260 0.10 -11.14 6.62
CA PHE E 260 -0.90 -11.83 7.45
C PHE E 260 -0.25 -12.55 8.62
N GLY E 261 1.05 -12.30 8.81
CA GLY E 261 1.77 -12.93 9.90
C GLY E 261 2.10 -14.39 9.64
N GLN E 262 1.88 -14.84 8.41
CA GLN E 262 2.17 -16.23 8.05
C GLN E 262 3.41 -16.29 7.18
N ASP E 263 4.22 -17.31 7.35
CA ASP E 263 5.41 -17.46 6.51
C ASP E 263 4.97 -18.38 5.38
N ASN E 264 5.84 -18.57 4.41
CA ASN E 264 5.52 -19.44 3.27
C ASN E 264 6.80 -20.17 2.88
N PRO E 265 7.05 -21.33 3.49
CA PRO E 265 8.25 -22.11 3.20
C PRO E 265 8.15 -22.88 1.88
N ASN E 266 8.10 -22.14 0.78
CA ASN E 266 8.03 -22.74 -0.55
C ASN E 266 6.84 -23.70 -0.67
N GLU E 267 5.68 -23.28 -0.18
CA GLU E 267 4.49 -24.12 -0.23
C GLU E 267 3.30 -23.60 -1.04
N VAL E 268 2.99 -22.31 -0.91
CA VAL E 268 1.85 -21.74 -1.62
C VAL E 268 2.27 -20.86 -2.80
N PHE E 269 1.87 -21.26 -4.00
CA PHE E 269 2.22 -20.54 -5.21
C PHE E 269 1.04 -20.10 -6.08
N TYR E 270 1.25 -19.00 -6.79
CA TYR E 270 0.28 -18.45 -7.72
C TYR E 270 0.86 -18.84 -9.09
N ALA E 271 0.12 -19.62 -9.87
CA ALA E 271 0.59 -20.04 -11.19
C ALA E 271 0.12 -19.02 -12.23
N ALA E 272 1.01 -18.12 -12.62
CA ALA E 272 0.70 -17.06 -13.57
C ALA E 272 0.63 -17.53 -15.02
N ASP E 273 -0.32 -16.98 -15.77
CA ASP E 273 -0.50 -17.33 -17.17
C ASP E 273 0.53 -16.64 -18.04
N ARG E 274 0.46 -15.32 -18.09
CA ARG E 274 1.37 -14.52 -18.88
C ARG E 274 1.77 -13.33 -18.03
N PRO E 275 2.98 -12.79 -18.24
CA PRO E 275 3.95 -13.29 -19.23
C PRO E 275 4.71 -14.50 -18.72
N TYR E 276 5.54 -15.07 -19.59
CA TYR E 276 6.34 -16.22 -19.21
C TYR E 276 7.68 -16.15 -19.91
N GLY E 277 8.70 -16.70 -19.25
CA GLY E 277 10.02 -16.71 -19.87
C GLY E 277 9.92 -17.70 -21.02
N LEU E 278 10.68 -17.46 -22.08
CA LEU E 278 10.68 -18.37 -23.22
C LEU E 278 12.13 -18.60 -23.60
N ILE E 279 12.62 -19.80 -23.29
CA ILE E 279 14.01 -20.19 -23.54
C ILE E 279 14.03 -21.18 -24.70
N GLU E 280 14.76 -20.84 -25.75
CA GLU E 280 14.83 -21.70 -26.92
C GLU E 280 16.26 -21.93 -27.40
N ALA E 281 16.53 -23.15 -27.87
CA ALA E 281 17.87 -23.46 -28.36
C ALA E 281 17.92 -24.69 -29.24
N THR E 282 19.04 -24.84 -29.93
CA THR E 282 19.27 -25.98 -30.79
C THR E 282 20.55 -26.63 -30.30
N ILE E 283 20.47 -27.92 -30.00
CA ILE E 283 21.63 -28.67 -29.56
C ILE E 283 21.93 -29.58 -30.74
N GLN E 284 23.17 -29.54 -31.20
CA GLN E 284 23.58 -30.32 -32.36
C GLN E 284 24.76 -31.24 -32.16
N ARG E 285 24.91 -32.17 -33.08
CA ARG E 285 26.01 -33.13 -33.09
C ARG E 285 27.10 -32.38 -33.84
N GLU E 286 28.26 -32.20 -33.21
CA GLU E 286 29.34 -31.48 -33.86
C GLU E 286 29.65 -32.06 -35.23
N GLY E 287 29.56 -31.22 -36.26
CA GLY E 287 29.83 -31.68 -37.62
C GLY E 287 28.59 -31.76 -38.49
N SER E 288 27.42 -31.78 -37.88
CA SER E 288 26.17 -31.86 -38.63
C SER E 288 25.80 -30.53 -39.26
N ARG E 289 24.81 -30.55 -40.16
CA ARG E 289 24.36 -29.35 -40.85
C ARG E 289 23.87 -28.32 -39.84
N ALA E 290 24.05 -27.04 -40.17
CA ALA E 290 23.65 -25.97 -39.27
C ALA E 290 22.36 -25.23 -39.61
N ASP E 291 21.89 -25.33 -40.85
CA ASP E 291 20.66 -24.65 -41.24
C ASP E 291 19.81 -25.44 -42.24
N HIS E 292 19.45 -26.67 -41.88
CA HIS E 292 18.65 -27.51 -42.76
C HIS E 292 17.35 -26.81 -43.13
N PRO E 293 16.94 -26.90 -44.40
CA PRO E 293 15.71 -26.29 -44.94
C PRO E 293 14.39 -26.69 -44.26
N ILE E 294 14.34 -27.91 -43.73
CA ILE E 294 13.12 -28.39 -43.10
C ILE E 294 12.64 -27.52 -41.93
N TRP E 295 13.55 -26.77 -41.34
CA TRP E 295 13.21 -25.90 -40.22
C TRP E 295 12.58 -24.59 -40.69
N SER E 296 12.57 -24.38 -42.00
CA SER E 296 12.01 -23.16 -42.56
C SER E 296 10.49 -23.24 -42.69
N ASN E 297 10.00 -24.37 -43.19
CA ASN E 297 8.57 -24.59 -43.38
C ASN E 297 8.02 -23.81 -44.57
N THR F 11 -40.99 0.75 -16.13
CA THR F 11 -41.70 0.94 -14.83
C THR F 11 -40.73 0.86 -13.66
N LYS F 12 -41.04 0.03 -12.68
CA LYS F 12 -40.18 -0.13 -11.50
C LYS F 12 -39.16 -1.23 -11.75
N VAL F 13 -37.88 -0.87 -11.63
CA VAL F 13 -36.78 -1.80 -11.84
C VAL F 13 -36.21 -2.28 -10.50
N VAL F 14 -35.97 -3.59 -10.38
CA VAL F 14 -35.42 -4.15 -9.16
C VAL F 14 -34.24 -5.09 -9.40
N LEU F 15 -33.38 -5.19 -8.39
CA LEU F 15 -32.22 -6.06 -8.44
C LEU F 15 -32.71 -7.44 -8.07
N GLY F 16 -32.40 -8.43 -8.91
CA GLY F 16 -32.82 -9.79 -8.61
C GLY F 16 -31.63 -10.59 -8.10
N GLN F 17 -31.54 -11.85 -8.52
CA GLN F 17 -30.44 -12.72 -8.11
C GLN F 17 -29.11 -12.09 -8.51
N ASN F 18 -28.10 -12.25 -7.66
CA ASN F 18 -26.78 -11.70 -7.95
C ASN F 18 -25.71 -12.40 -7.13
N GLN F 19 -24.47 -12.29 -7.59
CA GLN F 19 -23.32 -12.89 -6.90
C GLN F 19 -22.08 -12.29 -7.52
N TYR F 20 -21.00 -12.26 -6.76
CA TYR F 20 -19.76 -11.70 -7.29
C TYR F 20 -18.59 -12.28 -6.49
N GLY F 21 -17.41 -12.28 -7.09
CA GLY F 21 -16.25 -12.79 -6.40
C GLY F 21 -15.06 -12.85 -7.34
N LYS F 22 -14.03 -13.61 -6.97
CA LYS F 22 -12.86 -13.74 -7.82
C LYS F 22 -12.93 -15.08 -8.53
N ALA F 23 -12.75 -15.05 -9.84
CA ALA F 23 -12.79 -16.28 -10.62
C ALA F 23 -11.40 -16.67 -11.11
N GLU F 24 -11.19 -17.98 -11.16
CA GLU F 24 -9.95 -18.58 -11.64
C GLU F 24 -8.65 -18.18 -10.97
N VAL F 25 -8.59 -18.43 -9.67
CA VAL F 25 -7.41 -18.18 -8.87
C VAL F 25 -6.60 -19.47 -8.97
N ARG F 26 -5.48 -19.40 -9.69
CA ARG F 26 -4.63 -20.55 -9.89
C ARG F 26 -3.72 -20.78 -8.70
N LEU F 27 -3.99 -21.87 -7.98
CA LEU F 27 -3.25 -22.22 -6.80
C LEU F 27 -2.50 -23.55 -6.90
N VAL F 28 -1.23 -23.53 -6.51
CA VAL F 28 -0.44 -24.74 -6.50
C VAL F 28 0.09 -24.83 -5.08
N LYS F 29 -0.26 -25.92 -4.39
CA LYS F 29 0.16 -26.13 -3.03
C LYS F 29 1.13 -27.31 -3.00
N VAL F 30 2.34 -27.05 -2.54
CA VAL F 30 3.34 -28.10 -2.46
C VAL F 30 3.46 -28.54 -1.01
N THR F 31 3.36 -29.85 -0.79
CA THR F 31 3.51 -30.40 0.55
C THR F 31 4.95 -30.89 0.59
N ARG F 32 5.76 -30.31 1.46
CA ARG F 32 7.17 -30.69 1.53
C ARG F 32 7.71 -30.79 2.95
N ASN F 33 6.92 -31.33 3.87
CA ASN F 33 7.40 -31.49 5.24
C ASN F 33 8.49 -32.56 5.20
N THR F 34 8.40 -33.42 4.19
CA THR F 34 9.38 -34.48 3.97
C THR F 34 9.97 -34.28 2.57
N ALA F 35 11.00 -35.04 2.23
CA ALA F 35 11.64 -34.92 0.92
C ALA F 35 10.71 -35.41 -0.19
N ARG F 36 9.69 -36.16 0.21
CA ARG F 36 8.71 -36.70 -0.72
C ARG F 36 7.61 -35.65 -0.95
N HIS F 37 7.84 -34.75 -1.90
CA HIS F 37 6.88 -33.69 -2.19
C HIS F 37 5.56 -34.14 -2.81
N GLU F 38 4.49 -33.47 -2.41
CA GLU F 38 3.15 -33.73 -2.92
C GLU F 38 2.68 -32.46 -3.61
N ILE F 39 1.92 -32.59 -4.69
CA ILE F 39 1.44 -31.42 -5.42
C ILE F 39 -0.09 -31.37 -5.55
N GLN F 40 -0.65 -30.22 -5.22
CA GLN F 40 -2.09 -30.00 -5.37
C GLN F 40 -2.21 -28.77 -6.23
N ASP F 41 -2.86 -28.93 -7.38
CA ASP F 41 -3.01 -27.87 -8.37
C ASP F 41 -4.49 -27.56 -8.58
N LEU F 42 -4.90 -26.34 -8.23
CA LEU F 42 -6.30 -25.94 -8.37
C LEU F 42 -6.55 -24.64 -9.12
N ASN F 43 -7.75 -24.52 -9.67
CA ASN F 43 -8.21 -23.31 -10.35
C ASN F 43 -9.46 -23.04 -9.53
N VAL F 44 -9.37 -22.06 -8.64
CA VAL F 44 -10.46 -21.74 -7.71
C VAL F 44 -11.30 -20.50 -8.01
N THR F 45 -12.60 -20.62 -7.80
CA THR F 45 -13.51 -19.51 -8.00
C THR F 45 -14.37 -19.33 -6.76
N SER F 46 -14.45 -18.09 -6.27
CA SER F 46 -15.21 -17.76 -5.08
C SER F 46 -16.24 -16.66 -5.41
N GLN F 47 -17.50 -16.93 -5.13
CA GLN F 47 -18.55 -15.94 -5.34
C GLN F 47 -19.50 -15.90 -4.14
N LEU F 48 -19.79 -14.68 -3.70
CA LEU F 48 -20.65 -14.46 -2.54
C LEU F 48 -22.07 -14.04 -2.87
N ARG F 49 -22.99 -14.39 -1.98
CA ARG F 49 -24.40 -14.06 -2.12
C ARG F 49 -24.87 -13.47 -0.80
N GLY F 50 -25.80 -12.53 -0.88
CA GLY F 50 -26.32 -11.91 0.32
C GLY F 50 -26.95 -10.56 -0.03
N ASP F 51 -26.91 -9.64 0.92
CA ASP F 51 -27.49 -8.32 0.73
C ASP F 51 -26.47 -7.37 0.11
N PHE F 52 -26.56 -7.19 -1.20
CA PHE F 52 -25.65 -6.31 -1.92
C PHE F 52 -26.45 -5.25 -2.70
N GLU F 53 -27.66 -5.00 -2.21
CA GLU F 53 -28.57 -4.03 -2.81
C GLU F 53 -27.94 -2.64 -3.01
N ALA F 54 -27.34 -2.11 -1.96
CA ALA F 54 -26.73 -0.78 -2.00
C ALA F 54 -25.56 -0.68 -2.95
N ALA F 55 -24.76 -1.74 -3.03
CA ALA F 55 -23.60 -1.75 -3.91
C ALA F 55 -24.06 -1.56 -5.36
N HIS F 56 -25.19 -2.18 -5.71
CA HIS F 56 -25.69 -2.08 -7.07
C HIS F 56 -26.47 -0.80 -7.35
N THR F 57 -27.35 -0.41 -6.44
CA THR F 57 -28.18 0.77 -6.63
C THR F 57 -27.52 2.11 -6.33
N ALA F 58 -26.51 2.12 -5.47
CA ALA F 58 -25.87 3.38 -5.12
C ALA F 58 -24.35 3.39 -5.17
N GLY F 59 -23.74 2.24 -5.42
CA GLY F 59 -22.29 2.21 -5.48
C GLY F 59 -21.68 2.27 -4.08
N ASP F 60 -22.50 1.98 -3.06
CA ASP F 60 -22.04 1.95 -1.68
C ASP F 60 -21.40 0.58 -1.47
N ASN F 61 -20.09 0.56 -1.24
CA ASN F 61 -19.36 -0.69 -1.09
C ASN F 61 -19.11 -1.23 0.31
N ALA F 62 -19.84 -0.72 1.30
CA ALA F 62 -19.66 -1.18 2.68
C ALA F 62 -19.83 -2.70 2.83
N HIS F 63 -20.69 -3.30 2.02
CA HIS F 63 -20.92 -4.75 2.11
C HIS F 63 -20.03 -5.54 1.15
N VAL F 64 -19.31 -4.84 0.29
CA VAL F 64 -18.49 -5.50 -0.72
C VAL F 64 -17.10 -5.98 -0.32
N VAL F 65 -17.02 -7.24 0.11
CA VAL F 65 -15.74 -7.84 0.45
C VAL F 65 -15.02 -7.92 -0.90
N ALA F 66 -13.99 -7.12 -1.10
CA ALA F 66 -13.25 -7.07 -2.36
C ALA F 66 -12.93 -8.44 -2.94
N THR F 67 -13.03 -8.57 -4.26
CA THR F 67 -12.72 -9.83 -4.90
C THR F 67 -11.24 -10.10 -4.67
N ASP F 68 -10.45 -9.03 -4.52
CA ASP F 68 -9.03 -9.18 -4.27
C ASP F 68 -8.83 -9.85 -2.91
N THR F 69 -9.70 -9.50 -1.96
CA THR F 69 -9.62 -10.07 -0.61
C THR F 69 -10.02 -11.55 -0.66
N GLN F 70 -10.99 -11.88 -1.50
CA GLN F 70 -11.42 -13.26 -1.63
C GLN F 70 -10.23 -14.07 -2.15
N LYS F 71 -9.49 -13.49 -3.10
CA LYS F 71 -8.31 -14.12 -3.67
C LYS F 71 -7.23 -14.34 -2.59
N ASN F 72 -6.95 -13.31 -1.79
CA ASN F 72 -5.95 -13.42 -0.73
C ASN F 72 -6.31 -14.52 0.25
N THR F 73 -7.60 -14.65 0.54
CA THR F 73 -8.09 -15.65 1.48
C THR F 73 -7.80 -17.05 0.97
N VAL F 74 -7.93 -17.26 -0.34
CA VAL F 74 -7.65 -18.56 -0.91
C VAL F 74 -6.20 -18.95 -0.63
N TYR F 75 -5.27 -18.04 -0.91
CA TYR F 75 -3.87 -18.34 -0.67
C TYR F 75 -3.54 -18.45 0.81
N ALA F 76 -4.15 -17.61 1.64
CA ALA F 76 -3.89 -17.67 3.07
C ALA F 76 -4.37 -19.01 3.64
N PHE F 77 -5.54 -19.47 3.21
CA PHE F 77 -6.05 -20.74 3.69
C PHE F 77 -5.24 -21.92 3.15
N ALA F 78 -4.73 -21.80 1.93
CA ALA F 78 -3.94 -22.87 1.32
C ALA F 78 -2.71 -23.20 2.16
N ARG F 79 -2.14 -22.20 2.82
CA ARG F 79 -0.94 -22.38 3.65
C ARG F 79 -1.13 -23.47 4.71
N ASP F 80 -2.34 -23.59 5.23
CA ASP F 80 -2.63 -24.59 6.25
C ASP F 80 -2.81 -25.97 5.66
N GLY F 81 -2.87 -26.04 4.34
CA GLY F 81 -3.06 -27.32 3.69
C GLY F 81 -4.50 -27.76 3.77
N PHE F 82 -4.87 -28.71 2.91
CA PHE F 82 -6.23 -29.23 2.87
C PHE F 82 -6.19 -30.67 2.38
N ALA F 83 -7.04 -31.52 2.96
CA ALA F 83 -7.08 -32.92 2.59
C ALA F 83 -7.55 -33.15 1.17
N THR F 84 -8.65 -32.50 0.81
CA THR F 84 -9.24 -32.65 -0.51
C THR F 84 -9.72 -31.29 -0.99
N THR F 85 -10.02 -31.21 -2.29
CA THR F 85 -10.52 -29.98 -2.86
C THR F 85 -11.85 -29.59 -2.23
N GLU F 86 -12.73 -30.58 -2.06
CA GLU F 86 -14.03 -30.29 -1.45
C GLU F 86 -13.90 -29.72 -0.05
N GLU F 87 -12.93 -30.21 0.72
CA GLU F 87 -12.75 -29.73 2.08
C GLU F 87 -12.15 -28.32 2.10
N PHE F 88 -11.38 -27.98 1.07
CA PHE F 88 -10.80 -26.64 0.98
C PHE F 88 -11.94 -25.67 0.68
N LEU F 89 -12.84 -26.06 -0.23
CA LEU F 89 -13.98 -25.22 -0.60
C LEU F 89 -14.92 -25.01 0.59
N LEU F 90 -15.11 -26.06 1.39
CA LEU F 90 -15.99 -25.98 2.55
C LEU F 90 -15.45 -24.96 3.56
N ARG F 91 -14.13 -24.96 3.73
CA ARG F 91 -13.51 -24.03 4.66
C ARG F 91 -13.72 -22.59 4.18
N LEU F 92 -13.59 -22.39 2.87
CA LEU F 92 -13.78 -21.06 2.29
C LEU F 92 -15.22 -20.58 2.41
N GLY F 93 -16.16 -21.48 2.09
CA GLY F 93 -17.56 -21.11 2.17
C GLY F 93 -18.00 -20.76 3.58
N LYS F 94 -17.59 -21.55 4.56
CA LYS F 94 -17.97 -21.29 5.95
C LYS F 94 -17.34 -19.98 6.43
N HIS F 95 -16.11 -19.72 6.00
CA HIS F 95 -15.43 -18.48 6.39
C HIS F 95 -16.21 -17.24 5.96
N PHE F 96 -16.54 -17.16 4.67
CA PHE F 96 -17.26 -15.99 4.18
C PHE F 96 -18.69 -15.85 4.70
N THR F 97 -19.42 -16.94 4.80
CA THR F 97 -20.79 -16.86 5.29
C THR F 97 -20.86 -16.53 6.78
N GLU F 98 -19.95 -17.10 7.57
CA GLU F 98 -19.93 -16.85 9.00
C GLU F 98 -19.21 -15.55 9.38
N GLY F 99 -18.24 -15.15 8.56
CA GLY F 99 -17.49 -13.94 8.86
C GLY F 99 -18.16 -12.62 8.53
N PHE F 100 -19.20 -12.66 7.72
CA PHE F 100 -19.89 -11.44 7.33
C PHE F 100 -21.39 -11.67 7.42
N ASP F 101 -22.06 -10.87 8.25
CA ASP F 101 -23.49 -11.01 8.46
C ASP F 101 -24.35 -10.83 7.23
N TRP F 102 -23.95 -9.93 6.35
CA TRP F 102 -24.72 -9.67 5.14
C TRP F 102 -24.46 -10.73 4.05
N VAL F 103 -23.50 -11.61 4.28
CA VAL F 103 -23.20 -12.68 3.32
C VAL F 103 -23.92 -13.92 3.83
N THR F 104 -24.97 -14.31 3.13
CA THR F 104 -25.78 -15.45 3.54
C THR F 104 -25.52 -16.73 2.77
N GLY F 105 -24.78 -16.63 1.68
CA GLY F 105 -24.49 -17.81 0.90
C GLY F 105 -23.39 -17.57 -0.11
N GLY F 106 -23.28 -18.48 -1.05
CA GLY F 106 -22.25 -18.34 -2.06
C GLY F 106 -22.06 -19.60 -2.87
N ARG F 107 -21.11 -19.52 -3.79
CA ARG F 107 -20.77 -20.63 -4.66
C ARG F 107 -19.26 -20.65 -4.79
N TRP F 108 -18.65 -21.74 -4.37
CA TRP F 108 -17.21 -21.91 -4.43
C TRP F 108 -16.93 -23.12 -5.31
N ALA F 109 -16.13 -22.91 -6.35
CA ALA F 109 -15.83 -23.99 -7.27
C ALA F 109 -14.35 -24.12 -7.55
N ALA F 110 -13.96 -25.30 -8.01
CA ALA F 110 -12.57 -25.54 -8.34
C ALA F 110 -12.38 -26.65 -9.36
N GLN F 111 -11.31 -26.51 -10.13
CA GLN F 111 -10.93 -27.53 -11.09
C GLN F 111 -9.64 -28.04 -10.46
N GLN F 112 -9.47 -29.36 -10.45
CA GLN F 112 -8.27 -29.94 -9.88
C GLN F 112 -7.53 -30.62 -11.02
N PHE F 113 -6.27 -30.24 -11.19
CA PHE F 113 -5.45 -30.80 -12.25
C PHE F 113 -4.50 -31.85 -11.67
N PHE F 114 -4.40 -32.99 -12.35
CA PHE F 114 -3.56 -34.06 -11.85
C PHE F 114 -2.13 -34.10 -12.37
N TRP F 115 -1.25 -34.56 -11.49
CA TRP F 115 0.18 -34.68 -11.78
C TRP F 115 0.66 -36.08 -11.43
N ASP F 116 1.61 -36.59 -12.21
CA ASP F 116 2.19 -37.90 -11.98
C ASP F 116 3.68 -37.70 -11.74
N ARG F 117 4.29 -38.51 -10.89
CA ARG F 117 5.72 -38.38 -10.66
C ARG F 117 6.48 -38.84 -11.90
N ILE F 118 7.63 -38.24 -12.15
CA ILE F 118 8.46 -38.65 -13.28
C ILE F 118 9.38 -39.73 -12.71
N ASN F 119 9.20 -40.96 -13.18
CA ASN F 119 10.02 -42.08 -12.70
C ASN F 119 10.04 -42.17 -11.18
N ASP F 120 8.90 -41.94 -10.55
CA ASP F 120 8.76 -42.00 -9.11
C ASP F 120 9.64 -40.98 -8.37
N HIS F 121 10.07 -39.94 -9.08
CA HIS F 121 10.92 -38.91 -8.50
C HIS F 121 10.24 -38.21 -7.32
N ASP F 122 11.02 -37.88 -6.31
CA ASP F 122 10.49 -37.20 -5.12
C ASP F 122 9.87 -35.83 -5.37
N HIS F 123 10.46 -35.05 -6.29
CA HIS F 123 9.93 -33.72 -6.56
C HIS F 123 9.89 -33.27 -8.02
N ALA F 124 9.70 -34.21 -8.95
CA ALA F 124 9.62 -33.88 -10.36
C ALA F 124 8.36 -34.56 -10.88
N PHE F 125 7.49 -33.80 -11.55
CA PHE F 125 6.24 -34.35 -12.04
C PHE F 125 5.89 -33.94 -13.45
N SER F 126 4.93 -34.64 -14.03
CA SER F 126 4.43 -34.36 -15.37
C SER F 126 2.91 -34.29 -15.22
N ARG F 127 2.27 -33.42 -15.99
CA ARG F 127 0.82 -33.27 -15.90
C ARG F 127 0.05 -34.42 -16.56
N ASN F 128 -1.02 -34.84 -15.91
CA ASN F 128 -1.88 -35.88 -16.46
C ASN F 128 -3.04 -35.05 -16.98
N LYS F 129 -3.09 -34.86 -18.30
CA LYS F 129 -4.12 -34.03 -18.91
C LYS F 129 -5.32 -34.79 -19.44
N SER F 130 -5.39 -36.08 -19.17
CA SER F 130 -6.48 -36.92 -19.68
C SER F 130 -7.85 -36.69 -19.06
N GLU F 131 -7.90 -35.89 -18.00
CA GLU F 131 -9.17 -35.57 -17.36
C GLU F 131 -8.95 -34.43 -16.39
N VAL F 132 -10.04 -33.77 -16.03
CA VAL F 132 -9.98 -32.66 -15.08
C VAL F 132 -11.09 -32.92 -14.08
N ARG F 133 -10.75 -32.86 -12.80
CA ARG F 133 -11.72 -33.08 -11.75
C ARG F 133 -12.31 -31.74 -11.33
N THR F 134 -13.61 -31.72 -11.02
CA THR F 134 -14.28 -30.49 -10.62
C THR F 134 -15.03 -30.68 -9.30
N ALA F 135 -15.31 -29.57 -8.64
CA ALA F 135 -16.05 -29.59 -7.38
C ALA F 135 -16.72 -28.24 -7.24
N VAL F 136 -17.97 -28.26 -6.83
CA VAL F 136 -18.71 -27.02 -6.63
C VAL F 136 -19.44 -27.10 -5.30
N LEU F 137 -19.26 -26.08 -4.48
CA LEU F 137 -19.94 -26.00 -3.19
C LEU F 137 -20.86 -24.80 -3.20
N GLU F 138 -22.10 -25.02 -2.81
CA GLU F 138 -23.03 -23.93 -2.75
C GLU F 138 -23.63 -23.88 -1.34
N ILE F 139 -23.66 -22.69 -0.77
CA ILE F 139 -24.22 -22.51 0.55
C ILE F 139 -25.39 -21.56 0.42
N SER F 140 -26.50 -21.90 1.07
CA SER F 140 -27.70 -21.09 1.06
C SER F 140 -28.19 -21.11 2.51
N GLY F 141 -27.82 -20.08 3.28
CA GLY F 141 -28.21 -20.04 4.67
C GLY F 141 -27.52 -21.17 5.39
N SER F 142 -28.29 -22.03 6.05
CA SER F 142 -27.71 -23.16 6.78
C SER F 142 -27.55 -24.38 5.87
N GLU F 143 -28.00 -24.25 4.63
CA GLU F 143 -27.94 -25.35 3.67
C GLU F 143 -26.61 -25.39 2.89
N GLN F 144 -26.02 -26.58 2.81
CA GLN F 144 -24.77 -26.78 2.10
C GLN F 144 -24.97 -27.88 1.06
N ALA F 145 -24.44 -27.67 -0.14
CA ALA F 145 -24.57 -28.67 -1.20
C ALA F 145 -23.28 -28.77 -2.00
N ILE F 146 -22.83 -30.00 -2.23
CA ILE F 146 -21.60 -30.24 -2.98
C ILE F 146 -21.83 -31.12 -4.20
N VAL F 147 -21.30 -30.68 -5.34
CA VAL F 147 -21.40 -31.44 -6.59
C VAL F 147 -19.96 -31.66 -7.05
N ALA F 148 -19.60 -32.93 -7.28
CA ALA F 148 -18.26 -33.25 -7.75
C ALA F 148 -18.42 -33.66 -9.21
N GLY F 149 -17.35 -33.61 -9.98
CA GLY F 149 -17.46 -33.99 -11.38
C GLY F 149 -16.16 -34.33 -12.07
N ILE F 150 -16.29 -34.79 -13.30
CA ILE F 150 -15.14 -35.15 -14.11
C ILE F 150 -15.45 -34.59 -15.49
N GLU F 151 -14.41 -34.14 -16.20
CA GLU F 151 -14.62 -33.61 -17.53
C GLU F 151 -13.35 -33.79 -18.36
N GLY F 152 -13.48 -33.69 -19.67
CA GLY F 152 -12.33 -33.82 -20.55
C GLY F 152 -11.81 -35.24 -20.78
N LEU F 153 -12.54 -36.25 -20.32
CA LEU F 153 -12.11 -37.65 -20.48
C LEU F 153 -12.74 -38.26 -21.73
N THR F 154 -11.96 -38.29 -22.81
CA THR F 154 -12.40 -38.80 -24.10
C THR F 154 -12.28 -40.31 -24.21
N VAL F 155 -13.39 -40.95 -24.57
CA VAL F 155 -13.42 -42.41 -24.69
C VAL F 155 -13.97 -42.80 -26.05
N LEU F 156 -13.65 -44.02 -26.50
CA LEU F 156 -14.10 -44.51 -27.79
C LEU F 156 -14.17 -46.03 -27.86
N LYS F 157 -15.24 -46.52 -28.47
CA LYS F 157 -15.45 -47.95 -28.71
C LYS F 157 -15.41 -48.07 -30.22
N SER F 158 -14.58 -48.97 -30.75
CA SER F 158 -14.45 -49.14 -32.19
C SER F 158 -15.53 -50.07 -32.77
N THR F 159 -16.24 -50.75 -31.89
CA THR F 159 -17.34 -51.63 -32.29
C THR F 159 -18.20 -51.87 -31.05
N GLY F 160 -19.26 -52.66 -31.19
CA GLY F 160 -20.13 -52.91 -30.05
C GLY F 160 -21.04 -51.72 -29.82
N SER F 161 -21.43 -51.08 -30.92
CA SER F 161 -22.32 -49.93 -30.87
C SER F 161 -23.23 -50.00 -32.09
N GLU F 162 -24.53 -49.84 -31.86
CA GLU F 162 -25.50 -49.89 -32.95
C GLU F 162 -26.44 -48.72 -32.83
N PHE F 163 -27.16 -48.44 -33.90
CA PHE F 163 -28.17 -47.39 -33.89
C PHE F 163 -29.15 -47.62 -35.03
N HIS F 164 -30.28 -48.22 -34.70
CA HIS F 164 -31.32 -48.51 -35.67
C HIS F 164 -32.68 -48.46 -34.98
N GLY F 165 -33.73 -48.46 -35.78
CA GLY F 165 -35.07 -48.42 -35.22
C GLY F 165 -35.62 -47.04 -34.99
N PHE F 166 -34.85 -46.01 -35.34
CA PHE F 166 -35.32 -44.64 -35.17
C PHE F 166 -36.32 -44.30 -36.27
N PRO F 167 -37.26 -43.38 -35.98
CA PRO F 167 -38.26 -43.00 -36.97
C PRO F 167 -37.63 -42.33 -38.19
N ARG F 168 -38.33 -42.40 -39.32
CA ARG F 168 -37.82 -41.80 -40.54
C ARG F 168 -38.87 -40.89 -41.16
N ASP F 169 -38.54 -39.61 -41.29
CA ASP F 169 -39.44 -38.66 -41.92
C ASP F 169 -38.74 -38.23 -43.19
N LYS F 170 -39.33 -37.29 -43.92
CA LYS F 170 -38.74 -36.82 -45.17
C LYS F 170 -37.34 -36.22 -45.01
N TYR F 171 -36.97 -35.85 -43.79
CA TYR F 171 -35.66 -35.26 -43.54
C TYR F 171 -34.62 -36.26 -43.06
N THR F 172 -35.01 -37.52 -42.98
CA THR F 172 -34.11 -38.56 -42.52
C THR F 172 -33.33 -39.21 -43.65
N THR F 173 -32.00 -39.22 -43.52
CA THR F 173 -31.12 -39.81 -44.52
C THR F 173 -30.18 -40.81 -43.87
N LEU F 174 -30.00 -40.68 -42.56
CA LEU F 174 -29.11 -41.57 -41.81
C LEU F 174 -29.48 -43.03 -42.02
N GLN F 175 -28.48 -43.85 -42.33
CA GLN F 175 -28.72 -45.26 -42.52
C GLN F 175 -28.58 -46.00 -41.20
N GLU F 176 -29.45 -46.98 -41.00
CA GLU F 176 -29.42 -47.78 -39.78
C GLU F 176 -28.13 -48.59 -39.77
N THR F 177 -27.64 -48.93 -38.59
CA THR F 177 -26.40 -49.70 -38.50
C THR F 177 -26.32 -50.57 -37.26
N THR F 178 -25.58 -51.67 -37.36
CA THR F 178 -25.40 -52.59 -36.24
C THR F 178 -23.92 -52.60 -35.83
N ASP F 179 -23.15 -51.69 -36.40
CA ASP F 179 -21.72 -51.62 -36.11
C ASP F 179 -21.15 -50.24 -36.45
N ARG F 180 -20.90 -49.43 -35.43
CA ARG F 180 -20.35 -48.09 -35.66
C ARG F 180 -19.42 -47.74 -34.52
N ILE F 181 -18.67 -46.66 -34.68
CA ILE F 181 -17.78 -46.21 -33.63
C ILE F 181 -18.61 -45.35 -32.69
N LEU F 182 -18.36 -45.48 -31.40
CA LEU F 182 -19.05 -44.66 -30.40
C LEU F 182 -17.96 -43.95 -29.62
N ALA F 183 -17.84 -42.64 -29.84
CA ALA F 183 -16.83 -41.83 -29.19
C ALA F 183 -17.49 -40.63 -28.54
N THR F 184 -17.03 -40.28 -27.33
CA THR F 184 -17.61 -39.16 -26.61
C THR F 184 -16.60 -38.61 -25.60
N ASP F 185 -16.93 -37.47 -25.00
CA ASP F 185 -16.08 -36.87 -23.98
C ASP F 185 -16.91 -37.00 -22.72
N VAL F 186 -16.45 -37.80 -21.76
CA VAL F 186 -17.22 -37.97 -20.56
C VAL F 186 -17.21 -36.74 -19.67
N SER F 187 -18.38 -36.12 -19.57
CA SER F 187 -18.56 -34.94 -18.72
C SER F 187 -19.69 -35.35 -17.79
N ALA F 188 -19.36 -35.50 -16.51
CA ALA F 188 -20.36 -35.93 -15.54
C ALA F 188 -20.22 -35.17 -14.22
N ARG F 189 -21.34 -34.97 -13.55
CA ARG F 189 -21.36 -34.29 -12.25
C ARG F 189 -22.38 -34.98 -11.37
N TRP F 190 -21.99 -35.23 -10.12
CA TRP F 190 -22.88 -35.92 -9.18
C TRP F 190 -22.99 -35.15 -7.86
N ARG F 191 -24.21 -35.11 -7.33
CA ARG F 191 -24.51 -34.38 -6.10
C ARG F 191 -24.50 -35.30 -4.87
N TYR F 192 -23.68 -34.93 -3.88
CA TYR F 192 -23.58 -35.71 -2.65
C TYR F 192 -24.73 -35.34 -1.71
N ASN F 193 -25.20 -36.31 -0.94
CA ASN F 193 -26.30 -36.05 -0.01
C ASN F 193 -25.80 -35.89 1.42
N THR F 194 -24.49 -35.76 1.57
CA THR F 194 -23.84 -35.58 2.86
C THR F 194 -22.42 -35.05 2.65
N VAL F 195 -21.85 -34.45 3.69
CA VAL F 195 -20.49 -33.93 3.59
C VAL F 195 -19.52 -34.98 4.13
N GLU F 196 -20.05 -35.95 4.87
CA GLU F 196 -19.22 -37.00 5.44
C GLU F 196 -18.94 -38.00 4.31
N VAL F 197 -18.02 -37.63 3.44
CA VAL F 197 -17.65 -38.44 2.30
C VAL F 197 -16.14 -38.50 2.08
N ASP F 198 -15.64 -39.66 1.68
CA ASP F 198 -14.22 -39.82 1.38
C ASP F 198 -14.16 -39.35 -0.08
N PHE F 199 -14.13 -38.04 -0.26
CA PHE F 199 -14.12 -37.43 -1.58
C PHE F 199 -13.16 -38.00 -2.61
N ASP F 200 -11.90 -38.24 -2.24
CA ASP F 200 -10.94 -38.77 -3.21
C ASP F 200 -11.26 -40.20 -3.61
N ALA F 201 -11.68 -41.01 -2.65
CA ALA F 201 -12.00 -42.40 -2.95
C ALA F 201 -13.24 -42.52 -3.84
N VAL F 202 -14.27 -41.74 -3.53
CA VAL F 202 -15.49 -41.79 -4.32
C VAL F 202 -15.23 -41.32 -5.74
N TYR F 203 -14.46 -40.25 -5.89
CA TYR F 203 -14.14 -39.75 -7.23
C TYR F 203 -13.47 -40.85 -8.04
N ALA F 204 -12.48 -41.52 -7.45
CA ALA F 204 -11.78 -42.58 -8.15
C ALA F 204 -12.74 -43.71 -8.51
N SER F 205 -13.65 -44.03 -7.61
CA SER F 205 -14.63 -45.09 -7.84
C SER F 205 -15.59 -44.73 -8.97
N VAL F 206 -16.17 -43.53 -8.89
CA VAL F 206 -17.11 -43.07 -9.90
C VAL F 206 -16.46 -43.09 -11.28
N ARG F 207 -15.25 -42.55 -11.38
CA ARG F 207 -14.54 -42.52 -12.65
C ARG F 207 -14.46 -43.92 -13.24
N GLY F 208 -14.07 -44.88 -12.43
CA GLY F 208 -13.93 -46.25 -12.88
C GLY F 208 -15.24 -46.88 -13.31
N LEU F 209 -16.31 -46.58 -12.58
CA LEU F 209 -17.64 -47.10 -12.87
C LEU F 209 -18.18 -46.57 -14.20
N LEU F 210 -17.93 -45.29 -14.47
CA LEU F 210 -18.39 -44.68 -15.71
C LEU F 210 -17.64 -45.29 -16.89
N LEU F 211 -16.34 -45.48 -16.71
CA LEU F 211 -15.48 -46.05 -17.75
C LEU F 211 -15.91 -47.49 -18.03
N LYS F 212 -16.14 -48.24 -16.96
CA LYS F 212 -16.55 -49.65 -17.08
C LYS F 212 -17.88 -49.79 -17.81
N ALA F 213 -18.86 -49.00 -17.39
CA ALA F 213 -20.19 -49.04 -18.01
C ALA F 213 -20.18 -48.59 -19.47
N PHE F 214 -19.28 -47.67 -19.81
CA PHE F 214 -19.21 -47.22 -21.19
C PHE F 214 -18.62 -48.32 -22.06
N ALA F 215 -17.55 -48.93 -21.55
CA ALA F 215 -16.86 -49.98 -22.28
C ALA F 215 -17.62 -51.31 -22.39
N GLU F 216 -18.23 -51.74 -21.29
CA GLU F 216 -18.91 -53.04 -21.28
C GLU F 216 -20.37 -53.07 -21.73
N THR F 217 -20.99 -51.92 -21.92
CA THR F 217 -22.37 -51.92 -22.35
C THR F 217 -22.48 -52.04 -23.88
N HIS F 218 -23.22 -53.03 -24.35
CA HIS F 218 -23.41 -53.16 -25.79
C HIS F 218 -24.40 -52.05 -26.09
N SER F 219 -23.89 -50.95 -26.65
CA SER F 219 -24.72 -49.80 -26.91
C SER F 219 -25.69 -49.87 -28.07
N LEU F 220 -26.95 -49.62 -27.79
CA LEU F 220 -27.99 -49.60 -28.82
C LEU F 220 -28.35 -48.12 -29.04
N ALA F 221 -27.72 -47.26 -28.25
CA ALA F 221 -27.94 -45.82 -28.33
C ALA F 221 -27.07 -45.13 -27.27
N LEU F 222 -26.65 -43.91 -27.55
CA LEU F 222 -25.82 -43.18 -26.60
C LEU F 222 -26.63 -42.98 -25.33
N GLN F 223 -27.94 -42.79 -25.48
CA GLN F 223 -28.81 -42.58 -24.33
C GLN F 223 -28.77 -43.78 -23.38
N GLN F 224 -28.75 -44.99 -23.96
CA GLN F 224 -28.73 -46.23 -23.18
C GLN F 224 -27.42 -46.38 -22.43
N THR F 225 -26.32 -46.14 -23.13
CA THR F 225 -24.99 -46.24 -22.51
C THR F 225 -24.94 -45.27 -21.34
N MET F 226 -25.44 -44.06 -21.55
CA MET F 226 -25.43 -43.04 -20.51
C MET F 226 -26.25 -43.46 -19.30
N TYR F 227 -27.40 -44.08 -19.54
CA TYR F 227 -28.24 -44.54 -18.46
C TYR F 227 -27.52 -45.60 -17.61
N GLU F 228 -26.86 -46.55 -18.26
CA GLU F 228 -26.13 -47.59 -17.54
C GLU F 228 -24.96 -47.01 -16.75
N MET F 229 -24.32 -45.99 -17.30
CA MET F 229 -23.21 -45.34 -16.64
C MET F 229 -23.72 -44.69 -15.35
N GLY F 230 -24.83 -43.97 -15.45
CA GLY F 230 -25.39 -43.30 -14.30
C GLY F 230 -25.95 -44.26 -13.26
N ARG F 231 -26.60 -45.33 -13.73
CA ARG F 231 -27.19 -46.32 -12.84
C ARG F 231 -26.12 -47.01 -12.00
N ALA F 232 -24.98 -47.33 -12.62
CA ALA F 232 -23.90 -47.99 -11.88
C ALA F 232 -23.41 -47.12 -10.73
N VAL F 233 -23.34 -45.81 -10.96
CA VAL F 233 -22.89 -44.88 -9.93
C VAL F 233 -23.85 -44.82 -8.76
N ILE F 234 -25.13 -44.58 -9.05
CA ILE F 234 -26.15 -44.48 -8.00
C ILE F 234 -26.27 -45.77 -7.21
N GLU F 235 -26.30 -46.90 -7.90
CA GLU F 235 -26.42 -48.19 -7.23
C GLU F 235 -25.20 -48.47 -6.35
N THR F 236 -24.05 -47.93 -6.70
CA THR F 236 -22.82 -48.17 -5.95
C THR F 236 -22.54 -47.24 -4.77
N HIS F 237 -22.94 -45.97 -4.86
CA HIS F 237 -22.66 -45.03 -3.78
C HIS F 237 -23.85 -44.42 -3.07
N PRO F 238 -24.05 -44.77 -1.79
CA PRO F 238 -25.16 -44.27 -0.98
C PRO F 238 -25.13 -42.75 -0.79
N GLU F 239 -23.94 -42.15 -0.82
CA GLU F 239 -23.84 -40.71 -0.62
C GLU F 239 -24.14 -39.86 -1.86
N ILE F 240 -24.46 -40.49 -2.98
CA ILE F 240 -24.79 -39.75 -4.19
C ILE F 240 -26.28 -39.85 -4.46
N ASP F 241 -26.95 -38.72 -4.60
CA ASP F 241 -28.38 -38.73 -4.87
C ASP F 241 -28.73 -38.62 -6.35
N GLU F 242 -27.82 -38.09 -7.14
CA GLU F 242 -28.06 -37.96 -8.58
C GLU F 242 -26.79 -37.68 -9.35
N ILE F 243 -26.79 -38.04 -10.63
CA ILE F 243 -25.65 -37.79 -11.48
C ILE F 243 -26.15 -37.32 -12.83
N LYS F 244 -25.58 -36.22 -13.32
CA LYS F 244 -25.94 -35.68 -14.62
C LYS F 244 -24.77 -35.87 -15.55
N MET F 245 -25.07 -36.14 -16.82
CA MET F 245 -24.04 -36.32 -17.81
C MET F 245 -24.40 -35.58 -19.07
N SER F 246 -23.37 -35.12 -19.77
CA SER F 246 -23.55 -34.39 -21.03
C SER F 246 -22.54 -35.05 -21.94
N LEU F 247 -23.04 -35.92 -22.82
CA LEU F 247 -22.17 -36.65 -23.73
C LEU F 247 -22.36 -36.34 -25.20
N PRO F 248 -21.30 -35.83 -25.84
CA PRO F 248 -21.40 -35.52 -27.25
C PRO F 248 -21.17 -36.80 -28.05
N ASN F 249 -21.82 -36.92 -29.21
CA ASN F 249 -21.58 -38.10 -30.03
C ASN F 249 -20.61 -37.55 -31.08
N LYS F 250 -19.32 -37.79 -30.86
CA LYS F 250 -18.29 -37.31 -31.77
C LYS F 250 -18.21 -38.24 -32.98
N HIS F 251 -18.87 -37.81 -34.04
CA HIS F 251 -18.97 -38.62 -35.25
C HIS F 251 -17.67 -38.99 -35.94
N HIS F 252 -17.54 -40.28 -36.21
CA HIS F 252 -16.41 -40.84 -36.94
C HIS F 252 -17.08 -41.45 -38.15
N PHE F 253 -17.05 -40.72 -39.26
CA PHE F 253 -17.68 -41.17 -40.49
C PHE F 253 -16.83 -42.17 -41.27
N LEU F 254 -17.45 -43.29 -41.64
CA LEU F 254 -16.77 -44.32 -42.43
C LEU F 254 -16.61 -43.70 -43.82
N VAL F 255 -15.37 -43.51 -44.25
CA VAL F 255 -15.10 -42.88 -45.55
C VAL F 255 -15.44 -43.77 -46.76
N ASP F 256 -15.99 -43.16 -47.80
CA ASP F 256 -16.34 -43.91 -49.01
C ASP F 256 -15.07 -44.00 -49.86
N LEU F 257 -14.48 -45.19 -49.90
CA LEU F 257 -13.26 -45.37 -50.67
C LEU F 257 -13.51 -46.01 -52.04
N GLN F 258 -14.78 -46.23 -52.39
CA GLN F 258 -15.11 -46.84 -53.67
C GLN F 258 -14.61 -46.05 -54.87
N PRO F 259 -14.65 -44.71 -54.81
CA PRO F 259 -14.16 -43.94 -55.95
C PRO F 259 -12.68 -44.19 -56.22
N PHE F 260 -12.01 -44.81 -55.25
CA PHE F 260 -10.60 -45.12 -55.33
C PHE F 260 -10.37 -46.62 -55.53
N GLY F 261 -11.43 -47.36 -55.82
CA GLY F 261 -11.32 -48.79 -56.03
C GLY F 261 -11.05 -49.60 -54.77
N GLN F 262 -11.51 -49.11 -53.63
CA GLN F 262 -11.30 -49.80 -52.36
C GLN F 262 -12.59 -49.96 -51.59
N ASP F 263 -12.63 -50.96 -50.72
CA ASP F 263 -13.78 -51.15 -49.87
C ASP F 263 -13.33 -50.62 -48.50
N ASN F 264 -14.25 -50.48 -47.56
CA ASN F 264 -13.88 -49.96 -46.25
C ASN F 264 -14.63 -50.75 -45.20
N PRO F 265 -14.08 -51.91 -44.80
CA PRO F 265 -14.73 -52.75 -43.79
C PRO F 265 -14.56 -52.19 -42.38
N ASN F 266 -15.20 -51.05 -42.14
CA ASN F 266 -15.17 -50.38 -40.83
C ASN F 266 -13.75 -50.12 -40.34
N GLU F 267 -12.89 -49.65 -41.23
CA GLU F 267 -11.50 -49.39 -40.88
C GLU F 267 -11.01 -47.95 -40.98
N VAL F 268 -11.45 -47.23 -41.99
CA VAL F 268 -10.98 -45.86 -42.19
C VAL F 268 -12.06 -44.83 -41.91
N PHE F 269 -11.79 -43.96 -40.94
CA PHE F 269 -12.75 -42.94 -40.53
C PHE F 269 -12.26 -41.49 -40.53
N TYR F 270 -13.22 -40.60 -40.76
CA TYR F 270 -12.98 -39.16 -40.74
C TYR F 270 -13.61 -38.71 -39.41
N ALA F 271 -12.82 -38.12 -38.52
CA ALA F 271 -13.34 -37.66 -37.23
C ALA F 271 -13.78 -36.20 -37.38
N ALA F 272 -15.07 -36.00 -37.56
CA ALA F 272 -15.63 -34.65 -37.74
C ALA F 272 -15.67 -33.83 -36.45
N ASP F 273 -15.36 -32.54 -36.56
CA ASP F 273 -15.36 -31.65 -35.40
C ASP F 273 -16.77 -31.25 -35.01
N ARG F 274 -17.48 -30.64 -35.96
CA ARG F 274 -18.85 -30.18 -35.76
C ARG F 274 -19.60 -30.44 -37.06
N PRO F 275 -20.92 -30.69 -36.96
CA PRO F 275 -21.66 -30.73 -35.71
C PRO F 275 -21.46 -32.05 -34.98
N TYR F 276 -22.07 -32.17 -33.81
CA TYR F 276 -21.99 -33.40 -33.03
C TYR F 276 -23.28 -33.59 -32.26
N GLY F 277 -23.67 -34.85 -32.05
CA GLY F 277 -24.86 -35.11 -31.29
C GLY F 277 -24.52 -34.73 -29.87
N LEU F 278 -25.52 -34.32 -29.10
CA LEU F 278 -25.32 -33.96 -27.70
C LEU F 278 -26.47 -34.57 -26.92
N ILE F 279 -26.16 -35.64 -26.19
CA ILE F 279 -27.14 -36.35 -25.40
C ILE F 279 -26.89 -36.07 -23.92
N GLU F 280 -27.92 -35.63 -23.21
CA GLU F 280 -27.77 -35.30 -21.81
C GLU F 280 -28.90 -35.88 -20.97
N ALA F 281 -28.60 -36.26 -19.72
CA ALA F 281 -29.61 -36.84 -18.86
C ALA F 281 -29.22 -36.82 -17.40
N THR F 282 -30.22 -37.02 -16.56
CA THR F 282 -30.03 -37.05 -15.12
C THR F 282 -30.55 -38.40 -14.64
N ILE F 283 -29.72 -39.12 -13.89
CA ILE F 283 -30.12 -40.40 -13.32
C ILE F 283 -30.17 -40.09 -11.82
N GLN F 284 -31.33 -40.31 -11.21
CA GLN F 284 -31.50 -40.03 -9.79
C GLN F 284 -31.92 -41.22 -8.93
N ARG F 285 -31.61 -41.12 -7.64
CA ARG F 285 -32.01 -42.14 -6.68
C ARG F 285 -33.51 -41.87 -6.53
N GLU F 286 -34.33 -42.89 -6.63
CA GLU F 286 -35.77 -42.70 -6.54
C GLU F 286 -36.18 -41.92 -5.29
N GLY F 287 -37.09 -40.96 -5.47
CA GLY F 287 -37.57 -40.18 -4.35
C GLY F 287 -36.67 -39.03 -3.91
N SER F 288 -35.51 -38.88 -4.55
CA SER F 288 -34.60 -37.79 -4.18
C SER F 288 -35.10 -36.47 -4.74
N ARG F 289 -34.48 -35.36 -4.30
CA ARG F 289 -34.89 -34.03 -4.74
C ARG F 289 -34.91 -33.91 -6.26
N ALA F 290 -36.01 -33.39 -6.78
CA ALA F 290 -36.21 -33.24 -8.22
C ALA F 290 -35.34 -32.22 -8.93
N ASP F 291 -35.21 -31.02 -8.37
CA ASP F 291 -34.43 -29.97 -8.99
C ASP F 291 -33.66 -29.10 -7.99
N HIS F 292 -32.56 -29.64 -7.46
CA HIS F 292 -31.75 -28.90 -6.49
C HIS F 292 -31.25 -27.61 -7.14
N PRO F 293 -31.36 -26.48 -6.42
CA PRO F 293 -30.91 -25.18 -6.89
C PRO F 293 -29.46 -25.10 -7.36
N ILE F 294 -28.60 -25.97 -6.83
CA ILE F 294 -27.19 -25.95 -7.20
C ILE F 294 -26.95 -26.11 -8.69
N TRP F 295 -27.87 -26.77 -9.39
CA TRP F 295 -27.71 -26.99 -10.81
C TRP F 295 -27.92 -25.74 -11.66
N SER F 296 -28.69 -24.78 -11.15
CA SER F 296 -28.95 -23.56 -11.88
C SER F 296 -27.72 -22.69 -12.10
N ASN F 297 -26.94 -22.51 -11.04
CA ASN F 297 -25.72 -21.71 -11.11
C ASN F 297 -26.02 -20.21 -11.25
N THR G 11 -30.81 -48.34 -4.18
CA THR G 11 -31.17 -49.53 -4.99
C THR G 11 -32.00 -49.14 -6.22
N LYS G 12 -33.07 -48.38 -6.02
CA LYS G 12 -33.94 -47.97 -7.13
C LYS G 12 -33.43 -46.69 -7.83
N VAL G 13 -33.31 -46.78 -9.14
CA VAL G 13 -32.83 -45.67 -9.97
C VAL G 13 -33.92 -45.17 -10.91
N VAL G 14 -33.95 -43.84 -11.13
CA VAL G 14 -34.96 -43.24 -12.00
C VAL G 14 -34.38 -42.24 -13.00
N LEU G 15 -34.91 -42.23 -14.22
CA LEU G 15 -34.46 -41.29 -15.25
C LEU G 15 -35.10 -39.93 -14.97
N GLY G 16 -34.28 -38.90 -14.83
CA GLY G 16 -34.81 -37.57 -14.57
C GLY G 16 -34.87 -36.74 -15.83
N GLN G 17 -34.51 -35.47 -15.71
CA GLN G 17 -34.52 -34.56 -16.86
C GLN G 17 -33.53 -35.08 -17.90
N ASN G 18 -33.89 -34.91 -19.16
CA ASN G 18 -33.03 -35.35 -20.25
C ASN G 18 -33.43 -34.63 -21.52
N GLN G 19 -32.48 -34.52 -22.44
CA GLN G 19 -32.70 -33.87 -23.73
C GLN G 19 -31.56 -34.29 -24.64
N TYR G 20 -31.77 -34.22 -25.94
CA TYR G 20 -30.73 -34.64 -26.86
C TYR G 20 -30.98 -34.03 -28.22
N GLY G 21 -29.92 -33.95 -29.03
CA GLY G 21 -30.07 -33.38 -30.35
C GLY G 21 -28.73 -33.13 -30.99
N LYS G 22 -28.72 -32.29 -32.02
CA LYS G 22 -27.49 -31.97 -32.72
C LYS G 22 -27.03 -30.58 -32.29
N ALA G 23 -25.77 -30.47 -31.92
CA ALA G 23 -25.20 -29.21 -31.49
C ALA G 23 -24.23 -28.65 -32.52
N GLU G 24 -24.17 -27.33 -32.56
CA GLU G 24 -23.28 -26.58 -33.43
C GLU G 24 -23.32 -26.89 -34.92
N VAL G 25 -24.51 -26.74 -35.49
CA VAL G 25 -24.70 -26.94 -36.92
C VAL G 25 -24.36 -25.59 -37.52
N ARG G 26 -23.24 -25.51 -38.23
CA ARG G 26 -22.79 -24.27 -38.83
C ARG G 26 -23.45 -24.02 -40.17
N LEU G 27 -24.34 -23.03 -40.20
CA LEU G 27 -25.09 -22.68 -41.38
C LEU G 27 -24.75 -21.30 -41.91
N VAL G 28 -24.69 -21.18 -43.23
CA VAL G 28 -24.45 -19.90 -43.87
C VAL G 28 -25.51 -19.84 -44.96
N LYS G 29 -26.41 -18.86 -44.85
CA LYS G 29 -27.47 -18.68 -45.82
C LYS G 29 -27.16 -17.44 -46.64
N VAL G 30 -27.06 -17.61 -47.96
CA VAL G 30 -26.78 -16.50 -48.84
C VAL G 30 -28.07 -16.12 -49.54
N THR G 31 -28.42 -14.84 -49.48
CA THR G 31 -29.61 -14.35 -50.15
C THR G 31 -29.11 -13.70 -51.41
N ARG G 32 -29.46 -14.27 -52.56
CA ARG G 32 -28.99 -13.73 -53.83
C ARG G 32 -30.12 -13.59 -54.86
N ASN G 33 -31.22 -12.99 -54.44
CA ASN G 33 -32.36 -12.77 -55.33
C ASN G 33 -31.89 -11.70 -56.33
N THR G 34 -31.17 -10.71 -55.82
CA THR G 34 -30.65 -9.63 -56.65
C THR G 34 -29.13 -9.71 -56.67
N ALA G 35 -28.49 -8.74 -57.31
CA ALA G 35 -27.04 -8.70 -57.39
C ALA G 35 -26.46 -8.35 -56.02
N ARG G 36 -27.29 -7.70 -55.21
CA ARG G 36 -26.90 -7.29 -53.87
C ARG G 36 -27.07 -8.47 -52.89
N HIS G 37 -26.03 -9.28 -52.73
CA HIS G 37 -26.10 -10.44 -51.85
C HIS G 37 -26.11 -10.10 -50.36
N GLU G 38 -26.81 -10.94 -49.59
CA GLU G 38 -26.90 -10.80 -48.14
C GLU G 38 -26.38 -12.10 -47.56
N ILE G 39 -25.81 -12.04 -46.36
CA ILE G 39 -25.26 -13.22 -45.71
C ILE G 39 -25.79 -13.37 -44.29
N GLN G 40 -26.21 -14.58 -43.94
CA GLN G 40 -26.68 -14.88 -42.59
C GLN G 40 -25.83 -16.07 -42.16
N ASP G 41 -25.12 -15.91 -41.05
CA ASP G 41 -24.19 -16.91 -40.55
C ASP G 41 -24.59 -17.34 -39.14
N LEU G 42 -24.92 -18.63 -38.98
CA LEU G 42 -25.34 -19.12 -37.66
C LEU G 42 -24.66 -20.40 -37.19
N ASN G 43 -24.71 -20.63 -35.89
CA ASN G 43 -24.18 -21.84 -35.25
C ASN G 43 -25.41 -22.28 -34.47
N VAL G 44 -26.10 -23.29 -35.00
CA VAL G 44 -27.35 -23.78 -34.44
C VAL G 44 -27.28 -25.09 -33.65
N THR G 45 -27.99 -25.10 -32.52
CA THR G 45 -28.07 -26.27 -31.68
C THR G 45 -29.54 -26.61 -31.46
N SER G 46 -29.89 -27.88 -31.67
CA SER G 46 -31.25 -28.36 -31.52
C SER G 46 -31.30 -29.51 -30.53
N GLN G 47 -32.18 -29.41 -29.54
CA GLN G 47 -32.33 -30.47 -28.54
C GLN G 47 -33.80 -30.66 -28.18
N LEU G 48 -34.22 -31.92 -28.20
CA LEU G 48 -35.60 -32.29 -27.92
C LEU G 48 -35.85 -32.81 -26.51
N ARG G 49 -37.09 -32.62 -26.04
CA ARG G 49 -37.51 -33.09 -24.73
C ARG G 49 -38.85 -33.80 -24.91
N GLY G 50 -39.07 -34.86 -24.14
CA GLY G 50 -40.32 -35.59 -24.24
C GLY G 50 -40.20 -36.96 -23.61
N ASP G 51 -40.90 -37.93 -24.17
CA ASP G 51 -40.87 -39.28 -23.64
C ASP G 51 -39.77 -40.11 -24.30
N PHE G 52 -38.61 -40.16 -23.66
CA PHE G 52 -37.47 -40.92 -24.18
C PHE G 52 -37.06 -41.96 -23.14
N GLU G 53 -38.00 -42.34 -22.28
CA GLU G 53 -37.76 -43.33 -21.24
C GLU G 53 -37.21 -44.64 -21.81
N ALA G 54 -37.87 -45.18 -22.83
CA ALA G 54 -37.44 -46.45 -23.42
C ALA G 54 -36.07 -46.36 -24.08
N ALA G 55 -35.78 -45.22 -24.71
CA ALA G 55 -34.49 -45.03 -25.36
C ALA G 55 -33.34 -45.19 -24.36
N HIS G 56 -33.55 -44.68 -23.14
CA HIS G 56 -32.51 -44.77 -22.11
C HIS G 56 -32.47 -46.12 -21.39
N THR G 57 -33.64 -46.64 -21.00
CA THR G 57 -33.68 -47.89 -20.26
C THR G 57 -33.54 -49.18 -21.07
N ALA G 58 -33.95 -49.15 -22.34
CA ALA G 58 -33.86 -50.36 -23.15
C ALA G 58 -33.16 -50.17 -24.49
N GLY G 59 -32.78 -48.94 -24.81
CA GLY G 59 -32.13 -48.70 -26.08
C GLY G 59 -33.10 -48.85 -27.24
N ASP G 60 -34.38 -48.60 -26.96
CA ASP G 60 -35.43 -48.68 -27.96
C ASP G 60 -35.50 -47.28 -28.57
N ASN G 61 -35.13 -47.15 -29.84
CA ASN G 61 -35.09 -45.84 -30.50
C ASN G 61 -36.32 -45.42 -31.28
N ALA G 62 -37.46 -46.04 -31.03
CA ALA G 62 -38.68 -45.69 -31.74
C ALA G 62 -39.01 -44.21 -31.62
N HIS G 63 -38.71 -43.60 -30.48
CA HIS G 63 -39.00 -42.19 -30.26
C HIS G 63 -37.84 -41.25 -30.59
N VAL G 64 -36.68 -41.83 -30.86
CA VAL G 64 -35.48 -41.04 -31.11
C VAL G 64 -35.30 -40.47 -32.51
N VAL G 65 -35.79 -39.25 -32.71
CA VAL G 65 -35.61 -38.56 -34.00
C VAL G 65 -34.09 -38.36 -34.05
N ALA G 66 -33.43 -38.96 -35.05
CA ALA G 66 -31.98 -38.87 -35.18
C ALA G 66 -31.42 -37.45 -35.14
N THR G 67 -30.32 -37.26 -34.43
CA THR G 67 -29.72 -35.94 -34.36
C THR G 67 -29.32 -35.60 -35.80
N ASP G 68 -28.99 -36.62 -36.58
CA ASP G 68 -28.62 -36.39 -37.98
C ASP G 68 -29.83 -35.79 -38.71
N THR G 69 -31.02 -36.27 -38.36
CA THR G 69 -32.26 -35.80 -38.97
C THR G 69 -32.55 -34.36 -38.52
N GLN G 70 -32.23 -34.05 -37.28
CA GLN G 70 -32.45 -32.70 -36.78
C GLN G 70 -31.55 -31.75 -37.56
N LYS G 71 -30.32 -32.19 -37.83
CA LYS G 71 -29.37 -31.39 -38.60
C LYS G 71 -29.90 -31.13 -40.01
N ASN G 72 -30.37 -32.18 -40.68
CA ASN G 72 -30.91 -32.05 -42.02
C ASN G 72 -32.07 -31.06 -42.06
N THR G 73 -32.88 -31.06 -41.00
CA THR G 73 -34.02 -30.17 -40.94
C THR G 73 -33.59 -28.71 -40.89
N VAL G 74 -32.50 -28.45 -40.17
CA VAL G 74 -31.98 -27.10 -40.07
C VAL G 74 -31.63 -26.58 -41.46
N TYR G 75 -30.92 -27.39 -42.26
CA TYR G 75 -30.54 -26.95 -43.59
C TYR G 75 -31.72 -26.85 -44.56
N ALA G 76 -32.65 -27.80 -44.48
CA ALA G 76 -33.82 -27.78 -45.36
C ALA G 76 -34.67 -26.53 -45.07
N PHE G 77 -34.84 -26.19 -43.81
CA PHE G 77 -35.63 -25.02 -43.44
C PHE G 77 -34.94 -23.72 -43.84
N ALA G 78 -33.61 -23.71 -43.79
CA ALA G 78 -32.85 -22.53 -44.16
C ALA G 78 -33.10 -22.16 -45.63
N ARG G 79 -33.40 -23.15 -46.45
CA ARG G 79 -33.65 -22.91 -47.88
C ARG G 79 -34.81 -21.94 -48.10
N ASP G 80 -35.79 -21.94 -47.20
CA ASP G 80 -36.93 -21.05 -47.34
C ASP G 80 -36.59 -19.63 -46.92
N GLY G 81 -35.45 -19.48 -46.27
CA GLY G 81 -35.05 -18.16 -45.80
C GLY G 81 -35.74 -17.84 -44.50
N PHE G 82 -35.20 -16.87 -43.77
CA PHE G 82 -35.76 -16.46 -42.49
C PHE G 82 -35.39 -15.00 -42.25
N ALA G 83 -36.33 -14.24 -41.69
CA ALA G 83 -36.08 -12.81 -41.44
C ALA G 83 -35.09 -12.58 -40.31
N THR G 84 -35.20 -13.36 -39.24
CA THR G 84 -34.29 -13.21 -38.10
C THR G 84 -33.93 -14.57 -37.55
N THR G 85 -32.93 -14.60 -36.69
CA THR G 85 -32.49 -15.86 -36.08
C THR G 85 -33.62 -16.40 -35.19
N GLU G 86 -34.27 -15.51 -34.46
CA GLU G 86 -35.36 -15.93 -33.58
C GLU G 86 -36.50 -16.59 -34.36
N GLU G 87 -36.84 -16.02 -35.52
CA GLU G 87 -37.92 -16.58 -36.34
C GLU G 87 -37.54 -17.98 -36.81
N PHE G 88 -36.28 -18.16 -37.19
CA PHE G 88 -35.78 -19.45 -37.65
C PHE G 88 -35.94 -20.49 -36.53
N LEU G 89 -35.55 -20.13 -35.32
CA LEU G 89 -35.66 -21.05 -34.18
C LEU G 89 -37.11 -21.40 -33.88
N LEU G 90 -37.99 -20.40 -33.96
CA LEU G 90 -39.41 -20.63 -33.71
C LEU G 90 -39.95 -21.69 -34.65
N ARG G 91 -39.58 -21.58 -35.93
CA ARG G 91 -40.03 -22.54 -36.92
C ARG G 91 -39.54 -23.95 -36.57
N LEU G 92 -38.26 -24.06 -36.22
CA LEU G 92 -37.69 -25.36 -35.84
C LEU G 92 -38.41 -25.95 -34.64
N GLY G 93 -38.58 -25.14 -33.61
CA GLY G 93 -39.24 -25.59 -32.40
C GLY G 93 -40.65 -26.10 -32.65
N LYS G 94 -41.44 -25.31 -33.39
CA LYS G 94 -42.80 -25.71 -33.69
C LYS G 94 -42.84 -27.01 -34.50
N HIS G 95 -41.90 -27.15 -35.42
CA HIS G 95 -41.83 -28.35 -36.25
C HIS G 95 -41.66 -29.64 -35.44
N PHE G 96 -40.66 -29.67 -34.56
CA PHE G 96 -40.40 -30.87 -33.76
C PHE G 96 -41.46 -31.17 -32.70
N THR G 97 -41.94 -30.14 -32.02
CA THR G 97 -42.94 -30.36 -30.99
C THR G 97 -44.26 -30.82 -31.59
N GLU G 98 -44.67 -30.18 -32.68
CA GLU G 98 -45.91 -30.54 -33.35
C GLU G 98 -45.79 -31.77 -34.25
N GLY G 99 -44.60 -32.02 -34.78
CA GLY G 99 -44.40 -33.15 -35.66
C GLY G 99 -44.31 -34.52 -35.03
N PHE G 100 -44.06 -34.57 -33.73
CA PHE G 100 -43.93 -35.84 -33.03
C PHE G 100 -44.67 -35.78 -31.70
N ASP G 101 -45.65 -36.66 -31.53
CA ASP G 101 -46.46 -36.72 -30.32
C ASP G 101 -45.67 -36.87 -29.04
N TRP G 102 -44.61 -37.68 -29.08
CA TRP G 102 -43.81 -37.91 -27.89
C TRP G 102 -42.84 -36.77 -27.59
N VAL G 103 -42.69 -35.82 -28.52
CA VAL G 103 -41.82 -34.67 -28.31
C VAL G 103 -42.68 -33.54 -27.77
N THR G 104 -42.51 -33.23 -26.49
CA THR G 104 -43.31 -32.20 -25.86
C THR G 104 -42.65 -30.84 -25.74
N GLY G 105 -41.39 -30.76 -26.14
CA GLY G 105 -40.69 -29.50 -26.05
C GLY G 105 -39.23 -29.63 -26.42
N GLY G 106 -38.43 -28.67 -25.98
CA GLY G 106 -37.02 -28.71 -26.28
C GLY G 106 -36.36 -27.36 -26.15
N ARG G 107 -35.10 -27.31 -26.57
CA ARG G 107 -34.32 -26.08 -26.50
C ARG G 107 -33.57 -25.91 -27.82
N TRP G 108 -33.78 -24.77 -28.47
CA TRP G 108 -33.11 -24.48 -29.73
C TRP G 108 -32.35 -23.19 -29.54
N ALA G 109 -31.05 -23.24 -29.80
CA ALA G 109 -30.23 -22.06 -29.62
C ALA G 109 -29.39 -21.78 -30.85
N ALA G 110 -28.92 -20.54 -30.94
CA ALA G 110 -28.09 -20.16 -32.07
C ALA G 110 -27.23 -18.95 -31.75
N GLN G 111 -26.07 -18.91 -32.37
CA GLN G 111 -25.16 -17.80 -32.25
C GLN G 111 -25.20 -17.23 -33.65
N GLN G 112 -25.27 -15.90 -33.77
CA GLN G 112 -25.29 -15.26 -35.07
C GLN G 112 -24.00 -14.48 -35.18
N PHE G 113 -23.29 -14.65 -36.30
CA PHE G 113 -22.03 -13.96 -36.54
C PHE G 113 -22.25 -12.89 -37.59
N PHE G 114 -21.71 -11.70 -37.32
CA PHE G 114 -21.89 -10.57 -38.23
C PHE G 114 -20.84 -10.41 -39.32
N TRP G 115 -21.28 -9.89 -40.46
CA TRP G 115 -20.43 -9.65 -41.60
C TRP G 115 -20.64 -8.23 -42.12
N ASP G 116 -19.57 -7.60 -42.56
CA ASP G 116 -19.65 -6.27 -43.13
C ASP G 116 -19.18 -6.40 -44.58
N ARG G 117 -19.71 -5.57 -45.47
CA ARG G 117 -19.29 -5.62 -46.86
C ARG G 117 -17.91 -5.00 -46.99
N ILE G 118 -17.14 -5.45 -47.97
CA ILE G 118 -15.83 -4.89 -48.21
C ILE G 118 -16.03 -3.72 -49.17
N ASN G 119 -15.90 -2.51 -48.65
CA ASN G 119 -16.09 -1.30 -49.47
C ASN G 119 -17.44 -1.35 -50.17
N ASP G 120 -18.47 -1.75 -49.41
CA ASP G 120 -19.83 -1.84 -49.92
C ASP G 120 -20.00 -2.73 -51.15
N HIS G 121 -19.10 -3.69 -51.31
CA HIS G 121 -19.16 -4.61 -52.45
C HIS G 121 -20.45 -5.43 -52.42
N ASP G 122 -20.95 -5.79 -53.60
CA ASP G 122 -22.19 -6.57 -53.72
C ASP G 122 -22.12 -7.98 -53.15
N HIS G 123 -20.98 -8.65 -53.29
CA HIS G 123 -20.84 -10.01 -52.78
C HIS G 123 -19.49 -10.36 -52.16
N ALA G 124 -18.88 -9.39 -51.48
CA ALA G 124 -17.60 -9.61 -50.83
C ALA G 124 -17.73 -9.03 -49.42
N PHE G 125 -17.43 -9.83 -48.42
CA PHE G 125 -17.58 -9.41 -47.04
C PHE G 125 -16.41 -9.77 -46.12
N SER G 126 -16.38 -9.14 -44.96
CA SER G 126 -15.37 -9.42 -43.95
C SER G 126 -16.10 -9.55 -42.63
N ARG G 127 -15.65 -10.50 -41.81
CA ARG G 127 -16.26 -10.76 -40.51
C ARG G 127 -16.06 -9.66 -39.49
N ASN G 128 -17.15 -9.32 -38.79
CA ASN G 128 -17.08 -8.36 -37.71
C ASN G 128 -17.11 -9.28 -36.49
N LYS G 129 -15.94 -9.51 -35.91
CA LYS G 129 -15.81 -10.40 -34.76
C LYS G 129 -15.91 -9.72 -33.39
N SER G 130 -16.29 -8.45 -33.36
CA SER G 130 -16.35 -7.70 -32.10
C SER G 130 -17.46 -8.06 -31.12
N GLU G 131 -18.39 -8.90 -31.53
CA GLU G 131 -19.47 -9.34 -30.66
C GLU G 131 -20.15 -10.51 -31.34
N VAL G 132 -20.90 -11.27 -30.57
CA VAL G 132 -21.64 -12.41 -31.10
C VAL G 132 -23.06 -12.31 -30.55
N ARG G 133 -24.03 -12.46 -31.43
CA ARG G 133 -25.43 -12.37 -31.03
C ARG G 133 -25.92 -13.78 -30.73
N THR G 134 -26.76 -13.91 -29.71
CA THR G 134 -27.29 -15.22 -29.34
C THR G 134 -28.81 -15.18 -29.21
N ALA G 135 -29.42 -16.35 -29.37
CA ALA G 135 -30.86 -16.49 -29.24
C ALA G 135 -31.13 -17.89 -28.74
N VAL G 136 -32.08 -18.01 -27.84
CA VAL G 136 -32.44 -19.31 -27.31
C VAL G 136 -33.96 -19.39 -27.21
N LEU G 137 -34.51 -20.48 -27.72
CA LEU G 137 -35.95 -20.69 -27.68
C LEU G 137 -36.20 -21.96 -26.89
N GLU G 138 -37.09 -21.87 -25.91
CA GLU G 138 -37.42 -23.05 -25.15
C GLU G 138 -38.93 -23.25 -25.20
N ILE G 139 -39.34 -24.47 -25.51
CA ILE G 139 -40.76 -24.81 -25.58
C ILE G 139 -41.04 -25.88 -24.56
N SER G 140 -42.15 -25.72 -23.84
CA SER G 140 -42.57 -26.69 -22.84
C SER G 140 -44.08 -26.78 -22.97
N GLY G 141 -44.55 -27.86 -23.60
CA GLY G 141 -45.98 -28.00 -23.78
C GLY G 141 -46.50 -26.89 -24.68
N SER G 142 -47.49 -26.14 -24.19
CA SER G 142 -48.07 -25.06 -24.97
C SER G 142 -47.40 -23.72 -24.71
N GLU G 143 -46.43 -23.68 -23.81
CA GLU G 143 -45.73 -22.44 -23.49
C GLU G 143 -44.36 -22.39 -24.17
N GLN G 144 -43.89 -21.19 -24.48
CA GLN G 144 -42.59 -21.05 -25.11
C GLN G 144 -42.01 -19.68 -24.74
N ALA G 145 -40.69 -19.60 -24.68
CA ALA G 145 -40.03 -18.37 -24.30
C ALA G 145 -38.74 -18.17 -25.08
N ILE G 146 -38.41 -16.91 -25.34
CA ILE G 146 -37.20 -16.59 -26.07
C ILE G 146 -36.28 -15.67 -25.28
N VAL G 147 -34.99 -15.99 -25.28
CA VAL G 147 -33.99 -15.18 -24.62
C VAL G 147 -32.99 -14.78 -25.69
N ALA G 148 -32.75 -13.48 -25.80
CA ALA G 148 -31.81 -12.98 -26.79
C ALA G 148 -30.60 -12.52 -25.99
N GLY G 149 -29.47 -12.34 -26.65
CA GLY G 149 -28.30 -11.92 -25.91
C GLY G 149 -27.16 -11.46 -26.78
N ILE G 150 -26.10 -11.03 -26.12
CA ILE G 150 -24.91 -10.59 -26.79
C ILE G 150 -23.75 -11.06 -25.93
N GLU G 151 -22.62 -11.33 -26.56
CA GLU G 151 -21.43 -11.78 -25.83
C GLU G 151 -20.19 -11.43 -26.63
N GLY G 152 -19.03 -11.50 -25.96
CA GLY G 152 -17.77 -11.21 -26.63
C GLY G 152 -17.51 -9.75 -26.95
N LEU G 153 -18.32 -8.85 -26.42
CA LEU G 153 -18.12 -7.42 -26.67
C LEU G 153 -17.29 -6.85 -25.52
N THR G 154 -16.00 -6.64 -25.79
CA THR G 154 -15.08 -6.13 -24.78
C THR G 154 -15.08 -4.61 -24.76
N VAL G 155 -15.24 -4.03 -23.57
CA VAL G 155 -15.27 -2.58 -23.38
C VAL G 155 -14.28 -2.14 -22.30
N LEU G 156 -13.91 -0.86 -22.33
CA LEU G 156 -12.96 -0.32 -21.37
C LEU G 156 -13.10 1.19 -21.18
N LYS G 157 -12.98 1.63 -19.93
CA LYS G 157 -13.03 3.05 -19.59
C LYS G 157 -11.66 3.31 -19.00
N SER G 158 -10.90 4.25 -19.57
CA SER G 158 -9.57 4.55 -19.09
C SER G 158 -9.59 5.43 -17.83
N THR G 159 -10.77 5.94 -17.50
CA THR G 159 -10.94 6.75 -16.29
C THR G 159 -12.43 6.83 -15.99
N GLY G 160 -12.79 7.52 -14.91
CA GLY G 160 -14.20 7.62 -14.58
C GLY G 160 -14.67 6.37 -13.85
N SER G 161 -13.74 5.70 -13.19
CA SER G 161 -14.04 4.50 -12.42
C SER G 161 -13.32 4.59 -11.08
N GLU G 162 -14.05 4.28 -10.01
CA GLU G 162 -13.48 4.31 -8.66
C GLU G 162 -13.88 3.05 -7.91
N PHE G 163 -13.21 2.79 -6.80
CA PHE G 163 -13.54 1.66 -5.93
C PHE G 163 -12.95 1.91 -4.56
N HIS G 164 -13.81 2.31 -3.63
CA HIS G 164 -13.38 2.60 -2.27
C HIS G 164 -14.55 2.38 -1.32
N GLY G 165 -14.27 2.44 -0.02
CA GLY G 165 -15.32 2.26 0.96
C GLY G 165 -15.69 0.81 1.23
N PHE G 166 -14.88 -0.12 0.74
CA PHE G 166 -15.14 -1.55 0.99
C PHE G 166 -14.51 -1.92 2.33
N PRO G 167 -15.09 -2.93 3.02
CA PRO G 167 -14.54 -3.33 4.32
C PRO G 167 -13.12 -3.87 4.21
N ARG G 168 -12.33 -3.65 5.25
CA ARG G 168 -10.95 -4.12 5.25
C ARG G 168 -10.79 -5.17 6.34
N ASP G 169 -10.92 -6.44 5.98
CA ASP G 169 -10.78 -7.51 6.97
C ASP G 169 -9.31 -7.91 7.09
N LYS G 170 -9.02 -8.93 7.90
CA LYS G 170 -7.63 -9.35 8.11
C LYS G 170 -6.87 -9.83 6.88
N TYR G 171 -7.57 -10.06 5.78
CA TYR G 171 -6.92 -10.53 4.54
C TYR G 171 -6.98 -9.49 3.42
N THR G 172 -7.42 -8.28 3.76
CA THR G 172 -7.53 -7.24 2.75
C THR G 172 -6.26 -6.43 2.59
N THR G 173 -5.83 -6.27 1.34
CA THR G 173 -4.63 -5.51 1.03
C THR G 173 -4.91 -4.51 -0.09
N LEU G 174 -6.05 -4.65 -0.75
CA LEU G 174 -6.42 -3.77 -1.84
C LEU G 174 -6.55 -2.33 -1.34
N GLN G 175 -5.96 -1.39 -2.08
CA GLN G 175 -6.03 0.01 -1.69
C GLN G 175 -7.19 0.70 -2.37
N GLU G 176 -7.81 1.66 -1.67
CA GLU G 176 -8.91 2.43 -2.24
C GLU G 176 -8.35 3.26 -3.39
N THR G 177 -9.19 3.53 -4.39
CA THR G 177 -8.74 4.34 -5.52
C THR G 177 -9.88 5.18 -6.07
N THR G 178 -9.57 6.37 -6.58
CA THR G 178 -10.61 7.21 -7.15
C THR G 178 -10.44 7.33 -8.66
N ASP G 179 -9.49 6.56 -9.20
CA ASP G 179 -9.24 6.56 -10.64
C ASP G 179 -8.56 5.24 -11.04
N ARG G 180 -9.30 4.41 -11.76
CA ARG G 180 -8.78 3.14 -12.22
C ARG G 180 -9.42 2.82 -13.56
N ILE G 181 -8.84 1.85 -14.25
CA ILE G 181 -9.40 1.41 -15.52
C ILE G 181 -10.51 0.43 -15.18
N LEU G 182 -11.61 0.50 -15.92
CA LEU G 182 -12.72 -0.43 -15.74
C LEU G 182 -12.89 -1.09 -17.10
N ALA G 183 -12.52 -2.37 -17.18
CA ALA G 183 -12.61 -3.12 -18.42
C ALA G 183 -13.34 -4.44 -18.21
N THR G 184 -14.24 -4.75 -19.13
CA THR G 184 -15.00 -6.00 -19.01
C THR G 184 -15.40 -6.56 -20.37
N ASP G 185 -16.00 -7.75 -20.34
CA ASP G 185 -16.49 -8.40 -21.55
C ASP G 185 -17.99 -8.44 -21.33
N VAL G 186 -18.73 -7.70 -22.16
CA VAL G 186 -20.17 -7.65 -22.02
C VAL G 186 -20.87 -8.94 -22.44
N SER G 187 -21.47 -9.61 -21.47
CA SER G 187 -22.25 -10.83 -21.67
C SER G 187 -23.58 -10.51 -21.05
N ALA G 188 -24.62 -10.41 -21.88
CA ALA G 188 -25.96 -10.08 -21.40
C ALA G 188 -27.01 -10.90 -22.12
N ARG G 189 -28.01 -11.35 -21.36
CA ARG G 189 -29.11 -12.14 -21.89
C ARG G 189 -30.42 -11.65 -21.31
N TRP G 190 -31.37 -11.33 -22.17
CA TRP G 190 -32.67 -10.83 -21.72
C TRP G 190 -33.83 -11.68 -22.22
N ARG G 191 -34.84 -11.81 -21.36
CA ARG G 191 -36.01 -12.61 -21.68
C ARG G 191 -37.19 -11.76 -22.13
N TYR G 192 -37.77 -12.12 -23.26
CA TYR G 192 -38.91 -11.40 -23.80
C TYR G 192 -40.19 -11.95 -23.16
N ASN G 193 -41.15 -11.06 -22.93
CA ASN G 193 -42.41 -11.49 -22.33
C ASN G 193 -43.46 -11.73 -23.41
N THR G 194 -43.03 -11.69 -24.68
CA THR G 194 -43.89 -11.93 -25.83
C THR G 194 -43.05 -12.36 -27.02
N VAL G 195 -43.60 -13.24 -27.85
CA VAL G 195 -42.88 -13.72 -29.02
C VAL G 195 -42.99 -12.75 -30.20
N GLU G 196 -43.90 -11.79 -30.10
CA GLU G 196 -44.03 -10.82 -31.19
C GLU G 196 -43.19 -9.60 -30.86
N VAL G 197 -41.96 -9.62 -31.36
CA VAL G 197 -41.01 -8.54 -31.13
C VAL G 197 -40.21 -8.30 -32.41
N ASP G 198 -39.76 -7.07 -32.61
CA ASP G 198 -38.93 -6.74 -33.76
C ASP G 198 -37.53 -7.10 -33.29
N PHE G 199 -37.23 -8.40 -33.28
CA PHE G 199 -35.95 -8.90 -32.81
C PHE G 199 -34.68 -8.14 -33.20
N ASP G 200 -34.51 -7.83 -34.48
CA ASP G 200 -33.31 -7.10 -34.89
C ASP G 200 -33.25 -5.69 -34.32
N ALA G 201 -34.39 -5.00 -34.31
CA ALA G 201 -34.45 -3.64 -33.78
C ALA G 201 -34.19 -3.61 -32.28
N VAL G 202 -34.78 -4.54 -31.54
CA VAL G 202 -34.57 -4.57 -30.10
C VAL G 202 -33.11 -4.89 -29.76
N TYR G 203 -32.54 -5.86 -30.47
CA TYR G 203 -31.15 -6.23 -30.23
C TYR G 203 -30.23 -5.03 -30.42
N ALA G 204 -30.46 -4.27 -31.50
CA ALA G 204 -29.64 -3.10 -31.80
C ALA G 204 -29.80 -2.05 -30.71
N SER G 205 -31.03 -1.89 -30.23
CA SER G 205 -31.31 -0.93 -29.18
C SER G 205 -30.67 -1.34 -27.86
N VAL G 206 -30.82 -2.61 -27.49
CA VAL G 206 -30.25 -3.10 -26.25
C VAL G 206 -28.73 -2.95 -26.24
N ARG G 207 -28.10 -3.30 -27.35
CA ARG G 207 -26.65 -3.19 -27.45
C ARG G 207 -26.21 -1.75 -27.21
N GLY G 208 -26.93 -0.81 -27.82
CA GLY G 208 -26.60 0.59 -27.66
C GLY G 208 -26.82 1.09 -26.23
N LEU G 209 -27.88 0.61 -25.59
CA LEU G 209 -28.18 1.02 -24.23
C LEU G 209 -27.14 0.51 -23.24
N LEU G 210 -26.70 -0.72 -23.42
CA LEU G 210 -25.69 -1.30 -22.54
C LEU G 210 -24.39 -0.52 -22.68
N LEU G 211 -24.01 -0.27 -23.93
CA LEU G 211 -22.80 0.48 -24.24
C LEU G 211 -22.87 1.90 -23.70
N LYS G 212 -24.04 2.51 -23.77
CA LYS G 212 -24.20 3.88 -23.29
C LYS G 212 -24.12 3.94 -21.77
N ALA G 213 -24.79 3.00 -21.11
CA ALA G 213 -24.79 2.95 -19.66
C ALA G 213 -23.38 2.70 -19.13
N PHE G 214 -22.65 1.80 -19.79
CA PHE G 214 -21.29 1.49 -19.38
C PHE G 214 -20.38 2.71 -19.51
N ALA G 215 -20.48 3.39 -20.65
CA ALA G 215 -19.62 4.54 -20.94
C ALA G 215 -19.94 5.81 -20.17
N GLU G 216 -21.21 6.07 -19.92
CA GLU G 216 -21.61 7.30 -19.25
C GLU G 216 -21.79 7.25 -17.74
N THR G 217 -21.80 6.05 -17.16
CA THR G 217 -21.96 5.92 -15.71
C THR G 217 -20.63 6.14 -15.00
N HIS G 218 -20.58 7.11 -14.08
CA HIS G 218 -19.36 7.33 -13.32
C HIS G 218 -19.41 6.18 -12.33
N SER G 219 -18.62 5.15 -12.61
CA SER G 219 -18.62 3.95 -11.80
C SER G 219 -17.94 3.98 -10.44
N LEU G 220 -18.67 3.56 -9.42
CA LEU G 220 -18.15 3.50 -8.07
C LEU G 220 -17.97 2.02 -7.72
N ALA G 221 -18.44 1.16 -8.62
CA ALA G 221 -18.35 -0.29 -8.48
C ALA G 221 -18.85 -0.92 -9.78
N LEU G 222 -18.29 -2.06 -10.15
CA LEU G 222 -18.73 -2.74 -11.37
C LEU G 222 -20.21 -3.10 -11.16
N GLN G 223 -20.56 -3.41 -9.92
CA GLN G 223 -21.95 -3.77 -9.59
C GLN G 223 -22.90 -2.63 -9.95
N GLN G 224 -22.49 -1.39 -9.66
CA GLN G 224 -23.31 -0.22 -9.94
C GLN G 224 -23.43 -0.01 -11.45
N THR G 225 -22.31 -0.14 -12.16
CA THR G 225 -22.31 0.03 -13.60
C THR G 225 -23.23 -1.02 -14.23
N MET G 226 -23.17 -2.24 -13.72
CA MET G 226 -24.00 -3.31 -14.25
C MET G 226 -25.48 -3.01 -14.03
N TYR G 227 -25.80 -2.52 -12.84
CA TYR G 227 -27.17 -2.19 -12.51
C TYR G 227 -27.74 -1.15 -13.47
N GLU G 228 -26.97 -0.08 -13.70
CA GLU G 228 -27.42 0.98 -14.60
C GLU G 228 -27.60 0.46 -16.03
N MET G 229 -26.74 -0.48 -16.43
CA MET G 229 -26.85 -1.04 -17.77
C MET G 229 -28.18 -1.79 -17.89
N GLY G 230 -28.48 -2.59 -16.87
CA GLY G 230 -29.71 -3.35 -16.88
C GLY G 230 -30.94 -2.46 -16.75
N ARG G 231 -30.87 -1.46 -15.87
CA ARG G 231 -31.98 -0.55 -15.66
C ARG G 231 -32.37 0.15 -16.95
N ALA G 232 -31.38 0.58 -17.71
CA ALA G 232 -31.60 1.26 -18.98
C ALA G 232 -32.38 0.41 -19.96
N VAL G 233 -32.08 -0.89 -19.99
CA VAL G 233 -32.77 -1.80 -20.89
C VAL G 233 -34.22 -2.03 -20.47
N ILE G 234 -34.43 -2.37 -19.21
CA ILE G 234 -35.78 -2.62 -18.71
C ILE G 234 -36.67 -1.39 -18.84
N GLU G 235 -36.12 -0.22 -18.56
CA GLU G 235 -36.88 1.02 -18.66
C GLU G 235 -37.24 1.40 -20.10
N THR G 236 -36.44 0.94 -21.05
CA THR G 236 -36.67 1.27 -22.46
C THR G 236 -37.54 0.24 -23.19
N HIS G 237 -37.47 -1.02 -22.79
CA HIS G 237 -38.23 -2.04 -23.50
C HIS G 237 -39.27 -2.80 -22.68
N PRO G 238 -40.55 -2.55 -22.96
CA PRO G 238 -41.67 -3.20 -22.27
C PRO G 238 -41.70 -4.69 -22.56
N GLU G 239 -41.19 -5.08 -23.73
CA GLU G 239 -41.18 -6.49 -24.12
C GLU G 239 -40.16 -7.34 -23.36
N ILE G 240 -39.30 -6.68 -22.58
CA ILE G 240 -38.29 -7.39 -21.80
C ILE G 240 -38.65 -7.44 -20.32
N ASP G 241 -38.72 -8.66 -19.76
CA ASP G 241 -39.05 -8.83 -18.35
C ASP G 241 -37.84 -8.77 -17.44
N GLU G 242 -36.71 -9.29 -17.91
CA GLU G 242 -35.50 -9.30 -17.10
C GLU G 242 -34.27 -9.44 -17.98
N ILE G 243 -33.14 -8.98 -17.46
CA ILE G 243 -31.90 -9.09 -18.19
C ILE G 243 -30.83 -9.59 -17.21
N LYS G 244 -30.09 -10.60 -17.64
CA LYS G 244 -29.04 -11.18 -16.84
C LYS G 244 -27.69 -10.82 -17.43
N MET G 245 -26.76 -10.44 -16.57
CA MET G 245 -25.43 -10.07 -17.01
C MET G 245 -24.33 -10.74 -16.20
N SER G 246 -23.24 -11.05 -16.89
CA SER G 246 -22.09 -11.67 -16.28
C SER G 246 -20.91 -10.85 -16.78
N LEU G 247 -20.34 -10.04 -15.90
CA LEU G 247 -19.24 -9.16 -16.28
C LEU G 247 -17.94 -9.38 -15.54
N PRO G 248 -16.89 -9.80 -16.25
CA PRO G 248 -15.64 -10.01 -15.54
C PRO G 248 -14.97 -8.65 -15.33
N ASN G 249 -14.23 -8.50 -14.24
CA ASN G 249 -13.51 -7.26 -14.03
C ASN G 249 -12.11 -7.61 -14.52
N LYS G 250 -11.81 -7.25 -15.76
CA LYS G 250 -10.51 -7.55 -16.38
C LYS G 250 -9.47 -6.56 -15.88
N HIS G 251 -8.76 -6.98 -14.83
CA HIS G 251 -7.77 -6.13 -14.19
C HIS G 251 -6.62 -5.61 -15.04
N HIS G 252 -6.47 -4.30 -14.99
CA HIS G 252 -5.39 -3.61 -15.68
C HIS G 252 -4.66 -2.95 -14.52
N PHE G 253 -3.55 -3.56 -14.11
CA PHE G 253 -2.79 -3.07 -12.99
C PHE G 253 -1.86 -1.90 -13.37
N LEU G 254 -1.97 -0.81 -12.63
CA LEU G 254 -1.12 0.35 -12.87
C LEU G 254 0.27 -0.12 -12.45
N VAL G 255 1.20 -0.18 -13.39
CA VAL G 255 2.52 -0.68 -13.05
C VAL G 255 3.30 0.28 -12.16
N ASP G 256 4.01 -0.28 -11.20
CA ASP G 256 4.82 0.52 -10.30
C ASP G 256 6.18 0.77 -10.95
N LEU G 257 6.42 2.00 -11.36
CA LEU G 257 7.68 2.34 -12.00
C LEU G 257 8.61 3.12 -11.07
N GLN G 258 8.19 3.32 -9.82
CA GLN G 258 9.03 4.06 -8.88
C GLN G 258 10.42 3.46 -8.70
N PRO G 259 10.52 2.12 -8.69
CA PRO G 259 11.85 1.52 -8.54
C PRO G 259 12.79 1.88 -9.68
N PHE G 260 12.23 2.41 -10.77
CA PHE G 260 13.02 2.81 -11.93
C PHE G 260 13.14 4.33 -12.00
N GLY G 261 12.77 4.99 -10.91
CA GLY G 261 12.85 6.44 -10.85
C GLY G 261 11.78 7.18 -11.63
N GLN G 262 10.64 6.53 -11.87
CA GLN G 262 9.57 7.17 -12.64
C GLN G 262 8.22 7.14 -11.94
N ASP G 263 7.34 8.05 -12.34
CA ASP G 263 5.99 8.08 -11.81
C ASP G 263 5.14 7.42 -12.90
N ASN G 264 3.87 7.16 -12.61
CA ASN G 264 2.98 6.53 -13.58
C ASN G 264 1.59 7.11 -13.36
N PRO G 265 1.33 8.28 -13.96
CA PRO G 265 0.04 8.98 -13.85
C PRO G 265 -1.11 8.31 -14.60
N ASN G 266 -1.42 7.08 -14.21
CA ASN G 266 -2.52 6.33 -14.82
C ASN G 266 -2.31 6.13 -16.32
N GLU G 267 -1.09 5.79 -16.72
CA GLU G 267 -0.77 5.60 -18.12
C GLU G 267 -0.29 4.21 -18.53
N VAL G 268 0.54 3.58 -17.71
CA VAL G 268 1.08 2.26 -18.05
C VAL G 268 0.46 1.14 -17.23
N PHE G 269 -0.20 0.21 -17.93
CA PHE G 269 -0.87 -0.91 -17.29
C PHE G 269 -0.48 -2.29 -17.76
N TYR G 270 -0.62 -3.25 -16.86
CA TYR G 270 -0.36 -4.65 -17.14
C TYR G 270 -1.75 -5.27 -17.16
N ALA G 271 -2.13 -5.86 -18.29
CA ALA G 271 -3.44 -6.47 -18.46
C ALA G 271 -3.33 -7.95 -18.10
N ALA G 272 -3.71 -8.27 -16.86
CA ALA G 272 -3.65 -9.63 -16.35
C ALA G 272 -4.73 -10.55 -16.94
N ASP G 273 -4.38 -11.82 -17.12
CA ASP G 273 -5.32 -12.80 -17.67
C ASP G 273 -6.24 -13.34 -16.58
N ARG G 274 -5.63 -13.93 -15.56
CA ARG G 274 -6.35 -14.51 -14.44
C ARG G 274 -5.53 -14.23 -13.19
N PRO G 275 -6.18 -14.14 -12.02
CA PRO G 275 -7.62 -14.28 -11.86
C PRO G 275 -8.34 -12.99 -12.26
N TYR G 276 -9.67 -13.01 -12.23
CA TYR G 276 -10.45 -11.83 -12.57
C TYR G 276 -11.72 -11.76 -11.73
N GLY G 277 -12.17 -10.54 -11.46
CA GLY G 277 -13.41 -10.40 -10.72
C GLY G 277 -14.51 -10.88 -11.64
N LEU G 278 -15.57 -11.43 -11.08
CA LEU G 278 -16.70 -11.90 -11.88
C LEU G 278 -17.94 -11.40 -11.15
N ILE G 279 -18.57 -10.38 -11.72
CA ILE G 279 -19.77 -9.76 -11.15
C ILE G 279 -20.95 -10.14 -12.03
N GLU G 280 -21.98 -10.72 -11.40
CA GLU G 280 -23.16 -11.17 -12.14
C GLU G 280 -24.45 -10.75 -11.43
N ALA G 281 -25.45 -10.40 -12.22
CA ALA G 281 -26.72 -9.99 -11.64
C ALA G 281 -27.86 -10.05 -12.63
N THR G 282 -29.06 -10.07 -12.07
CA THR G 282 -30.29 -10.08 -12.84
C THR G 282 -31.03 -8.79 -12.49
N ILE G 283 -31.36 -8.01 -13.51
CA ILE G 283 -32.10 -6.78 -13.30
C ILE G 283 -33.46 -7.10 -13.90
N GLN G 284 -34.53 -6.87 -13.15
CA GLN G 284 -35.83 -7.21 -13.69
C GLN G 284 -36.92 -6.19 -13.45
N ARG G 285 -38.05 -6.45 -14.12
CA ARG G 285 -39.22 -5.61 -14.04
C ARG G 285 -39.88 -6.01 -12.73
N GLU G 286 -40.18 -5.03 -11.89
CA GLU G 286 -40.80 -5.30 -10.61
C GLU G 286 -42.03 -6.20 -10.76
N GLY G 287 -42.05 -7.31 -10.03
CA GLY G 287 -43.16 -8.23 -10.10
C GLY G 287 -43.07 -9.30 -11.17
N SER G 288 -41.90 -9.42 -11.79
CA SER G 288 -41.72 -10.43 -12.83
C SER G 288 -41.19 -11.72 -12.21
N ARG G 289 -41.35 -12.83 -12.94
CA ARG G 289 -40.91 -14.14 -12.46
C ARG G 289 -39.44 -14.11 -12.05
N ALA G 290 -39.06 -14.99 -11.13
CA ALA G 290 -37.68 -15.03 -10.65
C ALA G 290 -36.89 -16.28 -11.05
N ASP G 291 -37.59 -17.37 -11.33
CA ASP G 291 -36.90 -18.60 -11.71
C ASP G 291 -37.47 -19.25 -12.97
N HIS G 292 -37.51 -18.50 -14.07
CA HIS G 292 -38.03 -19.02 -15.32
C HIS G 292 -37.18 -20.22 -15.75
N PRO G 293 -37.83 -21.31 -16.17
CA PRO G 293 -37.16 -22.54 -16.60
C PRO G 293 -36.11 -22.36 -17.69
N ILE G 294 -36.24 -21.32 -18.50
CA ILE G 294 -35.30 -21.11 -19.60
C ILE G 294 -33.85 -20.87 -19.14
N TRP G 295 -33.68 -20.50 -17.86
CA TRP G 295 -32.35 -20.26 -17.32
C TRP G 295 -31.76 -21.54 -16.73
N SER G 296 -32.46 -22.65 -16.91
CA SER G 296 -32.01 -23.94 -16.40
C SER G 296 -31.59 -24.89 -17.52
N ASN G 297 -31.93 -24.52 -18.75
CA ASN G 297 -31.60 -25.32 -19.93
C ASN G 297 -31.61 -26.83 -19.68
N THR H 11 29.16 -38.66 -30.24
CA THR H 11 30.20 -37.63 -30.55
C THR H 11 30.07 -36.45 -29.60
N LYS H 12 30.62 -35.31 -30.01
CA LYS H 12 30.58 -34.10 -29.20
C LYS H 12 29.28 -33.33 -29.42
N VAL H 13 28.78 -32.71 -28.36
CA VAL H 13 27.54 -31.94 -28.43
C VAL H 13 27.89 -30.45 -28.49
N VAL H 14 27.21 -29.72 -29.37
CA VAL H 14 27.47 -28.29 -29.52
C VAL H 14 26.18 -27.47 -29.43
N LEU H 15 26.29 -26.28 -28.84
CA LEU H 15 25.15 -25.38 -28.69
C LEU H 15 25.01 -24.63 -30.02
N GLY H 16 23.83 -24.70 -30.61
CA GLY H 16 23.60 -24.00 -31.87
C GLY H 16 22.89 -22.69 -31.64
N GLN H 17 22.05 -22.30 -32.60
CA GLN H 17 21.29 -21.06 -32.48
C GLN H 17 20.45 -21.13 -31.21
N ASN H 18 20.34 -19.99 -30.52
CA ASN H 18 19.56 -19.91 -29.28
C ASN H 18 19.13 -18.48 -29.01
N GLN H 19 18.08 -18.34 -28.21
CA GLN H 19 17.56 -17.02 -27.82
C GLN H 19 16.67 -17.22 -26.60
N TYR H 20 16.49 -16.17 -25.82
CA TYR H 20 15.65 -16.26 -24.64
C TYR H 20 15.16 -14.88 -24.24
N GLY H 21 14.06 -14.84 -23.50
CA GLY H 21 13.51 -13.57 -23.07
C GLY H 21 12.14 -13.77 -22.44
N LYS H 22 11.39 -12.68 -22.35
CA LYS H 22 10.05 -12.75 -21.78
C LYS H 22 9.05 -12.66 -22.91
N ALA H 23 8.10 -13.60 -22.92
CA ALA H 23 7.09 -13.64 -23.96
C ALA H 23 5.72 -13.20 -23.45
N GLU H 24 4.98 -12.57 -24.34
CA GLU H 24 3.62 -12.10 -24.07
C GLU H 24 3.41 -11.19 -22.87
N VAL H 25 4.10 -10.06 -22.90
CA VAL H 25 3.97 -9.05 -21.86
C VAL H 25 2.81 -8.17 -22.34
N ARG H 26 1.67 -8.27 -21.66
CA ARG H 26 0.49 -7.51 -22.04
C ARG H 26 0.56 -6.09 -21.51
N LEU H 27 0.73 -5.15 -22.42
CA LEU H 27 0.86 -3.74 -22.09
C LEU H 27 -0.28 -2.89 -22.65
N VAL H 28 -0.83 -2.02 -21.82
CA VAL H 28 -1.87 -1.11 -22.24
C VAL H 28 -1.34 0.27 -21.87
N LYS H 29 -1.12 1.11 -22.88
CA LYS H 29 -0.62 2.46 -22.65
C LYS H 29 -1.72 3.47 -22.93
N VAL H 30 -2.08 4.24 -21.91
CA VAL H 30 -3.13 5.24 -22.07
C VAL H 30 -2.49 6.60 -22.25
N THR H 31 -2.92 7.32 -23.28
CA THR H 31 -2.42 8.67 -23.51
C THR H 31 -3.50 9.59 -22.97
N ARG H 32 -3.15 10.37 -21.95
CA ARG H 32 -4.13 11.29 -21.38
C ARG H 32 -3.54 12.66 -21.10
N ASN H 33 -2.98 13.28 -22.14
CA ASN H 33 -2.40 14.62 -22.03
C ASN H 33 -3.61 15.52 -21.87
N THR H 34 -4.58 15.29 -22.75
CA THR H 34 -5.83 16.05 -22.76
C THR H 34 -6.94 15.12 -22.31
N ALA H 35 -8.17 15.62 -22.34
CA ALA H 35 -9.34 14.83 -21.95
C ALA H 35 -9.63 13.76 -23.01
N ARG H 36 -9.05 13.94 -24.19
CA ARG H 36 -9.24 13.01 -25.29
C ARG H 36 -8.22 11.88 -25.14
N HIS H 37 -8.60 10.84 -24.41
CA HIS H 37 -7.71 9.71 -24.18
C HIS H 37 -7.47 8.85 -25.42
N GLU H 38 -6.28 8.26 -25.48
CA GLU H 38 -5.89 7.37 -26.57
C GLU H 38 -5.46 6.06 -25.93
N ILE H 39 -5.71 4.96 -26.61
CA ILE H 39 -5.34 3.64 -26.09
C ILE H 39 -4.43 2.90 -27.06
N GLN H 40 -3.35 2.32 -26.53
CA GLN H 40 -2.43 1.50 -27.31
C GLN H 40 -2.38 0.20 -26.52
N ASP H 41 -2.78 -0.89 -27.15
CA ASP H 41 -2.85 -2.19 -26.50
C ASP H 41 -1.91 -3.17 -27.22
N LEU H 42 -0.92 -3.68 -26.49
CA LEU H 42 0.06 -4.60 -27.07
C LEU H 42 0.34 -5.88 -26.29
N ASN H 43 0.83 -6.88 -27.01
CA ASN H 43 1.23 -8.16 -26.43
C ASN H 43 2.67 -8.25 -26.95
N VAL H 44 3.63 -7.92 -26.08
CA VAL H 44 5.05 -7.88 -26.46
C VAL H 44 5.91 -9.06 -26.04
N THR H 45 6.84 -9.44 -26.92
CA THR H 45 7.78 -10.52 -26.64
C THR H 45 9.19 -10.02 -26.93
N SER H 46 10.08 -10.28 -25.99
CA SER H 46 11.48 -9.86 -26.10
C SER H 46 12.41 -11.05 -25.96
N GLN H 47 13.30 -11.24 -26.92
CA GLN H 47 14.24 -12.33 -26.85
C GLN H 47 15.61 -11.85 -27.29
N LEU H 48 16.63 -12.21 -26.52
CA LEU H 48 17.99 -11.80 -26.78
C LEU H 48 18.84 -12.89 -27.43
N ARG H 49 19.81 -12.44 -28.22
CA ARG H 49 20.73 -13.32 -28.92
C ARG H 49 22.14 -12.80 -28.65
N GLY H 50 23.09 -13.70 -28.56
CA GLY H 50 24.46 -13.31 -28.31
C GLY H 50 25.26 -14.45 -27.72
N ASP H 51 26.22 -14.12 -26.87
CA ASP H 51 27.04 -15.14 -26.25
C ASP H 51 26.44 -15.63 -24.94
N PHE H 52 25.79 -16.78 -24.99
CA PHE H 52 25.15 -17.37 -23.82
C PHE H 52 25.62 -18.82 -23.66
N GLU H 53 26.79 -19.11 -24.20
CA GLU H 53 27.37 -20.46 -24.13
C GLU H 53 27.45 -20.95 -22.68
N ALA H 54 28.07 -20.16 -21.82
CA ALA H 54 28.23 -20.51 -20.42
C ALA H 54 26.90 -20.77 -19.71
N ALA H 55 25.90 -19.95 -20.01
CA ALA H 55 24.60 -20.11 -19.40
C ALA H 55 24.07 -21.53 -19.65
N HIS H 56 24.24 -22.00 -20.88
CA HIS H 56 23.76 -23.33 -21.24
C HIS H 56 24.66 -24.48 -20.77
N THR H 57 25.97 -24.35 -20.95
CA THR H 57 26.88 -25.41 -20.56
C THR H 57 27.31 -25.46 -19.10
N ALA H 58 27.15 -24.37 -18.37
CA ALA H 58 27.56 -24.36 -16.97
C ALA H 58 26.53 -23.77 -16.02
N GLY H 59 25.50 -23.14 -16.55
CA GLY H 59 24.50 -22.55 -15.69
C GLY H 59 25.03 -21.27 -15.08
N ASP H 60 26.02 -20.67 -15.75
CA ASP H 60 26.63 -19.42 -15.32
C ASP H 60 25.77 -18.31 -15.92
N ASN H 61 25.08 -17.57 -15.05
CA ASN H 61 24.16 -16.52 -15.49
C ASN H 61 24.71 -15.10 -15.57
N ALA H 62 26.03 -14.96 -15.59
CA ALA H 62 26.63 -13.63 -15.67
C ALA H 62 26.12 -12.83 -16.86
N HIS H 63 25.88 -13.51 -17.98
CA HIS H 63 25.38 -12.84 -19.19
C HIS H 63 23.86 -12.86 -19.32
N VAL H 64 23.18 -13.54 -18.41
CA VAL H 64 21.73 -13.65 -18.52
C VAL H 64 20.89 -12.51 -17.95
N VAL H 65 20.57 -11.53 -18.79
CA VAL H 65 19.72 -10.42 -18.37
C VAL H 65 18.39 -11.11 -18.08
N ALA H 66 17.97 -11.10 -16.82
CA ALA H 66 16.72 -11.77 -16.42
C ALA H 66 15.53 -11.45 -17.32
N THR H 67 14.73 -12.46 -17.61
CA THR H 67 13.56 -12.23 -18.44
C THR H 67 12.66 -11.27 -17.67
N ASP H 68 12.73 -11.32 -16.34
CA ASP H 68 11.93 -10.41 -15.51
C ASP H 68 12.40 -8.98 -15.75
N THR H 69 13.71 -8.80 -15.92
CA THR H 69 14.28 -7.49 -16.17
C THR H 69 13.82 -6.99 -17.54
N GLN H 70 13.71 -7.90 -18.50
CA GLN H 70 13.26 -7.52 -19.83
C GLN H 70 11.83 -7.02 -19.77
N LYS H 71 11.02 -7.67 -18.95
CA LYS H 71 9.63 -7.27 -18.77
C LYS H 71 9.55 -5.87 -18.15
N ASN H 72 10.33 -5.63 -17.09
CA ASN H 72 10.31 -4.33 -16.44
C ASN H 72 10.68 -3.22 -17.42
N THR H 73 11.64 -3.50 -18.28
CA THR H 73 12.11 -2.53 -19.27
C THR H 73 10.98 -2.16 -20.24
N VAL H 74 10.16 -3.15 -20.61
CA VAL H 74 9.05 -2.89 -21.52
C VAL H 74 8.13 -1.84 -20.89
N TYR H 75 7.72 -2.07 -19.64
CA TYR H 75 6.84 -1.13 -18.96
C TYR H 75 7.51 0.23 -18.71
N ALA H 76 8.80 0.23 -18.35
CA ALA H 76 9.51 1.48 -18.11
C ALA H 76 9.56 2.34 -19.37
N PHE H 77 9.86 1.69 -20.50
CA PHE H 77 9.93 2.40 -21.77
C PHE H 77 8.56 2.91 -22.23
N ALA H 78 7.52 2.12 -21.96
CA ALA H 78 6.15 2.49 -22.32
C ALA H 78 5.75 3.84 -21.72
N ARG H 79 6.24 4.12 -20.51
CA ARG H 79 5.94 5.38 -19.83
C ARG H 79 6.20 6.61 -20.69
N ASP H 80 7.26 6.57 -21.49
CA ASP H 80 7.62 7.70 -22.34
C ASP H 80 6.72 7.78 -23.56
N GLY H 81 5.96 6.73 -23.81
CA GLY H 81 5.07 6.72 -24.95
C GLY H 81 5.83 6.31 -26.19
N PHE H 82 5.09 6.02 -27.25
CA PHE H 82 5.68 5.63 -28.52
C PHE H 82 4.73 5.97 -29.64
N ALA H 83 5.28 6.35 -30.79
CA ALA H 83 4.48 6.74 -31.94
C ALA H 83 3.78 5.56 -32.59
N THR H 84 4.49 4.45 -32.71
CA THR H 84 3.95 3.25 -33.32
C THR H 84 4.54 2.04 -32.63
N THR H 85 3.93 0.88 -32.89
CA THR H 85 4.39 -0.37 -32.31
C THR H 85 5.82 -0.64 -32.78
N GLU H 86 6.08 -0.39 -34.06
CA GLU H 86 7.42 -0.62 -34.62
C GLU H 86 8.48 0.27 -33.96
N GLU H 87 8.12 1.53 -33.70
CA GLU H 87 9.04 2.46 -33.05
C GLU H 87 9.37 1.99 -31.63
N PHE H 88 8.36 1.43 -30.96
CA PHE H 88 8.53 0.92 -29.60
C PHE H 88 9.50 -0.26 -29.60
N LEU H 89 9.32 -1.18 -30.54
CA LEU H 89 10.18 -2.35 -30.64
C LEU H 89 11.61 -1.94 -30.96
N LEU H 90 11.77 -0.95 -31.83
CA LEU H 90 13.10 -0.47 -32.18
C LEU H 90 13.85 0.03 -30.96
N ARG H 91 13.18 0.83 -30.13
CA ARG H 91 13.80 1.34 -28.93
C ARG H 91 14.24 0.21 -28.01
N LEU H 92 13.38 -0.80 -27.85
CA LEU H 92 13.73 -1.94 -27.00
C LEU H 92 14.95 -2.69 -27.55
N GLY H 93 14.91 -3.00 -28.84
CA GLY H 93 16.01 -3.71 -29.45
C GLY H 93 17.33 -2.99 -29.33
N LYS H 94 17.34 -1.69 -29.61
CA LYS H 94 18.58 -0.92 -29.51
C LYS H 94 19.07 -0.87 -28.07
N HIS H 95 18.14 -0.74 -27.13
CA HIS H 95 18.52 -0.70 -25.71
C HIS H 95 19.28 -1.96 -25.29
N PHE H 96 18.72 -3.14 -25.59
CA PHE H 96 19.35 -4.37 -25.18
C PHE H 96 20.64 -4.73 -25.91
N THR H 97 20.69 -4.46 -27.22
CA THR H 97 21.87 -4.78 -27.99
C THR H 97 23.03 -3.85 -27.65
N GLU H 98 22.74 -2.56 -27.55
CA GLU H 98 23.75 -1.57 -27.23
C GLU H 98 24.13 -1.51 -25.75
N GLY H 99 23.18 -1.85 -24.88
CA GLY H 99 23.44 -1.80 -23.46
C GLY H 99 24.19 -2.98 -22.87
N PHE H 100 24.33 -4.07 -23.63
CA PHE H 100 25.03 -5.26 -23.15
C PHE H 100 25.97 -5.77 -24.24
N ASP H 101 27.26 -5.77 -23.94
CA ASP H 101 28.29 -6.21 -24.89
C ASP H 101 28.13 -7.63 -25.43
N TRP H 102 27.64 -8.54 -24.59
CA TRP H 102 27.47 -9.92 -25.01
C TRP H 102 26.18 -10.14 -25.78
N VAL H 103 25.33 -9.11 -25.84
CA VAL H 103 24.08 -9.19 -26.58
C VAL H 103 24.32 -8.52 -27.92
N THR H 104 24.36 -9.32 -28.97
CA THR H 104 24.63 -8.82 -30.30
C THR H 104 23.38 -8.64 -31.16
N GLY H 105 22.23 -9.06 -30.65
CA GLY H 105 21.01 -8.92 -31.43
C GLY H 105 19.83 -9.52 -30.70
N GLY H 106 18.77 -9.79 -31.44
CA GLY H 106 17.60 -10.38 -30.82
C GLY H 106 16.36 -10.27 -31.68
N ARG H 107 15.23 -10.64 -31.09
CA ARG H 107 13.95 -10.61 -31.76
C ARG H 107 12.91 -10.02 -30.82
N TRP H 108 12.26 -8.96 -31.27
CA TRP H 108 11.23 -8.29 -30.49
C TRP H 108 9.97 -8.29 -31.34
N ALA H 109 8.88 -8.79 -30.78
CA ALA H 109 7.63 -8.87 -31.52
C ALA H 109 6.48 -8.35 -30.70
N ALA H 110 5.38 -8.06 -31.37
CA ALA H 110 4.20 -7.57 -30.71
C ALA H 110 2.94 -7.75 -31.55
N GLN H 111 1.83 -7.94 -30.86
CA GLN H 111 0.54 -8.02 -31.50
C GLN H 111 -0.08 -6.72 -31.03
N GLN H 112 -0.78 -6.03 -31.91
CA GLN H 112 -1.44 -4.77 -31.56
C GLN H 112 -2.94 -5.00 -31.68
N PHE H 113 -3.66 -4.67 -30.63
CA PHE H 113 -5.11 -4.84 -30.61
C PHE H 113 -5.81 -3.51 -30.71
N PHE H 114 -6.77 -3.43 -31.63
CA PHE H 114 -7.50 -2.20 -31.88
C PHE H 114 -8.75 -1.95 -31.02
N TRP H 115 -8.97 -0.68 -30.72
CA TRP H 115 -10.12 -0.24 -29.95
C TRP H 115 -10.79 0.91 -30.68
N ASP H 116 -12.11 1.01 -30.53
CA ASP H 116 -12.87 2.08 -31.15
C ASP H 116 -13.57 2.82 -30.02
N ARG H 117 -13.82 4.12 -30.17
CA ARG H 117 -14.49 4.85 -29.12
C ARG H 117 -15.96 4.45 -29.10
N ILE H 118 -16.56 4.46 -27.91
CA ILE H 118 -17.97 4.16 -27.79
C ILE H 118 -18.64 5.51 -28.04
N ASN H 119 -19.40 5.61 -29.13
CA ASN H 119 -20.09 6.85 -29.47
C ASN H 119 -19.21 8.09 -29.33
N ASP H 120 -18.00 8.02 -29.87
CA ASP H 120 -17.05 9.14 -29.84
C ASP H 120 -16.71 9.65 -28.43
N HIS H 121 -16.83 8.77 -27.43
CA HIS H 121 -16.54 9.14 -26.05
C HIS H 121 -15.05 9.41 -25.84
N ASP H 122 -14.75 10.40 -24.99
CA ASP H 122 -13.38 10.78 -24.71
C ASP H 122 -12.53 9.69 -24.06
N HIS H 123 -13.15 8.85 -23.25
CA HIS H 123 -12.40 7.80 -22.56
C HIS H 123 -13.11 6.48 -22.37
N ALA H 124 -13.98 6.11 -23.31
CA ALA H 124 -14.74 4.86 -23.25
C ALA H 124 -14.56 4.20 -24.61
N PHE H 125 -14.12 2.95 -24.61
CA PHE H 125 -13.82 2.23 -25.84
C PHE H 125 -14.34 0.80 -25.87
N SER H 126 -14.42 0.23 -27.08
CA SER H 126 -14.84 -1.15 -27.26
C SER H 126 -13.81 -1.79 -28.21
N ARG H 127 -13.50 -3.06 -27.98
CA ARG H 127 -12.53 -3.77 -28.80
C ARG H 127 -13.00 -4.05 -30.23
N ASN H 128 -12.08 -3.84 -31.17
CA ASN H 128 -12.36 -4.16 -32.56
C ASN H 128 -11.56 -5.45 -32.72
N LYS H 129 -12.25 -6.58 -32.66
CA LYS H 129 -11.60 -7.88 -32.77
C LYS H 129 -11.52 -8.44 -34.17
N SER H 130 -11.88 -7.65 -35.18
CA SER H 130 -11.87 -8.14 -36.55
C SER H 130 -10.51 -8.36 -37.22
N GLU H 131 -9.45 -7.91 -36.56
CA GLU H 131 -8.11 -8.09 -37.07
C GLU H 131 -7.12 -7.83 -35.96
N VAL H 132 -5.93 -8.39 -36.09
CA VAL H 132 -4.85 -8.22 -35.13
C VAL H 132 -3.63 -7.82 -35.94
N ARG H 133 -2.99 -6.71 -35.56
CA ARG H 133 -1.81 -6.25 -36.28
C ARG H 133 -0.57 -6.81 -35.59
N THR H 134 0.43 -7.15 -36.39
CA THR H 134 1.66 -7.69 -35.82
C THR H 134 2.90 -6.95 -36.32
N ALA H 135 3.97 -7.05 -35.53
CA ALA H 135 5.22 -6.42 -35.87
C ALA H 135 6.34 -7.25 -35.28
N VAL H 136 7.38 -7.49 -36.09
CA VAL H 136 8.53 -8.25 -35.62
C VAL H 136 9.79 -7.52 -36.02
N LEU H 137 10.70 -7.38 -35.07
CA LEU H 137 11.97 -6.73 -35.31
C LEU H 137 13.09 -7.69 -34.95
N GLU H 138 14.06 -7.81 -35.85
CA GLU H 138 15.21 -8.64 -35.57
C GLU H 138 16.43 -7.76 -35.79
N ILE H 139 17.35 -7.79 -34.84
CA ILE H 139 18.57 -7.03 -34.94
C ILE H 139 19.74 -7.99 -34.98
N SER H 140 20.64 -7.74 -35.92
CA SER H 140 21.85 -8.55 -36.08
C SER H 140 22.94 -7.52 -36.34
N GLY H 141 23.64 -7.15 -35.28
CA GLY H 141 24.69 -6.15 -35.42
C GLY H 141 24.06 -4.82 -35.73
N SER H 142 24.42 -4.24 -36.87
CA SER H 142 23.87 -2.96 -37.26
C SER H 142 22.62 -3.09 -38.13
N GLU H 143 22.32 -4.30 -38.57
CA GLU H 143 21.13 -4.49 -39.39
C GLU H 143 19.87 -4.59 -38.55
N GLN H 144 18.82 -3.92 -39.01
CA GLN H 144 17.53 -3.93 -38.35
C GLN H 144 16.52 -4.34 -39.41
N ALA H 145 15.85 -5.46 -39.20
CA ALA H 145 14.85 -5.94 -40.15
C ALA H 145 13.49 -5.94 -39.49
N ILE H 146 12.51 -5.36 -40.17
CA ILE H 146 11.15 -5.29 -39.63
C ILE H 146 10.14 -5.96 -40.56
N VAL H 147 9.27 -6.77 -39.96
CA VAL H 147 8.21 -7.44 -40.69
C VAL H 147 6.90 -7.07 -40.00
N ALA H 148 5.99 -6.47 -40.75
CA ALA H 148 4.69 -6.09 -40.22
C ALA H 148 3.67 -7.04 -40.80
N GLY H 149 2.53 -7.19 -40.15
CA GLY H 149 1.54 -8.10 -40.68
C GLY H 149 0.15 -7.89 -40.14
N ILE H 150 -0.78 -8.69 -40.65
CA ILE H 150 -2.16 -8.64 -40.22
C ILE H 150 -2.61 -10.08 -40.15
N GLU H 151 -3.44 -10.39 -39.16
CA GLU H 151 -3.95 -11.75 -39.02
C GLU H 151 -5.36 -11.72 -38.45
N GLY H 152 -6.06 -12.84 -38.60
CA GLY H 152 -7.40 -12.94 -38.07
C GLY H 152 -8.47 -12.19 -38.84
N LEU H 153 -8.16 -11.73 -40.04
CA LEU H 153 -9.13 -11.00 -40.84
C LEU H 153 -9.85 -11.98 -41.77
N THR H 154 -11.05 -12.39 -41.37
CA THR H 154 -11.84 -13.33 -42.17
C THR H 154 -12.64 -12.63 -43.25
N VAL H 155 -12.51 -13.13 -44.47
CA VAL H 155 -13.22 -12.55 -45.61
C VAL H 155 -13.95 -13.66 -46.39
N LEU H 156 -14.93 -13.25 -47.19
CA LEU H 156 -15.71 -14.21 -47.96
C LEU H 156 -16.38 -13.56 -49.18
N LYS H 157 -16.36 -14.28 -50.29
CA LYS H 157 -17.00 -13.86 -51.53
C LYS H 157 -18.11 -14.88 -51.73
N SER H 158 -19.35 -14.43 -51.86
CA SER H 158 -20.46 -15.34 -52.03
C SER H 158 -20.55 -15.89 -53.45
N THR H 159 -19.93 -15.18 -54.39
CA THR H 159 -19.90 -15.61 -55.79
C THR H 159 -18.68 -14.94 -56.42
N GLY H 160 -18.39 -15.25 -57.68
CA GLY H 160 -17.24 -14.65 -58.33
C GLY H 160 -15.99 -15.46 -58.04
N SER H 161 -16.18 -16.76 -57.86
CA SER H 161 -15.06 -17.66 -57.60
C SER H 161 -15.30 -18.95 -58.37
N GLU H 162 -14.28 -19.39 -59.11
CA GLU H 162 -14.37 -20.59 -59.91
C GLU H 162 -13.21 -21.51 -59.59
N PHE H 163 -13.36 -22.78 -59.94
CA PHE H 163 -12.30 -23.75 -59.77
C PHE H 163 -12.54 -24.95 -60.69
N HIS H 164 -11.80 -24.98 -61.78
CA HIS H 164 -11.90 -26.05 -62.75
C HIS H 164 -10.60 -26.16 -63.52
N GLY H 165 -10.48 -27.21 -64.34
CA GLY H 165 -9.28 -27.40 -65.12
C GLY H 165 -8.16 -28.12 -64.38
N PHE H 166 -8.43 -28.56 -63.16
CA PHE H 166 -7.40 -29.27 -62.41
C PHE H 166 -7.31 -30.72 -62.88
N PRO H 167 -6.14 -31.36 -62.69
CA PRO H 167 -5.94 -32.74 -63.11
C PRO H 167 -6.85 -33.70 -62.35
N ARG H 168 -7.19 -34.83 -62.98
CA ARG H 168 -8.06 -35.80 -62.34
C ARG H 168 -7.46 -37.19 -62.35
N ASP H 169 -6.90 -37.60 -61.22
CA ASP H 169 -6.31 -38.93 -61.11
C ASP H 169 -7.34 -39.84 -60.45
N LYS H 170 -6.95 -41.08 -60.15
CA LYS H 170 -7.87 -42.03 -59.55
C LYS H 170 -8.38 -41.60 -58.17
N TYR H 171 -7.73 -40.61 -57.57
CA TYR H 171 -8.13 -40.13 -56.24
C TYR H 171 -8.92 -38.82 -56.29
N THR H 172 -9.24 -38.35 -57.49
CA THR H 172 -9.98 -37.10 -57.63
C THR H 172 -11.47 -37.35 -57.74
N THR H 173 -12.24 -36.60 -56.96
CA THR H 173 -13.70 -36.71 -56.95
C THR H 173 -14.32 -35.32 -57.01
N LEU H 174 -13.52 -34.30 -56.74
CA LEU H 174 -14.01 -32.92 -56.75
C LEU H 174 -14.60 -32.56 -58.10
N GLN H 175 -15.79 -31.97 -58.08
CA GLN H 175 -16.45 -31.56 -59.31
C GLN H 175 -16.07 -30.12 -59.64
N GLU H 176 -15.86 -29.85 -60.93
CA GLU H 176 -15.49 -28.52 -61.36
C GLU H 176 -16.65 -27.58 -61.10
N THR H 177 -16.35 -26.30 -60.91
CA THR H 177 -17.40 -25.33 -60.65
C THR H 177 -17.02 -23.96 -61.20
N THR H 178 -18.03 -23.17 -61.54
CA THR H 178 -17.83 -21.83 -62.05
C THR H 178 -18.45 -20.83 -61.08
N ASP H 179 -19.00 -21.34 -59.98
CA ASP H 179 -19.63 -20.50 -58.96
C ASP H 179 -19.58 -21.19 -57.60
N ARG H 180 -18.72 -20.68 -56.71
CA ARG H 180 -18.60 -21.25 -55.38
C ARG H 180 -18.26 -20.14 -54.40
N ILE H 181 -18.34 -20.45 -53.12
CA ILE H 181 -17.99 -19.47 -52.10
C ILE H 181 -16.48 -19.57 -51.89
N LEU H 182 -15.83 -18.43 -51.72
CA LEU H 182 -14.40 -18.39 -51.45
C LEU H 182 -14.25 -17.66 -50.12
N ALA H 183 -13.92 -18.39 -49.07
CA ALA H 183 -13.76 -17.81 -47.73
C ALA H 183 -12.38 -18.14 -47.19
N THR H 184 -11.74 -17.17 -46.54
CA THR H 184 -10.41 -17.40 -45.99
C THR H 184 -10.11 -16.46 -44.83
N ASP H 185 -9.02 -16.73 -44.12
CA ASP H 185 -8.58 -15.89 -43.01
C ASP H 185 -7.30 -15.24 -43.51
N VAL H 186 -7.31 -13.92 -43.67
CA VAL H 186 -6.13 -13.25 -44.18
C VAL H 186 -4.98 -13.16 -43.19
N SER H 187 -3.95 -13.97 -43.42
CA SER H 187 -2.74 -13.96 -42.62
C SER H 187 -1.66 -13.49 -43.58
N ALA H 188 -1.16 -12.28 -43.38
CA ALA H 188 -0.13 -11.74 -44.26
C ALA H 188 0.95 -11.02 -43.48
N ARG H 189 2.18 -11.17 -43.95
CA ARG H 189 3.34 -10.55 -43.34
C ARG H 189 4.26 -10.03 -44.44
N TRP H 190 4.70 -8.80 -44.29
CA TRP H 190 5.57 -8.19 -45.29
C TRP H 190 6.84 -7.63 -44.66
N ARG H 191 7.95 -7.79 -45.35
CA ARG H 191 9.25 -7.33 -44.86
C ARG H 191 9.67 -6.01 -45.49
N TYR H 192 9.97 -5.03 -44.64
CA TYR H 192 10.41 -3.72 -45.10
C TYR H 192 11.90 -3.78 -45.44
N ASN H 193 12.32 -3.05 -46.46
CA ASN H 193 13.73 -3.04 -46.84
C ASN H 193 14.46 -1.84 -46.26
N THR H 194 13.76 -1.11 -45.40
CA THR H 194 14.31 0.06 -44.73
C THR H 194 13.49 0.28 -43.46
N VAL H 195 14.05 0.99 -42.49
CA VAL H 195 13.31 1.25 -41.25
C VAL H 195 12.61 2.60 -41.33
N GLU H 196 12.94 3.39 -42.35
CA GLU H 196 12.31 4.70 -42.48
C GLU H 196 10.99 4.55 -43.24
N VAL H 197 9.98 4.14 -42.50
CA VAL H 197 8.65 3.90 -43.04
C VAL H 197 7.58 4.54 -42.15
N ASP H 198 6.52 5.03 -42.76
CA ASP H 198 5.38 5.61 -42.03
C ASP H 198 4.57 4.35 -41.70
N PHE H 199 5.00 3.64 -40.66
CA PHE H 199 4.37 2.38 -40.25
C PHE H 199 2.86 2.31 -40.19
N ASP H 200 2.20 3.27 -39.54
CA ASP H 200 0.75 3.22 -39.46
C ASP H 200 0.09 3.40 -40.83
N ALA H 201 0.57 4.37 -41.61
CA ALA H 201 0.02 4.63 -42.93
C ALA H 201 0.15 3.44 -43.87
N VAL H 202 1.32 2.80 -43.87
CA VAL H 202 1.55 1.65 -44.73
C VAL H 202 0.69 0.47 -44.30
N TYR H 203 0.55 0.25 -43.00
CA TYR H 203 -0.28 -0.87 -42.53
C TYR H 203 -1.71 -0.66 -43.02
N ALA H 204 -2.22 0.56 -42.93
CA ALA H 204 -3.57 0.86 -43.38
C ALA H 204 -3.70 0.65 -44.88
N SER H 205 -2.68 1.06 -45.63
CA SER H 205 -2.68 0.92 -47.08
C SER H 205 -2.66 -0.55 -47.50
N VAL H 206 -1.73 -1.31 -46.92
CA VAL H 206 -1.61 -2.72 -47.22
C VAL H 206 -2.92 -3.45 -46.94
N ARG H 207 -3.51 -3.17 -45.78
CA ARG H 207 -4.77 -3.79 -45.40
C ARG H 207 -5.81 -3.56 -46.50
N GLY H 208 -5.93 -2.30 -46.92
CA GLY H 208 -6.88 -1.94 -47.95
C GLY H 208 -6.60 -2.57 -49.31
N LEU H 209 -5.32 -2.70 -49.65
CA LEU H 209 -4.94 -3.30 -50.92
C LEU H 209 -5.25 -4.80 -50.95
N LEU H 210 -5.07 -5.47 -49.81
CA LEU H 210 -5.36 -6.91 -49.71
C LEU H 210 -6.86 -7.15 -49.84
N LEU H 211 -7.65 -6.36 -49.12
CA LEU H 211 -9.10 -6.49 -49.16
C LEU H 211 -9.64 -6.23 -50.55
N LYS H 212 -9.15 -5.17 -51.18
CA LYS H 212 -9.56 -4.79 -52.52
C LYS H 212 -9.24 -5.87 -53.55
N ALA H 213 -8.03 -6.43 -53.46
CA ALA H 213 -7.62 -7.47 -54.40
C ALA H 213 -8.44 -8.72 -54.22
N PHE H 214 -8.71 -9.07 -52.97
CA PHE H 214 -9.51 -10.26 -52.68
C PHE H 214 -10.92 -10.10 -53.20
N ALA H 215 -11.51 -8.93 -52.97
CA ALA H 215 -12.88 -8.65 -53.38
C ALA H 215 -13.08 -8.49 -54.88
N GLU H 216 -12.22 -7.70 -55.50
CA GLU H 216 -12.34 -7.41 -56.92
C GLU H 216 -11.76 -8.42 -57.91
N THR H 217 -10.97 -9.37 -57.45
CA THR H 217 -10.39 -10.35 -58.36
C THR H 217 -11.36 -11.49 -58.66
N HIS H 218 -11.66 -11.68 -59.94
CA HIS H 218 -12.53 -12.79 -60.34
C HIS H 218 -11.64 -13.99 -60.14
N SER H 219 -11.88 -14.72 -59.06
CA SER H 219 -11.05 -15.85 -58.71
C SER H 219 -11.24 -17.16 -59.49
N LEU H 220 -10.16 -17.61 -60.11
CA LEU H 220 -10.17 -18.87 -60.86
C LEU H 220 -9.45 -19.89 -59.97
N ALA H 221 -8.90 -19.40 -58.86
CA ALA H 221 -8.18 -20.21 -57.89
C ALA H 221 -7.73 -19.34 -56.71
N LEU H 222 -7.59 -19.91 -55.53
CA LEU H 222 -7.15 -19.16 -54.37
C LEU H 222 -5.74 -18.65 -54.64
N GLN H 223 -4.93 -19.49 -55.29
CA GLN H 223 -3.55 -19.13 -55.63
C GLN H 223 -3.52 -17.84 -56.44
N GLN H 224 -4.48 -17.70 -57.36
CA GLN H 224 -4.56 -16.52 -58.22
C GLN H 224 -4.95 -15.29 -57.41
N THR H 225 -5.96 -15.42 -56.57
CA THR H 225 -6.41 -14.32 -55.74
C THR H 225 -5.28 -13.86 -54.83
N MET H 226 -4.55 -14.81 -54.26
CA MET H 226 -3.44 -14.49 -53.38
C MET H 226 -2.33 -13.76 -54.13
N TYR H 227 -2.05 -14.22 -55.35
CA TYR H 227 -1.01 -13.59 -56.16
C TYR H 227 -1.33 -12.12 -56.43
N GLU H 228 -2.58 -11.84 -56.77
CA GLU H 228 -3.00 -10.47 -57.06
C GLU H 228 -2.98 -9.61 -55.81
N MET H 229 -3.29 -10.22 -54.66
CA MET H 229 -3.27 -9.50 -53.40
C MET H 229 -1.83 -9.08 -53.13
N GLY H 230 -0.91 -10.02 -53.28
CA GLY H 230 0.50 -9.71 -53.05
C GLY H 230 1.07 -8.76 -54.07
N ARG H 231 0.63 -8.88 -55.32
CA ARG H 231 1.13 -8.02 -56.38
C ARG H 231 0.76 -6.57 -56.15
N ALA H 232 -0.49 -6.33 -55.73
CA ALA H 232 -0.94 -4.98 -55.48
C ALA H 232 -0.08 -4.29 -54.42
N VAL H 233 0.32 -5.05 -53.40
CA VAL H 233 1.14 -4.51 -52.32
C VAL H 233 2.54 -4.16 -52.79
N ILE H 234 3.19 -5.09 -53.48
CA ILE H 234 4.54 -4.87 -53.97
C ILE H 234 4.60 -3.69 -54.93
N GLU H 235 3.63 -3.60 -55.83
CA GLU H 235 3.59 -2.53 -56.80
C GLU H 235 3.32 -1.18 -56.15
N THR H 236 2.63 -1.18 -55.02
CA THR H 236 2.30 0.08 -54.37
C THR H 236 3.33 0.61 -53.38
N HIS H 237 4.06 -0.28 -52.72
CA HIS H 237 5.03 0.17 -51.71
C HIS H 237 6.49 -0.22 -51.95
N PRO H 238 7.31 0.76 -52.41
CA PRO H 238 8.73 0.55 -52.67
C PRO H 238 9.52 0.08 -51.44
N GLU H 239 9.01 0.40 -50.25
CA GLU H 239 9.69 -0.01 -49.02
C GLU H 239 9.44 -1.46 -48.63
N ILE H 240 8.64 -2.17 -49.42
CA ILE H 240 8.35 -3.58 -49.15
C ILE H 240 9.05 -4.46 -50.17
N ASP H 241 9.87 -5.38 -49.69
CA ASP H 241 10.62 -6.27 -50.57
C ASP H 241 9.86 -7.56 -50.87
N GLU H 242 9.05 -7.99 -49.91
CA GLU H 242 8.28 -9.22 -50.08
C GLU H 242 7.11 -9.32 -49.13
N ILE H 243 6.10 -10.07 -49.53
CA ILE H 243 4.93 -10.27 -48.69
C ILE H 243 4.57 -11.75 -48.75
N LYS H 244 4.42 -12.35 -47.58
CA LYS H 244 4.06 -13.75 -47.46
C LYS H 244 2.65 -13.87 -46.96
N MET H 245 1.91 -14.80 -47.52
CA MET H 245 0.52 -15.01 -47.11
C MET H 245 0.25 -16.48 -46.90
N SER H 246 -0.62 -16.74 -45.94
CA SER H 246 -1.03 -18.10 -45.61
C SER H 246 -2.55 -17.99 -45.56
N LEU H 247 -3.19 -18.48 -46.62
CA LEU H 247 -4.64 -18.38 -46.71
C LEU H 247 -5.36 -19.72 -46.73
N PRO H 248 -6.17 -20.00 -45.70
CA PRO H 248 -6.89 -21.27 -45.69
C PRO H 248 -8.12 -21.14 -46.58
N ASN H 249 -8.49 -22.24 -47.23
CA ASN H 249 -9.69 -22.20 -48.06
C ASN H 249 -10.74 -22.82 -47.13
N LYS H 250 -11.49 -21.97 -46.45
CA LYS H 250 -12.51 -22.42 -45.50
C LYS H 250 -13.75 -22.86 -46.25
N HIS H 251 -13.82 -24.15 -46.48
CA HIS H 251 -14.90 -24.78 -47.23
C HIS H 251 -16.32 -24.55 -46.75
N HIS H 252 -17.14 -24.02 -47.67
CA HIS H 252 -18.54 -23.80 -47.41
C HIS H 252 -19.22 -24.71 -48.43
N PHE H 253 -19.59 -25.91 -47.99
CA PHE H 253 -20.20 -26.90 -48.85
C PHE H 253 -21.67 -26.63 -49.15
N LEU H 254 -22.01 -26.64 -50.43
CA LEU H 254 -23.39 -26.43 -50.84
C LEU H 254 -24.12 -27.69 -50.44
N VAL H 255 -25.05 -27.57 -49.50
CA VAL H 255 -25.77 -28.74 -49.00
C VAL H 255 -26.70 -29.36 -50.03
N ASP H 256 -26.71 -30.69 -50.08
CA ASP H 256 -27.60 -31.38 -51.02
C ASP H 256 -28.97 -31.43 -50.37
N LEU H 257 -29.91 -30.69 -50.93
CA LEU H 257 -31.26 -30.64 -50.39
C LEU H 257 -32.25 -31.48 -51.20
N GLN H 258 -31.78 -32.08 -52.29
CA GLN H 258 -32.66 -32.85 -53.15
C GLN H 258 -33.33 -34.02 -52.40
N PRO H 259 -32.62 -34.65 -51.44
CA PRO H 259 -33.26 -35.74 -50.71
C PRO H 259 -34.52 -35.27 -49.97
N PHE H 260 -34.63 -33.96 -49.75
CA PHE H 260 -35.77 -33.38 -49.07
C PHE H 260 -36.72 -32.74 -50.08
N GLY H 261 -36.48 -32.98 -51.36
CA GLY H 261 -37.34 -32.44 -52.41
C GLY H 261 -37.12 -30.97 -52.74
N GLN H 262 -35.95 -30.44 -52.41
CA GLN H 262 -35.63 -29.05 -52.66
C GLN H 262 -34.39 -28.86 -53.50
N ASP H 263 -34.31 -27.73 -54.20
CA ASP H 263 -33.11 -27.43 -54.97
C ASP H 263 -32.31 -26.49 -54.06
N ASN H 264 -31.08 -26.19 -54.44
CA ASN H 264 -30.24 -25.30 -53.63
C ASN H 264 -29.41 -24.45 -54.59
N PRO H 265 -29.99 -23.35 -55.09
CA PRO H 265 -29.32 -22.44 -56.02
C PRO H 265 -28.25 -21.57 -55.36
N ASN H 266 -27.22 -22.21 -54.81
CA ASN H 266 -26.11 -21.54 -54.17
C ASN H 266 -26.56 -20.68 -53.00
N GLU H 267 -27.44 -21.21 -52.14
CA GLU H 267 -27.92 -20.44 -51.01
C GLU H 267 -27.63 -21.03 -49.63
N VAL H 268 -27.76 -22.34 -49.50
CA VAL H 268 -27.55 -23.00 -48.21
C VAL H 268 -26.21 -23.73 -48.13
N PHE H 269 -25.37 -23.29 -47.21
CA PHE H 269 -24.04 -23.87 -47.04
C PHE H 269 -23.72 -24.37 -45.65
N TYR H 270 -22.88 -25.40 -45.61
CA TYR H 270 -22.38 -25.99 -44.37
C TYR H 270 -20.94 -25.49 -44.30
N ALA H 271 -20.59 -24.80 -43.22
CA ALA H 271 -19.24 -24.27 -43.06
C ALA H 271 -18.43 -25.25 -42.21
N ALA H 272 -17.65 -26.09 -42.89
CA ALA H 272 -16.83 -27.09 -42.22
C ALA H 272 -15.64 -26.49 -41.48
N ASP H 273 -15.28 -27.08 -40.35
CA ASP H 273 -14.14 -26.59 -39.56
C ASP H 273 -12.84 -27.13 -40.14
N ARG H 274 -12.77 -28.45 -40.27
CA ARG H 274 -11.60 -29.13 -40.80
C ARG H 274 -12.06 -30.33 -41.63
N PRO H 275 -11.27 -30.75 -42.62
CA PRO H 275 -9.99 -30.14 -43.02
C PRO H 275 -10.24 -28.87 -43.82
N TYR H 276 -9.17 -28.19 -44.19
CA TYR H 276 -9.27 -26.97 -45.00
C TYR H 276 -8.07 -26.88 -45.92
N GLY H 277 -8.29 -26.28 -47.09
CA GLY H 277 -7.17 -26.11 -48.00
C GLY H 277 -6.30 -25.05 -47.35
N LEU H 278 -5.00 -25.12 -47.60
CA LEU H 278 -4.07 -24.14 -47.06
C LEU H 278 -3.12 -23.77 -48.20
N ILE H 279 -3.32 -22.57 -48.75
CA ILE H 279 -2.52 -22.06 -49.84
C ILE H 279 -1.59 -20.98 -49.31
N GLU H 280 -0.29 -21.15 -49.54
CA GLU H 280 0.70 -20.20 -49.06
C GLU H 280 1.67 -19.84 -50.16
N ALA H 281 2.12 -18.60 -50.15
CA ALA H 281 3.08 -18.15 -51.16
C ALA H 281 3.74 -16.82 -50.80
N THR H 282 4.88 -16.59 -51.42
CA THR H 282 5.64 -15.37 -51.21
C THR H 282 5.63 -14.63 -52.54
N ILE H 283 5.23 -13.37 -52.48
CA ILE H 283 5.20 -12.52 -53.65
C ILE H 283 6.31 -11.52 -53.36
N GLN H 284 7.32 -11.46 -54.22
CA GLN H 284 8.42 -10.54 -53.97
C GLN H 284 8.88 -9.68 -55.12
N ARG H 285 9.65 -8.66 -54.76
CA ARG H 285 10.22 -7.73 -55.71
C ARG H 285 11.31 -8.54 -56.40
N GLU H 286 11.33 -8.56 -57.72
CA GLU H 286 12.34 -9.35 -58.43
C GLU H 286 13.74 -8.95 -58.04
N GLY H 287 14.58 -9.95 -57.76
CA GLY H 287 15.95 -9.71 -57.38
C GLY H 287 16.20 -9.58 -55.89
N SER H 288 15.14 -9.46 -55.10
CA SER H 288 15.27 -9.32 -53.66
C SER H 288 15.68 -10.62 -52.98
N ARG H 289 16.23 -10.49 -51.79
CA ARG H 289 16.68 -11.63 -50.99
C ARG H 289 15.52 -12.59 -50.77
N ALA H 290 15.77 -13.90 -50.92
CA ALA H 290 14.72 -14.89 -50.75
C ALA H 290 14.79 -15.68 -49.45
N ASP H 291 15.87 -15.50 -48.69
CA ASP H 291 16.00 -16.26 -47.44
C ASP H 291 16.41 -15.40 -46.26
N HIS H 292 15.79 -14.24 -46.08
CA HIS H 292 16.16 -13.40 -44.95
C HIS H 292 15.94 -14.20 -43.66
N PRO H 293 16.91 -14.17 -42.75
CA PRO H 293 16.83 -14.90 -41.47
C PRO H 293 15.62 -14.60 -40.60
N ILE H 294 15.06 -13.40 -40.74
CA ILE H 294 13.90 -13.01 -39.93
C ILE H 294 12.71 -13.95 -40.10
N TRP H 295 12.61 -14.62 -41.24
CA TRP H 295 11.50 -15.55 -41.47
C TRP H 295 11.72 -16.88 -40.76
N SER H 296 12.91 -17.06 -40.21
CA SER H 296 13.22 -18.29 -39.50
C SER H 296 12.67 -18.27 -38.09
N ASN H 297 12.67 -17.08 -37.48
CA ASN H 297 12.16 -16.88 -36.13
C ASN H 297 12.97 -17.66 -35.10
#